data_7U8B
# 
_entry.id   7U8B 
# 
_audit_conform.dict_name       mmcif_pdbx.dic 
_audit_conform.dict_version    5.380 
_audit_conform.dict_location   http://mmcif.pdb.org/dictionaries/ascii/mmcif_pdbx.dic 
# 
loop_
_database_2.database_id 
_database_2.database_code 
_database_2.pdbx_database_accession 
_database_2.pdbx_DOI 
PDB   7U8B         pdb_00007u8b 10.2210/pdb7u8b/pdb 
WWPDB D_1000263612 ?            ?                   
# 
_pdbx_database_status.status_code                     REL 
_pdbx_database_status.status_code_sf                  REL 
_pdbx_database_status.status_code_mr                  ? 
_pdbx_database_status.entry_id                        7U8B 
_pdbx_database_status.recvd_initial_deposition_date   2022-03-08 
_pdbx_database_status.SG_entry                        N 
_pdbx_database_status.deposit_site                    RCSB 
_pdbx_database_status.process_site                    RCSB 
_pdbx_database_status.status_code_cs                  ? 
_pdbx_database_status.status_code_nmr_data            ? 
_pdbx_database_status.methods_development_category    ? 
_pdbx_database_status.pdb_format_compatible           Y 
# 
loop_
_audit_author.name 
_audit_author.pdbx_ordinal 
_audit_author.identifier_ORCID 
'Fang, Z.'      1 0000-0001-8679-6633 
'Szostak, J.W.' 2 0000-0003-4131-1203 
# 
_citation.abstract                  ? 
_citation.abstract_id_CAS           ? 
_citation.book_id_ISBN              ? 
_citation.book_publisher            ? 
_citation.book_publisher_city       ? 
_citation.book_title                ? 
_citation.coordinate_linkage        ? 
_citation.country                   ? 
_citation.database_id_Medline       ? 
_citation.details                   ? 
_citation.id                        primary 
_citation.journal_abbrev            'To Be Published' 
_citation.journal_id_ASTM           ? 
_citation.journal_id_CSD            0353 
_citation.journal_id_ISSN           ? 
_citation.journal_full              ? 
_citation.journal_issue             ? 
_citation.journal_volume            ? 
_citation.language                  ? 
_citation.page_first                ? 
_citation.page_last                 ? 
_citation.title                     'Understanding the metal ion function in the RNA non-enzymatic extesion with phosphorothioates' 
_citation.year                      ? 
_citation.database_id_CSD           ? 
_citation.pdbx_database_id_DOI      ? 
_citation.pdbx_database_id_PubMed   ? 
_citation.pdbx_database_id_patent   ? 
_citation.unpublished_flag          ? 
# 
loop_
_citation_author.citation_id 
_citation_author.name 
_citation_author.ordinal 
_citation_author.identifier_ORCID 
primary 'Pazienza, L.T.' 1 0000-0002-0264-4892 
primary 'Fang, Z.'       2 0000-0001-8679-6633 
primary 'Szostak, J.W.'  3 0000-0003-4131-1203 
# 
_cell.angle_alpha                  90.000 
_cell.angle_alpha_esd              ? 
_cell.angle_beta                   90.000 
_cell.angle_beta_esd               ? 
_cell.angle_gamma                  120.000 
_cell.angle_gamma_esd              ? 
_cell.entry_id                     7U8B 
_cell.details                      ? 
_cell.formula_units_Z              ? 
_cell.length_a                     43.455 
_cell.length_a_esd                 ? 
_cell.length_b                     43.455 
_cell.length_b_esd                 ? 
_cell.length_c                     81.122 
_cell.length_c_esd                 ? 
_cell.volume                       ? 
_cell.volume_esd                   ? 
_cell.Z_PDB                        12 
_cell.reciprocal_angle_alpha       ? 
_cell.reciprocal_angle_beta        ? 
_cell.reciprocal_angle_gamma       ? 
_cell.reciprocal_angle_alpha_esd   ? 
_cell.reciprocal_angle_beta_esd    ? 
_cell.reciprocal_angle_gamma_esd   ? 
_cell.reciprocal_length_a          ? 
_cell.reciprocal_length_b          ? 
_cell.reciprocal_length_c          ? 
_cell.reciprocal_length_a_esd      ? 
_cell.reciprocal_length_b_esd      ? 
_cell.reciprocal_length_c_esd      ? 
_cell.pdbx_unique_axis             ? 
# 
_symmetry.entry_id                         7U8B 
_symmetry.cell_setting                     ? 
_symmetry.Int_Tables_number                150 
_symmetry.space_group_name_Hall            ? 
_symmetry.space_group_name_H-M             'P 3 2 1' 
_symmetry.pdbx_full_space_group_name_H-M   ? 
# 
loop_
_entity.id 
_entity.type 
_entity.src_method 
_entity.pdbx_description 
_entity.formula_weight 
_entity.pdbx_number_of_molecules 
_entity.pdbx_ec 
_entity.pdbx_mutation 
_entity.pdbx_fragment 
_entity.details 
1 polymer     syn 
;RNA (5'-R(*(TLN)P*(LCC)P*(LCC)P*(LCG)P*AP*CP*UP*UP*AP*AP*GP*UP*CP*GP*(G46))-3')
;
4875.060 2  ? ? ? ? 
2 non-polymer syn "5'-O-[(S)-(2-amino-1H-imidazol-1-yl)(hydroxy)phosphoryl]adenosine"               412.298  1  ? ? ? ? 
3 non-polymer syn 'SULFATE ION'                                                                     96.063   2  ? ? ? ? 
4 water       nat water                                                                             18.015   82 ? ? ? ? 
# 
_entity_poly.entity_id                      1 
_entity_poly.type                           polyribonucleotide 
_entity_poly.nstd_linkage                   no 
_entity_poly.nstd_monomer                   yes 
_entity_poly.pdbx_seq_one_letter_code       '(TLN)(LCC)(LCC)(LCG)ACUUAAGUCG(G46)' 
_entity_poly.pdbx_seq_one_letter_code_can   UNNGACUUAAGUCGG 
_entity_poly.pdbx_strand_id                 A,B 
_entity_poly.pdbx_target_identifier         ? 
# 
loop_
_entity_poly_seq.entity_id 
_entity_poly_seq.num 
_entity_poly_seq.mon_id 
_entity_poly_seq.hetero 
1 1  TLN n 
1 2  LCC n 
1 3  LCC n 
1 4  LCG n 
1 5  A   n 
1 6  C   n 
1 7  U   n 
1 8  U   n 
1 9  A   n 
1 10 A   n 
1 11 G   n 
1 12 U   n 
1 13 C   n 
1 14 G   n 
1 15 G46 n 
# 
_pdbx_entity_src_syn.entity_id              1 
_pdbx_entity_src_syn.pdbx_src_id            1 
_pdbx_entity_src_syn.pdbx_alt_source_flag   sample 
_pdbx_entity_src_syn.pdbx_beg_seq_num       1 
_pdbx_entity_src_syn.pdbx_end_seq_num       15 
_pdbx_entity_src_syn.organism_scientific    'synthetic construct' 
_pdbx_entity_src_syn.organism_common_name   ? 
_pdbx_entity_src_syn.ncbi_taxonomy_id       32630 
_pdbx_entity_src_syn.details                ? 
# 
_struct_ref.id                         1 
_struct_ref.db_name                    PDB 
_struct_ref.db_code                    7U8B 
_struct_ref.pdbx_db_accession          7U8B 
_struct_ref.pdbx_db_isoform            ? 
_struct_ref.entity_id                  1 
_struct_ref.pdbx_seq_one_letter_code   ? 
_struct_ref.pdbx_align_begin           1 
# 
loop_
_struct_ref_seq.align_id 
_struct_ref_seq.ref_id 
_struct_ref_seq.pdbx_PDB_id_code 
_struct_ref_seq.pdbx_strand_id 
_struct_ref_seq.seq_align_beg 
_struct_ref_seq.pdbx_seq_align_beg_ins_code 
_struct_ref_seq.seq_align_end 
_struct_ref_seq.pdbx_seq_align_end_ins_code 
_struct_ref_seq.pdbx_db_accession 
_struct_ref_seq.db_align_beg 
_struct_ref_seq.pdbx_db_align_beg_ins_code 
_struct_ref_seq.db_align_end 
_struct_ref_seq.pdbx_db_align_end_ins_code 
_struct_ref_seq.pdbx_auth_seq_align_beg 
_struct_ref_seq.pdbx_auth_seq_align_end 
1 1 7U8B A 1 ? 15 ? 7U8B 1 ? 15 ? 1 15 
2 1 7U8B B 1 ? 15 ? 7U8B 1 ? 15 ? 1 15 
# 
loop_
_chem_comp.id 
_chem_comp.type 
_chem_comp.mon_nstd_flag 
_chem_comp.name 
_chem_comp.pdbx_synonyms 
_chem_comp.formula 
_chem_comp.formula_weight 
A   'RNA linking' y "ADENOSINE-5'-MONOPHOSPHATE" ?                             'C10 H14 N5 O7 P'   347.221 
C   'RNA linking' y "CYTIDINE-5'-MONOPHOSPHATE" ?                             'C9 H14 N3 O8 P'    323.197 
G   'RNA linking' y "GUANOSINE-5'-MONOPHOSPHATE" ?                             'C10 H14 N5 O8 P'   363.221 
G46 'RNA linking' n "GUANOSINE-5'-MONOTHIOPHOSPHATE" "5'-O-thiophosphonoguanosine" 'C10 H14 N5 O7 P S' 379.286 
HOH non-polymer   . WATER ?                             'H2 O'              18.015  
LCC 'RNA linking' . 
'[(1R,3R,4R,7S)-7-HYDROXY-3-(5-METHYLCYTOSIN-1-YL)-2,5-DIOXABICYCLO[2.2.1]HEPT-1-YL]METHYL DIHYDROGEN PHOSPHATE' ? 
'C11 H16 N3 O8 P'   349.234 
LCG 'RNA linking' n '[(1R,3R,4R,7S)-7-HYDROXY-3-(GUANIN-9-YL)-2,5-DIOXABICYCLO[2.2.1]HEPT-1-YL]METHYL DIHYDROGEN PHOSPHATE' ? 
'C11 H14 N5 O8 P'   375.231 
LXR non-polymer   . "5'-O-[(S)-(2-amino-1H-imidazol-1-yl)(hydroxy)phosphoryl]adenosine" ?                             
'C13 H17 N8 O6 P'   412.298 
SO4 non-polymer   . 'SULFATE ION' ?                             'O4 S -2'           96.063  
TLN 'RNA linking' n '[(1R,3R,4R,7S)-7-HYDROXY-3-(THYMIN-1-YL)-2,5-DIOXABICYCLO[2.2.1]HEPT-1-YL]METHYL DIHYDROGEN PHOSPHATE' ? 
'C11 H15 N2 O9 P'   350.219 
U   'RNA linking' y "URIDINE-5'-MONOPHOSPHATE" ?                             'C9 H13 N2 O9 P'    324.181 
# 
_exptl.absorpt_coefficient_mu     ? 
_exptl.absorpt_correction_T_max   ? 
_exptl.absorpt_correction_T_min   ? 
_exptl.absorpt_correction_type    ? 
_exptl.absorpt_process_details    ? 
_exptl.entry_id                   7U8B 
_exptl.crystals_number            1 
_exptl.details                    ? 
_exptl.method                     'X-RAY DIFFRACTION' 
_exptl.method_details             ? 
# 
_exptl_crystal.colour                      ? 
_exptl_crystal.density_diffrn              ? 
_exptl_crystal.density_Matthews            2.27 
_exptl_crystal.density_method              ? 
_exptl_crystal.density_percent_sol         45.76 
_exptl_crystal.description                 ? 
_exptl_crystal.F_000                       ? 
_exptl_crystal.id                          1 
_exptl_crystal.preparation                 ? 
_exptl_crystal.size_max                    ? 
_exptl_crystal.size_mid                    ? 
_exptl_crystal.size_min                    ? 
_exptl_crystal.size_rad                    ? 
_exptl_crystal.colour_lustre               ? 
_exptl_crystal.colour_modifier             ? 
_exptl_crystal.colour_primary              ? 
_exptl_crystal.density_meas                ? 
_exptl_crystal.density_meas_esd            ? 
_exptl_crystal.density_meas_gt             ? 
_exptl_crystal.density_meas_lt             ? 
_exptl_crystal.density_meas_temp           ? 
_exptl_crystal.density_meas_temp_esd       ? 
_exptl_crystal.density_meas_temp_gt        ? 
_exptl_crystal.density_meas_temp_lt        ? 
_exptl_crystal.pdbx_crystal_image_url      ? 
_exptl_crystal.pdbx_crystal_image_format   ? 
_exptl_crystal.pdbx_mosaicity              ? 
_exptl_crystal.pdbx_mosaicity_esd          ? 
# 
_exptl_crystal_grow.apparatus       ? 
_exptl_crystal_grow.atmosphere      ? 
_exptl_crystal_grow.crystal_id      1 
_exptl_crystal_grow.details         ? 
_exptl_crystal_grow.method          'VAPOR DIFFUSION, SITTING DROP' 
_exptl_crystal_grow.method_ref      ? 
_exptl_crystal_grow.pH              7.0 
_exptl_crystal_grow.pressure        ? 
_exptl_crystal_grow.pressure_esd    ? 
_exptl_crystal_grow.seeding         ? 
_exptl_crystal_grow.seeding_ref     ? 
_exptl_crystal_grow.temp            293.15 
_exptl_crystal_grow.temp_details    ? 
_exptl_crystal_grow.temp_esd        ? 
_exptl_crystal_grow.time            ? 
_exptl_crystal_grow.pdbx_details    '1.7 M Lithium sulfate, 50 mM HEPES pH 7.0, 50 mM Magnesium sulfate' 
_exptl_crystal_grow.pdbx_pH_range   ? 
# 
_diffrn.ambient_environment              ? 
_diffrn.ambient_temp                     99 
_diffrn.ambient_temp_details             ? 
_diffrn.ambient_temp_esd                 ? 
_diffrn.crystal_id                       1 
_diffrn.crystal_support                  ? 
_diffrn.crystal_treatment                ? 
_diffrn.details                          ? 
_diffrn.id                               1 
_diffrn.ambient_pressure                 ? 
_diffrn.ambient_pressure_esd             ? 
_diffrn.ambient_pressure_gt              ? 
_diffrn.ambient_pressure_lt              ? 
_diffrn.ambient_temp_gt                  ? 
_diffrn.ambient_temp_lt                  ? 
_diffrn.pdbx_serial_crystal_experiment   N 
# 
_diffrn_detector.details                      ? 
_diffrn_detector.detector                     PIXEL 
_diffrn_detector.diffrn_id                    1 
_diffrn_detector.type                         'DECTRIS PILATUS3 6M' 
_diffrn_detector.area_resol_mean              ? 
_diffrn_detector.dtime                        ? 
_diffrn_detector.pdbx_frames_total            ? 
_diffrn_detector.pdbx_collection_time_total   ? 
_diffrn_detector.pdbx_collection_date         2022-02-24 
_diffrn_detector.pdbx_frequency               ? 
# 
_diffrn_radiation.collimation                      ? 
_diffrn_radiation.diffrn_id                        1 
_diffrn_radiation.filter_edge                      ? 
_diffrn_radiation.inhomogeneity                    ? 
_diffrn_radiation.monochromator                    ? 
_diffrn_radiation.polarisn_norm                    ? 
_diffrn_radiation.polarisn_ratio                   ? 
_diffrn_radiation.probe                            ? 
_diffrn_radiation.type                             ? 
_diffrn_radiation.xray_symbol                      ? 
_diffrn_radiation.wavelength_id                    1 
_diffrn_radiation.pdbx_monochromatic_or_laue_m_l   M 
_diffrn_radiation.pdbx_wavelength_list             ? 
_diffrn_radiation.pdbx_wavelength                  ? 
_diffrn_radiation.pdbx_diffrn_protocol             'SINGLE WAVELENGTH' 
_diffrn_radiation.pdbx_analyzer                    ? 
_diffrn_radiation.pdbx_scattering_type             x-ray 
# 
_diffrn_radiation_wavelength.id           1 
_diffrn_radiation_wavelength.wavelength   1.033167 
_diffrn_radiation_wavelength.wt           1.0 
# 
_diffrn_source.current                     ? 
_diffrn_source.details                     ? 
_diffrn_source.diffrn_id                   1 
_diffrn_source.power                       ? 
_diffrn_source.size                        ? 
_diffrn_source.source                      SYNCHROTRON 
_diffrn_source.target                      ? 
_diffrn_source.type                        'APS BEAMLINE 23-ID-B' 
_diffrn_source.voltage                     ? 
_diffrn_source.take-off_angle              ? 
_diffrn_source.pdbx_wavelength_list        1.033167 
_diffrn_source.pdbx_wavelength             ? 
_diffrn_source.pdbx_synchrotron_beamline   23-ID-B 
_diffrn_source.pdbx_synchrotron_site       APS 
# 
_reflns.B_iso_Wilson_estimate                          ? 
_reflns.entry_id                                       7U8B 
_reflns.data_reduction_details                         ? 
_reflns.data_reduction_method                          ? 
_reflns.d_resolution_high                              1.73 
_reflns.d_resolution_low                               50 
_reflns.details                                        ? 
_reflns.limit_h_max                                    ? 
_reflns.limit_h_min                                    ? 
_reflns.limit_k_max                                    ? 
_reflns.limit_k_min                                    ? 
_reflns.limit_l_max                                    ? 
_reflns.limit_l_min                                    ? 
_reflns.number_all                                     ? 
_reflns.number_obs                                     9404 
_reflns.observed_criterion                             ? 
_reflns.observed_criterion_F_max                       ? 
_reflns.observed_criterion_F_min                       ? 
_reflns.observed_criterion_I_max                       ? 
_reflns.observed_criterion_I_min                       ? 
_reflns.observed_criterion_sigma_F                     ? 
_reflns.observed_criterion_sigma_I                     ? 
_reflns.percent_possible_obs                           96.3 
_reflns.R_free_details                                 ? 
_reflns.Rmerge_F_all                                   ? 
_reflns.Rmerge_F_obs                                   ? 
_reflns.Friedel_coverage                               ? 
_reflns.number_gt                                      ? 
_reflns.threshold_expression                           ? 
_reflns.pdbx_redundancy                                5.0 
_reflns.pdbx_Rmerge_I_obs                              0.093 
_reflns.pdbx_Rmerge_I_all                              ? 
_reflns.pdbx_Rsym_value                                ? 
_reflns.pdbx_netI_over_av_sigmaI                       ? 
_reflns.pdbx_netI_over_sigmaI                          13.8 
_reflns.pdbx_res_netI_over_av_sigmaI_2                 ? 
_reflns.pdbx_res_netI_over_sigmaI_2                    ? 
_reflns.pdbx_chi_squared                               0.870 
_reflns.pdbx_scaling_rejects                           ? 
_reflns.pdbx_d_res_high_opt                            ? 
_reflns.pdbx_d_res_low_opt                             ? 
_reflns.pdbx_d_res_opt_method                          ? 
_reflns.phase_calculation_details                      ? 
_reflns.pdbx_Rrim_I_all                                0.103 
_reflns.pdbx_Rpim_I_all                                0.043 
_reflns.pdbx_d_opt                                     ? 
_reflns.pdbx_number_measured_all                       ? 
_reflns.pdbx_diffrn_id                                 1 
_reflns.pdbx_ordinal                                   1 
_reflns.pdbx_CC_half                                   0.998 
_reflns.pdbx_CC_star                                   1.000 
_reflns.pdbx_R_split                                   ? 
_reflns.pdbx_aniso_diffraction_limit_axis_1_ortho[1]   ? 
_reflns.pdbx_aniso_diffraction_limit_axis_1_ortho[2]   ? 
_reflns.pdbx_aniso_diffraction_limit_axis_1_ortho[3]   ? 
_reflns.pdbx_aniso_diffraction_limit_axis_2_ortho[1]   ? 
_reflns.pdbx_aniso_diffraction_limit_axis_2_ortho[2]   ? 
_reflns.pdbx_aniso_diffraction_limit_axis_2_ortho[3]   ? 
_reflns.pdbx_aniso_diffraction_limit_axis_3_ortho[1]   ? 
_reflns.pdbx_aniso_diffraction_limit_axis_3_ortho[2]   ? 
_reflns.pdbx_aniso_diffraction_limit_axis_3_ortho[3]   ? 
_reflns.pdbx_aniso_diffraction_limit_1                 ? 
_reflns.pdbx_aniso_diffraction_limit_2                 ? 
_reflns.pdbx_aniso_diffraction_limit_3                 ? 
_reflns.pdbx_aniso_B_tensor_eigenvector_1_ortho[1]     ? 
_reflns.pdbx_aniso_B_tensor_eigenvector_1_ortho[2]     ? 
_reflns.pdbx_aniso_B_tensor_eigenvector_1_ortho[3]     ? 
_reflns.pdbx_aniso_B_tensor_eigenvector_2_ortho[1]     ? 
_reflns.pdbx_aniso_B_tensor_eigenvector_2_ortho[2]     ? 
_reflns.pdbx_aniso_B_tensor_eigenvector_2_ortho[3]     ? 
_reflns.pdbx_aniso_B_tensor_eigenvector_3_ortho[1]     ? 
_reflns.pdbx_aniso_B_tensor_eigenvector_3_ortho[2]     ? 
_reflns.pdbx_aniso_B_tensor_eigenvector_3_ortho[3]     ? 
_reflns.pdbx_aniso_B_tensor_eigenvalue_1               ? 
_reflns.pdbx_aniso_B_tensor_eigenvalue_2               ? 
_reflns.pdbx_aniso_B_tensor_eigenvalue_3               ? 
_reflns.pdbx_orthogonalization_convention              ? 
_reflns.pdbx_percent_possible_ellipsoidal              ? 
_reflns.pdbx_percent_possible_spherical                ? 
_reflns.pdbx_percent_possible_ellipsoidal_anomalous    ? 
_reflns.pdbx_percent_possible_spherical_anomalous      ? 
_reflns.pdbx_redundancy_anomalous                      ? 
_reflns.pdbx_CC_half_anomalous                         ? 
_reflns.pdbx_absDiff_over_sigma_anomalous              ? 
_reflns.pdbx_percent_possible_anomalous                ? 
_reflns.pdbx_observed_signal_threshold                 ? 
_reflns.pdbx_signal_type                               ? 
_reflns.pdbx_signal_details                            ? 
_reflns.pdbx_signal_software_id                        ? 
# 
_reflns_shell.d_res_high                                    1.73 
_reflns_shell.d_res_low                                     1.76 
_reflns_shell.meanI_over_sigI_all                           ? 
_reflns_shell.meanI_over_sigI_obs                           4.8 
_reflns_shell.number_measured_all                           ? 
_reflns_shell.number_measured_obs                           ? 
_reflns_shell.number_possible                               ? 
_reflns_shell.number_unique_all                             ? 
_reflns_shell.number_unique_obs                             474 
_reflns_shell.percent_possible_all                          98.5 
_reflns_shell.percent_possible_obs                          ? 
_reflns_shell.Rmerge_F_all                                  ? 
_reflns_shell.Rmerge_F_obs                                  ? 
_reflns_shell.Rmerge_I_all                                  ? 
_reflns_shell.Rmerge_I_obs                                  0.499 
_reflns_shell.meanI_over_sigI_gt                            ? 
_reflns_shell.meanI_over_uI_all                             ? 
_reflns_shell.meanI_over_uI_gt                              ? 
_reflns_shell.number_measured_gt                            ? 
_reflns_shell.number_unique_gt                              ? 
_reflns_shell.percent_possible_gt                           ? 
_reflns_shell.Rmerge_F_gt                                   ? 
_reflns_shell.Rmerge_I_gt                                   ? 
_reflns_shell.pdbx_redundancy                               4.8 
_reflns_shell.pdbx_Rsym_value                               ? 
_reflns_shell.pdbx_chi_squared                              1.031 
_reflns_shell.pdbx_netI_over_sigmaI_all                     ? 
_reflns_shell.pdbx_netI_over_sigmaI_obs                     ? 
_reflns_shell.pdbx_Rrim_I_all                               0.554 
_reflns_shell.pdbx_Rpim_I_all                               0.230 
_reflns_shell.pdbx_rejects                                  ? 
_reflns_shell.pdbx_ordinal                                  1 
_reflns_shell.pdbx_diffrn_id                                1 
_reflns_shell.pdbx_CC_half                                  0.878 
_reflns_shell.pdbx_CC_star                                  0.967 
_reflns_shell.pdbx_R_split                                  ? 
_reflns_shell.pdbx_percent_possible_ellipsoidal             ? 
_reflns_shell.pdbx_percent_possible_spherical               ? 
_reflns_shell.pdbx_percent_possible_ellipsoidal_anomalous   ? 
_reflns_shell.pdbx_percent_possible_spherical_anomalous     ? 
_reflns_shell.pdbx_redundancy_anomalous                     ? 
_reflns_shell.pdbx_CC_half_anomalous                        ? 
_reflns_shell.pdbx_absDiff_over_sigma_anomalous             ? 
_reflns_shell.pdbx_percent_possible_anomalous               ? 
# 
_refine.aniso_B[1][1]                            0.006 
_refine.aniso_B[1][2]                            0.003 
_refine.aniso_B[1][3]                            0.000 
_refine.aniso_B[2][2]                            0.006 
_refine.aniso_B[2][3]                            -0.000 
_refine.aniso_B[3][3]                            -0.020 
_refine.B_iso_max                                ? 
_refine.B_iso_mean                               22.646 
_refine.B_iso_min                                ? 
_refine.correlation_coeff_Fo_to_Fc               0.950 
_refine.correlation_coeff_Fo_to_Fc_free          0.937 
_refine.details                                  'Hydrogens have been added in their riding positions' 
_refine.diff_density_max                         ? 
_refine.diff_density_max_esd                     ? 
_refine.diff_density_min                         ? 
_refine.diff_density_min_esd                     ? 
_refine.diff_density_rms                         ? 
_refine.diff_density_rms_esd                     ? 
_refine.entry_id                                 7U8B 
_refine.pdbx_refine_id                           'X-RAY DIFFRACTION' 
_refine.ls_abs_structure_details                 ? 
_refine.ls_abs_structure_Flack                   ? 
_refine.ls_abs_structure_Flack_esd               ? 
_refine.ls_abs_structure_Rogers                  ? 
_refine.ls_abs_structure_Rogers_esd              ? 
_refine.ls_d_res_high                            1.73 
_refine.ls_d_res_low                             34.162 
_refine.ls_extinction_coef                       ? 
_refine.ls_extinction_coef_esd                   ? 
_refine.ls_extinction_expression                 ? 
_refine.ls_extinction_method                     ? 
_refine.ls_goodness_of_fit_all                   ? 
_refine.ls_goodness_of_fit_all_esd               ? 
_refine.ls_goodness_of_fit_obs                   ? 
_refine.ls_goodness_of_fit_obs_esd               ? 
_refine.ls_hydrogen_treatment                    ? 
_refine.ls_matrix_type                           ? 
_refine.ls_number_constraints                    ? 
_refine.ls_number_parameters                     ? 
_refine.ls_number_reflns_all                     ? 
_refine.ls_number_reflns_obs                     9262 
_refine.ls_number_reflns_R_free                  430 
_refine.ls_number_reflns_R_work                  8832 
_refine.ls_number_restraints                     ? 
_refine.ls_percent_reflns_obs                    94.781 
_refine.ls_percent_reflns_R_free                 4.643 
_refine.ls_R_factor_all                          0.197 
_refine.ls_R_factor_obs                          ? 
_refine.ls_R_factor_R_free                       0.2475 
_refine.ls_R_factor_R_free_error                 ? 
_refine.ls_R_factor_R_free_error_details         ? 
_refine.ls_R_factor_R_work                       0.1944 
_refine.ls_R_Fsqd_factor_obs                     ? 
_refine.ls_R_I_factor_obs                        ? 
_refine.ls_redundancy_reflns_all                 ? 
_refine.ls_redundancy_reflns_obs                 ? 
_refine.ls_restrained_S_all                      ? 
_refine.ls_restrained_S_obs                      ? 
_refine.ls_shift_over_esd_max                    ? 
_refine.ls_shift_over_esd_mean                   ? 
_refine.ls_structure_factor_coef                 ? 
_refine.ls_weighting_details                     ? 
_refine.ls_weighting_scheme                      ? 
_refine.ls_wR_factor_all                         ? 
_refine.ls_wR_factor_obs                         ? 
_refine.ls_wR_factor_R_free                      ? 
_refine.ls_wR_factor_R_work                      ? 
_refine.occupancy_max                            ? 
_refine.occupancy_min                            ? 
_refine.solvent_model_details                    'MASK BULK SOLVENT' 
_refine.solvent_model_param_bsol                 ? 
_refine.solvent_model_param_ksol                 ? 
_refine.pdbx_R_complete                          ? 
_refine.ls_R_factor_gt                           ? 
_refine.ls_goodness_of_fit_gt                    ? 
_refine.ls_goodness_of_fit_ref                   ? 
_refine.ls_shift_over_su_max                     ? 
_refine.ls_shift_over_su_max_lt                  ? 
_refine.ls_shift_over_su_mean                    ? 
_refine.ls_shift_over_su_mean_lt                 ? 
_refine.pdbx_ls_sigma_I                          ? 
_refine.pdbx_ls_sigma_F                          ? 
_refine.pdbx_ls_sigma_Fsqd                       ? 
_refine.pdbx_data_cutoff_high_absF               ? 
_refine.pdbx_data_cutoff_high_rms_absF           ? 
_refine.pdbx_data_cutoff_low_absF                ? 
_refine.pdbx_isotropic_thermal_model             ? 
_refine.pdbx_ls_cross_valid_method               THROUGHOUT 
_refine.pdbx_method_to_determine_struct          'MOLECULAR REPLACEMENT' 
_refine.pdbx_starting_model                      6C8O 
_refine.pdbx_stereochemistry_target_values       ? 
_refine.pdbx_R_Free_selection_details            ? 
_refine.pdbx_stereochem_target_val_spec_case     ? 
_refine.pdbx_overall_ESU_R                       0.126 
_refine.pdbx_overall_ESU_R_Free                  0.130 
_refine.pdbx_solvent_vdw_probe_radii             1.200 
_refine.pdbx_solvent_ion_probe_radii             0.800 
_refine.pdbx_solvent_shrinkage_radii             0.800 
_refine.pdbx_real_space_R                        ? 
_refine.pdbx_density_correlation                 ? 
_refine.pdbx_pd_number_of_powder_patterns        ? 
_refine.pdbx_pd_number_of_points                 ? 
_refine.pdbx_pd_meas_number_of_points            ? 
_refine.pdbx_pd_proc_ls_prof_R_factor            ? 
_refine.pdbx_pd_proc_ls_prof_wR_factor           ? 
_refine.pdbx_pd_Marquardt_correlation_coeff      ? 
_refine.pdbx_pd_Fsqrd_R_factor                   ? 
_refine.pdbx_pd_ls_matrix_band_width             ? 
_refine.pdbx_overall_phase_error                 ? 
_refine.pdbx_overall_SU_R_free_Cruickshank_DPI   ? 
_refine.pdbx_overall_SU_R_free_Blow_DPI          ? 
_refine.pdbx_overall_SU_R_Blow_DPI               ? 
_refine.pdbx_TLS_residual_ADP_flag               ? 
_refine.pdbx_diffrn_id                           1 
_refine.overall_SU_B                             2.205 
_refine.overall_SU_ML                            0.074 
_refine.overall_SU_R_Cruickshank_DPI             ? 
_refine.overall_SU_R_free                        ? 
_refine.overall_FOM_free_R_set                   ? 
_refine.overall_FOM_work_R_set                   ? 
_refine.pdbx_average_fsc_overall                 ? 
_refine.pdbx_average_fsc_work                    ? 
_refine.pdbx_average_fsc_free                    ? 
# 
_refine_hist.pdbx_refine_id                   'X-RAY DIFFRACTION' 
_refine_hist.cycle_id                         LAST 
_refine_hist.pdbx_number_atoms_protein        0 
_refine_hist.pdbx_number_atoms_nucleic_acid   424 
_refine_hist.pdbx_number_atoms_ligand         258 
_refine_hist.number_atoms_solvent             82 
_refine_hist.number_atoms_total               764 
_refine_hist.d_res_high                       1.73 
_refine_hist.d_res_low                        34.162 
# 
loop_
_refine_ls_restr.pdbx_refine_id 
_refine_ls_restr.criterion 
_refine_ls_restr.dev_ideal 
_refine_ls_restr.dev_ideal_target 
_refine_ls_restr.number 
_refine_ls_restr.rejects 
_refine_ls_restr.type 
_refine_ls_restr.weight 
_refine_ls_restr.pdbx_restraint_function 
'X-RAY DIFFRACTION' ? 0.023 0.017  763  ? r_bond_refined_d               ? ? 
'X-RAY DIFFRACTION' ? 0.027 0.023  336  ? r_bond_other_d                 ? ? 
'X-RAY DIFFRACTION' ? 2.965 2.242  1161 ? r_angle_refined_deg            ? ? 
'X-RAY DIFFRACTION' ? 3.415 2.425  796  ? r_angle_other_deg              ? ? 
'X-RAY DIFFRACTION' ? 0.379 0.200  149  ? r_chiral_restr                 ? ? 
'X-RAY DIFFRACTION' ? 1.502 0.200  21   ? r_chiral_restr_other           ? ? 
'X-RAY DIFFRACTION' ? 0.019 0.021  388  ? r_gen_planes_refined           ? ? 
'X-RAY DIFFRACTION' ? 0.001 0.022  124  ? r_gen_planes_other             ? ? 
'X-RAY DIFFRACTION' ? 0.134 0.200  74   ? r_nbd_refined                  ? ? 
'X-RAY DIFFRACTION' ? 0.233 0.200  414  ? r_symmetry_nbd_other           ? ? 
'X-RAY DIFFRACTION' ? 0.255 0.200  281  ? r_nbtor_refined                ? ? 
'X-RAY DIFFRACTION' ? 0.251 0.200  184  ? r_symmetry_nbtor_other         ? ? 
'X-RAY DIFFRACTION' ? 0.170 0.200  47   ? r_xyhbond_nbd_refined          ? ? 
'X-RAY DIFFRACTION' ? 0.412 0.200  12   ? r_symmetry_nbd_refined         ? ? 
'X-RAY DIFFRACTION' ? 0.245 0.200  46   ? r_nbd_other                    ? ? 
'X-RAY DIFFRACTION' ? 0.250 0.200  14   ? r_symmetry_xyhbond_nbd_refined ? ? 
'X-RAY DIFFRACTION' ? 2.177 2.290  760  ? r_scbond_it                    ? ? 
'X-RAY DIFFRACTION' ? 2.100 2.255  751  ? r_scbond_other                 ? ? 
'X-RAY DIFFRACTION' ? 3.129 3.430  1160 ? r_scangle_it                   ? ? 
'X-RAY DIFFRACTION' ? 2.995 3.381  1148 ? r_scangle_other                ? ? 
'X-RAY DIFFRACTION' ? 6.360 21.242 1007 ? r_lrange_it                    ? ? 
'X-RAY DIFFRACTION' ? 6.363 21.005 999  ? r_lrange_other                 ? ? 
# 
loop_
_refine_ls_shell.pdbx_refine_id 
_refine_ls_shell.d_res_high 
_refine_ls_shell.d_res_low 
_refine_ls_shell.number_reflns_all 
_refine_ls_shell.number_reflns_obs 
_refine_ls_shell.number_reflns_R_free 
_refine_ls_shell.number_reflns_R_work 
_refine_ls_shell.percent_reflns_obs 
_refine_ls_shell.percent_reflns_R_free 
_refine_ls_shell.R_factor_all 
_refine_ls_shell.R_factor_obs 
_refine_ls_shell.R_factor_R_free 
_refine_ls_shell.R_factor_R_free_error 
_refine_ls_shell.R_factor_R_work 
_refine_ls_shell.redundancy_reflns_all 
_refine_ls_shell.redundancy_reflns_obs 
_refine_ls_shell.wR_factor_all 
_refine_ls_shell.wR_factor_obs 
_refine_ls_shell.wR_factor_R_free 
_refine_ls_shell.wR_factor_R_work 
_refine_ls_shell.pdbx_R_complete 
_refine_ls_shell.pdbx_total_number_of_bins_used 
_refine_ls_shell.pdbx_phase_error 
_refine_ls_shell.pdbx_fsc_work 
_refine_ls_shell.pdbx_fsc_free 
'X-RAY DIFFRACTION' 1.73  1.774  . . 34 586 91.1765 . . . 0.281 . 0.177 . . . . . . . . . . . 
'X-RAY DIFFRACTION' 1.774 1.823  . . 49 617 94.0678 . . . 0.274 . 0.173 . . . . . . . . . . . 
'X-RAY DIFFRACTION' 1.823 1.875  . . 40 608 95.2941 . . . 0.221 . 0.180 . . . . . . . . . . . 
'X-RAY DIFFRACTION' 1.875 1.933  . . 26 575 96.3141 . . . 0.274 . 0.192 . . . . . . . . . . . 
'X-RAY DIFFRACTION' 1.933 1.997  . . 24 595 97.1743 . . . 0.270 . 0.192 . . . . . . . . . . . 
'X-RAY DIFFRACTION' 1.997 2.067  . . 20 582 97.0968 . . . 0.269 . 0.177 . . . . . . . . . . . 
'X-RAY DIFFRACTION' 2.067 2.145  . . 26 548 98.2877 . . . 0.274 . 0.181 . . . . . . . . . . . 
'X-RAY DIFFRACTION' 2.145 2.232  . . 22 543 97.9203 . . . 0.201 . 0.176 . . . . . . . . . . . 
'X-RAY DIFFRACTION' 2.232 2.331  . . 30 493 95.6124 . . . 0.332 . 0.188 . . . . . . . . . . . 
'X-RAY DIFFRACTION' 2.331 2.445  . . 28 489 96.9981 . . . 0.307 . 0.213 . . . . . . . . . . . 
'X-RAY DIFFRACTION' 2.445 2.577  . . 17 465 96.0159 . . . 0.310 . 0.214 . . . . . . . . . . . 
'X-RAY DIFFRACTION' 2.577 2.733  . . 19 429 94.3158 . . . 0.254 . 0.235 . . . . . . . . . . . 
'X-RAY DIFFRACTION' 2.733 2.922  . . 23 404 94.2605 . . . 0.254 . 0.237 . . . . . . . . . . . 
'X-RAY DIFFRACTION' 2.922 3.155  . . 19 373 91.3753 . . . 0.269 . 0.216 . . . . . . . . . . . 
'X-RAY DIFFRACTION' 3.155 3.456  . . 9  341 90.2062 . . . 0.223 . 0.211 . . . . . . . . . . . 
'X-RAY DIFFRACTION' 3.456 3.863  . . 16 312 91.6201 . . . 0.261 . 0.174 . . . . . . . . . . . 
'X-RAY DIFFRACTION' 3.863 4.459  . . 10 293 94.3925 . . . 0.214 . 0.143 . . . . . . . . . . . 
'X-RAY DIFFRACTION' 4.459 5.457  . . 9  253 91.2892 . . . 0.125 . .     . . . . . . . . . . . 
'X-RAY DIFFRACTION' 5.457 7.700  . . 3  204 92.8251 . . . 0.164 . .     . . . . . . . . . . . 
'X-RAY DIFFRACTION' 7.700 34.162 . . 6  122 87.6712 . . . 0.157 . 0.298 . . . . . . . . . . . 
# 
_struct.entry_id                     7U8B 
_struct.title                        'Product of 14mer primer with activated asymmetric GA dimer diastereomer 1' 
_struct.pdbx_model_details           ? 
_struct.pdbx_formula_weight          ? 
_struct.pdbx_formula_weight_method   ? 
_struct.pdbx_model_type_details      ? 
_struct.pdbx_CASP_flag               N 
# 
_struct_keywords.entry_id        7U8B 
_struct_keywords.text            'RNA duplex, Phosphorothioate, Non-enzymatic RNA extension, RNA' 
_struct_keywords.pdbx_keywords   RNA 
# 
loop_
_struct_asym.id 
_struct_asym.pdbx_blank_PDB_chainid_flag 
_struct_asym.pdbx_modified 
_struct_asym.entity_id 
_struct_asym.details 
A N N 1 ? 
B N N 1 ? 
C N N 2 ? 
D N N 3 ? 
E N N 3 ? 
F N N 4 ? 
G N N 4 ? 
# 
loop_
_struct_conn.id 
_struct_conn.conn_type_id 
_struct_conn.pdbx_leaving_atom_flag 
_struct_conn.pdbx_PDB_id 
_struct_conn.ptnr1_label_asym_id 
_struct_conn.ptnr1_label_comp_id 
_struct_conn.ptnr1_label_seq_id 
_struct_conn.ptnr1_label_atom_id 
_struct_conn.pdbx_ptnr1_label_alt_id 
_struct_conn.pdbx_ptnr1_PDB_ins_code 
_struct_conn.pdbx_ptnr1_standard_comp_id 
_struct_conn.ptnr1_symmetry 
_struct_conn.ptnr2_label_asym_id 
_struct_conn.ptnr2_label_comp_id 
_struct_conn.ptnr2_label_seq_id 
_struct_conn.ptnr2_label_atom_id 
_struct_conn.pdbx_ptnr2_label_alt_id 
_struct_conn.pdbx_ptnr2_PDB_ins_code 
_struct_conn.ptnr1_auth_asym_id 
_struct_conn.ptnr1_auth_comp_id 
_struct_conn.ptnr1_auth_seq_id 
_struct_conn.ptnr2_auth_asym_id 
_struct_conn.ptnr2_auth_comp_id 
_struct_conn.ptnr2_auth_seq_id 
_struct_conn.ptnr2_symmetry 
_struct_conn.pdbx_ptnr3_label_atom_id 
_struct_conn.pdbx_ptnr3_label_seq_id 
_struct_conn.pdbx_ptnr3_label_comp_id 
_struct_conn.pdbx_ptnr3_label_asym_id 
_struct_conn.pdbx_ptnr3_label_alt_id 
_struct_conn.pdbx_ptnr3_PDB_ins_code 
_struct_conn.details 
_struct_conn.pdbx_dist_value 
_struct_conn.pdbx_value_order 
_struct_conn.pdbx_role 
covale1  covale both ? A TLN 1  "O3'" ? ? ? 1_555 A LCC 2  P  ? ? A TLN 1  A LCC 2  1_555 ? ? ? ? ? ? ?            1.676 ? ? 
covale2  covale both ? A LCC 2  "O3'" ? ? ? 1_555 A LCC 3  P  ? ? A LCC 2  A LCC 3  1_555 ? ? ? ? ? ? ?            1.591 ? ? 
covale3  covale both ? A LCC 3  "O3'" ? ? ? 1_555 A LCG 4  P  ? ? A LCC 3  A LCG 4  1_555 ? ? ? ? ? ? ?            1.581 ? ? 
covale4  covale both ? A LCG 4  "O3'" ? ? ? 1_555 A A   5  P  ? ? A LCG 4  A A   5  1_555 ? ? ? ? ? ? ?            1.557 ? ? 
covale5  covale both ? A G   14 "O3'" ? ? ? 1_555 A G46 15 P  ? ? A G   14 A G46 15 1_555 ? ? ? ? ? ? ?            1.668 ? ? 
covale6  covale both ? B TLN 1  "O3'" ? ? ? 1_555 B LCC 2  P  ? ? B TLN 1  B LCC 2  1_555 ? ? ? ? ? ? ?            1.616 ? ? 
covale7  covale both ? B LCC 2  "O3'" ? ? ? 1_555 B LCC 3  P  ? ? B LCC 2  B LCC 3  1_555 ? ? ? ? ? ? ?            1.600 ? ? 
covale8  covale both ? B LCC 3  "O3'" ? ? ? 1_555 B LCG 4  P  ? ? B LCC 3  B LCG 4  1_555 ? ? ? ? ? ? ?            1.607 ? ? 
covale9  covale both ? B LCG 4  "O3'" ? ? ? 1_555 B A   5  P  ? ? B LCG 4  B A   5  1_555 ? ? ? ? ? ? ?            1.574 ? ? 
covale10 covale both ? B G   14 "O3'" ? ? ? 1_555 B G46 15 P  ? ? B G   14 B G46 15 1_555 ? ? ? ? ? ? ?            1.675 ? ? 
hydrog1  hydrog ?    ? A LCG 4  N1    ? ? ? 1_555 B C   13 N3 ? ? A LCG 4  B C   13 1_555 ? ? ? ? ? ? WATSON-CRICK ?     ? ? 
hydrog2  hydrog ?    ? A LCG 4  N2    ? ? ? 1_555 B C   13 O2 ? ? A LCG 4  B C   13 1_555 ? ? ? ? ? ? WATSON-CRICK ?     ? ? 
hydrog3  hydrog ?    ? A LCG 4  O6    ? ? ? 1_555 B C   13 N4 ? ? A LCG 4  B C   13 1_555 ? ? ? ? ? ? WATSON-CRICK ?     ? ? 
hydrog4  hydrog ?    ? A A   5  N1    ? ? ? 1_555 B U   12 N3 ? ? A A   5  B U   12 1_555 ? ? ? ? ? ? WATSON-CRICK ?     ? ? 
hydrog5  hydrog ?    ? A A   5  N6    ? ? ? 1_555 B U   12 O4 ? ? A A   5  B U   12 1_555 ? ? ? ? ? ? WATSON-CRICK ?     ? ? 
hydrog6  hydrog ?    ? A C   6  N3    ? ? ? 1_555 B G   11 N1 ? ? A C   6  B G   11 1_555 ? ? ? ? ? ? WATSON-CRICK ?     ? ? 
hydrog7  hydrog ?    ? A C   6  N4    ? ? ? 1_555 B G   11 O6 ? ? A C   6  B G   11 1_555 ? ? ? ? ? ? WATSON-CRICK ?     ? ? 
hydrog8  hydrog ?    ? A C   6  O2    ? ? ? 1_555 B G   11 N2 ? ? A C   6  B G   11 1_555 ? ? ? ? ? ? WATSON-CRICK ?     ? ? 
hydrog9  hydrog ?    ? A U   7  N3    ? ? ? 1_555 B A   10 N1 ? ? A U   7  B A   10 1_555 ? ? ? ? ? ? WATSON-CRICK ?     ? ? 
hydrog10 hydrog ?    ? A U   7  O4    ? ? ? 1_555 B A   10 N6 ? ? A U   7  B A   10 1_555 ? ? ? ? ? ? WATSON-CRICK ?     ? ? 
hydrog11 hydrog ?    ? A U   8  N3    ? ? ? 1_555 B A   9  N1 ? ? A U   8  B A   9  1_555 ? ? ? ? ? ? WATSON-CRICK ?     ? ? 
hydrog12 hydrog ?    ? A U   8  O4    ? ? ? 1_555 B A   9  N6 ? ? A U   8  B A   9  1_555 ? ? ? ? ? ? WATSON-CRICK ?     ? ? 
hydrog13 hydrog ?    ? A A   9  N1    ? ? ? 1_555 B U   8  N3 ? ? A A   9  B U   8  1_555 ? ? ? ? ? ? WATSON-CRICK ?     ? ? 
hydrog14 hydrog ?    ? A A   9  N6    ? ? ? 1_555 B U   8  O4 ? ? A A   9  B U   8  1_555 ? ? ? ? ? ? WATSON-CRICK ?     ? ? 
hydrog15 hydrog ?    ? A A   10 N1    ? ? ? 1_555 B U   7  N3 ? ? A A   10 B U   7  1_555 ? ? ? ? ? ? WATSON-CRICK ?     ? ? 
hydrog16 hydrog ?    ? A A   10 N6    ? ? ? 1_555 B U   7  O4 ? ? A A   10 B U   7  1_555 ? ? ? ? ? ? WATSON-CRICK ?     ? ? 
hydrog17 hydrog ?    ? A G   11 N1    ? ? ? 1_555 B C   6  N3 ? ? A G   11 B C   6  1_555 ? ? ? ? ? ? WATSON-CRICK ?     ? ? 
hydrog18 hydrog ?    ? A G   11 N2    ? ? ? 1_555 B C   6  O2 ? ? A G   11 B C   6  1_555 ? ? ? ? ? ? WATSON-CRICK ?     ? ? 
hydrog19 hydrog ?    ? A G   11 O6    ? ? ? 1_555 B C   6  N4 ? ? A G   11 B C   6  1_555 ? ? ? ? ? ? WATSON-CRICK ?     ? ? 
hydrog20 hydrog ?    ? A U   12 N3    ? ? ? 1_555 B A   5  N1 ? ? A U   12 B A   5  1_555 ? ? ? ? ? ? WATSON-CRICK ?     ? ? 
hydrog21 hydrog ?    ? A U   12 O4    ? ? ? 1_555 B A   5  N6 ? ? A U   12 B A   5  1_555 ? ? ? ? ? ? WATSON-CRICK ?     ? ? 
hydrog22 hydrog ?    ? A C   13 N3    ? ? ? 1_555 B LCG 4  N1 ? ? A C   13 B LCG 4  1_555 ? ? ? ? ? ? WATSON-CRICK ?     ? ? 
hydrog23 hydrog ?    ? A C   13 N4    ? ? ? 1_555 B LCG 4  O6 ? ? A C   13 B LCG 4  1_555 ? ? ? ? ? ? WATSON-CRICK ?     ? ? 
hydrog24 hydrog ?    ? A C   13 O2    ? ? ? 1_555 B LCG 4  N2 ? ? A C   13 B LCG 4  1_555 ? ? ? ? ? ? WATSON-CRICK ?     ? ? 
# 
loop_
_struct_conn_type.id 
_struct_conn_type.criteria 
_struct_conn_type.reference 
covale ? ? 
hydrog ? ? 
# 
_atom_sites.entry_id                    7U8B 
_atom_sites.Cartn_transf_matrix[1][1]   ? 
_atom_sites.Cartn_transf_matrix[1][2]   ? 
_atom_sites.Cartn_transf_matrix[1][3]   ? 
_atom_sites.Cartn_transf_matrix[2][1]   ? 
_atom_sites.Cartn_transf_matrix[2][2]   ? 
_atom_sites.Cartn_transf_matrix[2][3]   ? 
_atom_sites.Cartn_transf_matrix[3][1]   ? 
_atom_sites.Cartn_transf_matrix[3][2]   ? 
_atom_sites.Cartn_transf_matrix[3][3]   ? 
_atom_sites.Cartn_transf_vector[1]      ? 
_atom_sites.Cartn_transf_vector[2]      ? 
_atom_sites.Cartn_transf_vector[3]      ? 
_atom_sites.fract_transf_matrix[1][1]   0.00171916 
_atom_sites.fract_transf_matrix[1][2]   -0.02294228 
_atom_sites.fract_transf_matrix[1][3]   -0.01329534 
_atom_sites.fract_transf_matrix[2][1]   -0.02191479 
_atom_sites.fract_transf_matrix[2][2]   -0.01126969 
_atom_sites.fract_transf_matrix[2][3]   -0.00994020 
_atom_sites.fract_transf_matrix[3][1]   0.00157680 
_atom_sites.fract_transf_matrix[3][2]   0.00621825 
_atom_sites.fract_transf_matrix[3][3]   -0.01052625 
_atom_sites.fract_transf_vector[1]      0.367628 
_atom_sites.fract_transf_vector[2]      0.151264 
_atom_sites.fract_transf_vector[3]      0.248735 
_atom_sites.solution_primary            ? 
_atom_sites.solution_secondary          ? 
_atom_sites.solution_hydrogens          ? 
_atom_sites.special_details             ? 
# 
loop_
_atom_type.symbol 
_atom_type.pdbx_scat_Z 
_atom_type.pdbx_N_electrons 
_atom_type.scat_Cromer_Mann_a1 
_atom_type.scat_Cromer_Mann_b1 
_atom_type.scat_Cromer_Mann_a2 
_atom_type.scat_Cromer_Mann_b2 
_atom_type.scat_Cromer_Mann_a3 
_atom_type.scat_Cromer_Mann_b3 
_atom_type.scat_Cromer_Mann_a4 
_atom_type.scat_Cromer_Mann_b4 
_atom_type.scat_Cromer_Mann_c 
C 6  6  2.310  20.844 1.020 10.208 1.589 0.569  0.865 51.651 0.216   
H 1  1  0.493  10.511 0.323 26.126 0.140 3.142  0.041 57.800 0.003   
N 7  7  12.222 0.006  3.135 9.893  2.014 28.997 1.167 0.583  -11.538 
O 8  8  3.049  13.277 2.287 5.701  1.546 0.324  0.867 32.909 0.251   
P 15 15 6.435  1.907  4.179 27.157 1.780 0.526  1.491 68.164 1.115   
S 16 16 6.905  1.468  5.203 22.215 1.438 0.254  1.586 56.172 0.867   
# 
loop_
_atom_site.group_PDB 
_atom_site.id 
_atom_site.type_symbol 
_atom_site.label_atom_id 
_atom_site.label_alt_id 
_atom_site.label_comp_id 
_atom_site.label_asym_id 
_atom_site.label_entity_id 
_atom_site.label_seq_id 
_atom_site.pdbx_PDB_ins_code 
_atom_site.Cartn_x 
_atom_site.Cartn_y 
_atom_site.Cartn_z 
_atom_site.occupancy 
_atom_site.B_iso_or_equiv 
_atom_site.pdbx_formal_charge 
_atom_site.auth_seq_id 
_atom_site.auth_comp_id 
_atom_site.auth_asym_id 
_atom_site.auth_atom_id 
_atom_site.pdbx_PDB_model_num 
_atom_site.calc_flag 
HETATM 1   O "O5'" . TLN A 1 1  ? 10.081  -7.432  18.719  1.000 34.743 0 1   TLN A "O5'" 1 ? 
HETATM 2   C "C5'" . TLN A 1 1  ? 11.236  -8.263  18.579  1.000 31.277 0 1   TLN A "C5'" 1 ? 
HETATM 3   C "C4'" . TLN A 1 1  ? 10.778  -9.554  17.932  1.000 30.530 0 1   TLN A "C4'" 1 ? 
HETATM 4   O "O4'" . TLN A 1 1  ? 9.725   -10.099 18.758  1.000 31.213 0 1   TLN A "O4'" 1 ? 
HETATM 5   C "C1'" . TLN A 1 1  ? 9.082   -11.139 17.854  1.000 31.233 0 1   TLN A "C1'" 1 ? 
HETATM 6   N N1    . TLN A 1 1  ? 7.721   -10.651 17.954  1.000 31.425 0 1   TLN A N1    1 ? 
HETATM 7   C C6    . TLN A 1 1  ? 7.509   -9.358  18.552  1.000 29.511 0 1   TLN A C6    1 ? 
HETATM 8   C C5    . TLN A 1 1  ? 6.226   -8.866  18.744  1.000 30.358 0 1   TLN A C5    1 ? 
HETATM 9   C C5M   . TLN A 1 1  ? 6.039   -7.614  19.325  1.000 31.667 0 1   TLN A C5M   1 ? 
HETATM 10  C C4    . TLN A 1 1  ? 5.187   -9.679  18.331  0.500 30.041 0 1   TLN A C4    1 ? 
HETATM 11  O O4    . TLN A 1 1  ? 4.018   -9.339  18.451  1.000 39.464 0 1   TLN A O4    1 ? 
HETATM 12  N N3    . TLN A 1 1  ? 5.430   -10.923 17.771  0.500 30.008 0 1   TLN A N3    1 ? 
HETATM 13  C C2    . TLN A 1 1  ? 6.723   -11.425 17.577  1.000 32.443 0 1   TLN A C2    1 ? 
HETATM 14  O O2    . TLN A 1 1  ? 6.908   -12.553 17.070  1.000 36.300 0 1   TLN A O2    1 ? 
HETATM 15  C "C3'" . TLN A 1 1  ? 10.068  -9.460  16.561  1.000 28.661 0 1   TLN A "C3'" 1 ? 
HETATM 16  C "C2'" . TLN A 1 1  ? 9.817   -10.971 16.564  1.000 28.675 0 1   TLN A "C2'" 1 ? 
HETATM 17  O "O2'" . TLN A 1 1  ? 11.092  -11.542 16.858  1.000 31.258 0 1   TLN A "O2'" 1 ? 
HETATM 18  O "O3'" . TLN A 1 1  ? 10.942  -9.030  15.462  1.000 29.600 0 1   TLN A "O3'" 1 ? 
HETATM 19  C "C6'" . TLN A 1 1  ? 11.849  -10.487 17.681  1.000 29.266 0 1   TLN A "C6'" 1 ? 
HETATM 20  O "O5'" . LCC A 1 2  ? 9.613   -9.845  13.337  1.000 21.097 0 2   LCC A "O5'" 1 ? 
HETATM 21  C "C5'" . LCC A 1 2  ? 10.369  -11.025 12.979  1.000 19.956 0 2   LCC A "C5'" 1 ? 
HETATM 22  C "C4'" . LCC A 1 2  ? 9.237   -11.981 12.623  1.000 16.979 0 2   LCC A "C4'" 1 ? 
HETATM 23  O "O4'" . LCC A 1 2  ? 8.340   -12.239 13.715  1.000 19.810 0 2   LCC A "O4'" 1 ? 
HETATM 24  C "C1'" . LCC A 1 2  ? 7.143   -12.840 13.147  1.000 17.373 0 2   LCC A "C1'" 1 ? 
HETATM 25  N N1    . LCC A 1 2  ? 5.992   -12.016 13.548  1.000 16.217 0 2   LCC A N1    1 ? 
HETATM 26  C C6    . LCC A 1 2  ? 6.164   -10.733 14.134  1.000 17.581 0 2   LCC A C6    1 ? 
HETATM 27  C C5    . LCC A 1 2  ? 5.056   -10.005 14.486  1.000 17.646 0 2   LCC A C5    1 ? 
HETATM 28  C C5M   . LCC A 1 2  ? 5.187   -8.726  15.040  1.000 20.396 0 2   LCC A C5M   1 ? 
HETATM 29  C C4    . LCC A 1 2  ? 3.791   -10.590 14.307  1.000 18.718 0 2   LCC A C4    1 ? 
HETATM 30  N N4    . LCC A 1 2  ? 2.733   -9.872  14.692  1.000 20.590 0 2   LCC A N4    1 ? 
HETATM 31  N N3    . LCC A 1 2  ? 3.664   -11.841 13.775  1.000 19.675 0 2   LCC A N3    1 ? 
HETATM 32  C C2    . LCC A 1 2  ? 4.757   -12.548 13.414  1.000 16.851 0 2   LCC A C2    1 ? 
HETATM 33  O O2    . LCC A 1 2  ? 4.616   -13.698 12.898  1.000 16.652 0 2   LCC A O2    1 ? 
HETATM 34  C "C3'" . LCC A 1 2  ? 8.266   -11.477 11.560  1.000 17.491 0 2   LCC A "C3'" 1 ? 
HETATM 35  C "C2'" . LCC A 1 2  ? 7.480   -12.806 11.651  1.000 16.900 0 2   LCC A "C2'" 1 ? 
HETATM 36  O "O2'" . LCC A 1 2  ? 8.496   -13.843 11.403  1.000 16.748 0 2   LCC A "O2'" 1 ? 
HETATM 37  O "O3'" . LCC A 1 2  ? 8.839   -11.207 10.189  1.000 18.260 0 2   LCC A "O3'" 1 ? 
HETATM 38  C "C6'" . LCC A 1 2  ? 9.736   -13.343 12.061  1.000 17.234 0 2   LCC A "C6'" 1 ? 
HETATM 39  P P     . LCC A 1 2  ? 10.240  -8.504  14.034  1.000 24.225 0 2   LCC A P     1 ? 
HETATM 40  O O1P   . LCC A 1 2  ? 11.476  -8.310  13.273  1.000 24.800 0 2   LCC A O1P   1 ? 
HETATM 41  O O2P   . LCC A 1 2  ? 9.226   -7.510  14.299  1.000 21.508 0 2   LCC A O2P   1 ? 
HETATM 42  O "O5'" . LCC A 1 3  ? 6.895   -11.143 8.709   1.000 16.121 0 3   LCC A "O5'" 1 ? 
HETATM 43  C "C5'" . LCC A 1 3  ? 7.120   -12.405 8.098   1.000 15.078 0 3   LCC A "C5'" 1 ? 
HETATM 44  C "C4'" . LCC A 1 3  ? 5.695   -12.991 7.921   1.000 14.070 0 3   LCC A "C4'" 1 ? 
HETATM 45  O "O4'" . LCC A 1 3  ? 5.024   -13.121 9.212   1.000 14.835 0 3   LCC A "O4'" 1 ? 
HETATM 46  C "C1'" . LCC A 1 3  ? 3.610   -13.203 8.843   1.000 14.379 0 3   LCC A "C1'" 1 ? 
HETATM 47  N N1    . LCC A 1 3  ? 2.936   -12.094 9.561   1.000 12.761 0 3   LCC A N1    1 ? 
HETATM 48  C C6    . LCC A 1 3  ? 3.637   -11.043 10.060  1.000 12.352 0 3   LCC A C6    1 ? 
HETATM 49  C C5    . LCC A 1 3  ? 2.950   -10.108 10.748  1.000 11.719 0 3   LCC A C5    1 ? 
HETATM 50  C C5M   . LCC A 1 3  ? 3.637   -8.995  11.275  1.000 14.096 0 3   LCC A C5M   1 ? 
HETATM 51  C C4    . LCC A 1 3  ? 1.554   -10.211 10.860  1.000 13.110 0 3   LCC A C4    1 ? 
HETATM 52  N N4    . LCC A 1 3  ? 0.962   -9.282  11.543  1.000 14.332 0 3   LCC A N4    1 ? 
HETATM 53  N N3    . LCC A 1 3  ? 0.912   -11.244 10.324  1.000 12.834 0 3   LCC A N3    1 ? 
HETATM 54  C C2    . LCC A 1 3  ? 1.599   -12.144 9.650   1.000 12.499 0 3   LCC A C2    1 ? 
HETATM 55  O O2    . LCC A 1 3  ? 1.015   -13.136 9.120   1.000 12.473 0 3   LCC A O2    1 ? 
HETATM 56  C "C3'" . LCC A 1 3  ? 4.710   -12.224 7.117   1.000 14.102 0 3   LCC A "C3'" 1 ? 
HETATM 57  C "C2'" . LCC A 1 3  ? 3.640   -13.206 7.353   1.000 13.915 0 3   LCC A "C2'" 1 ? 
HETATM 58  O "O2'" . LCC A 1 3  ? 4.218   -14.454 6.930   1.000 14.379 0 3   LCC A "O2'" 1 ? 
HETATM 59  O "O3'" . LCC A 1 3  ? 5.111   -12.185 5.775   1.000 15.335 0 3   LCC A "O3'" 1 ? 
HETATM 60  C "C6'" . LCC A 1 3  ? 5.673   -14.332 7.224   1.000 14.832 0 3   LCC A "C6'" 1 ? 
HETATM 61  P P     . LCC A 1 3  ? 8.084   -10.249 9.167   1.000 18.560 0 3   LCC A P     1 ? 
HETATM 62  O O1P   . LCC A 1 3  ? 9.167   -10.202 8.198   1.000 19.289 0 3   LCC A O1P   1 ? 
HETATM 63  O O2P   . LCC A 1 3  ? 7.567   -9.099  9.861   1.000 21.060 0 3   LCC A O2P   1 ? 
HETATM 64  P P     . LCG A 1 4  ? 4.730   -11.001 4.797   1.000 15.160 0 4   LCG A P     1 ? 
HETATM 65  O OP1   . LCG A 1 4  ? 5.466   -11.235 3.552   1.000 15.919 0 4   LCG A OP1   1 ? 
HETATM 66  O "O5'" . LCG A 1 4  ? 3.201   -11.198 4.567   1.000 13.743 0 4   LCG A "O5'" 1 ? 
HETATM 67  C "C5'" . LCG A 1 4  ? 2.627   -12.369 3.886   1.000 13.040 0 4   LCG A "C5'" 1 ? 
HETATM 68  C "C3'" . LCG A 1 4  ? 0.452   -11.015 3.612   1.000 13.734 0 4   LCG A "C3'" 1 ? 
HETATM 69  C "C6'" . LCG A 1 4  ? 0.390   -13.393 3.192   1.000 13.512 0 4   LCG A "C6'" 1 ? 
HETATM 70  N N9    . LCG A 1 4  ? -0.529  -10.792 6.377   1.000 12.224 0 4   LCG A N9    1 ? 
HETATM 71  C C8    . LCG A 1 4  ? 0.535   -10.160 6.861   1.000 12.678 0 4   LCG A C8    1 ? 
HETATM 72  C C4    . LCG A 1 4  ? -1.632  -10.265 6.986   1.000 12.567 0 4   LCG A C4    1 ? 
HETATM 73  N N7    . LCG A 1 4  ? 0.174   -9.223  7.710   1.000 12.842 0 4   LCG A N7    1 ? 
HETATM 74  C C5    . LCG A 1 4  ? -1.198  -9.293  7.803   1.000 12.193 0 4   LCG A C5    1 ? 
HETATM 75  C C6    . LCG A 1 4  ? -2.103  -8.589  8.540   1.000 14.516 0 4   LCG A C6    1 ? 
HETATM 76  C "C2'" . LCG A 1 4  ? -0.898  -11.538 3.998   1.000 13.358 0 4   LCG A "C2'" 1 ? 
HETATM 77  O O6    . LCG A 1 4  ? -1.814  -7.684  9.353   1.000 15.393 0 4   LCG A O6    1 ? 
HETATM 78  C "C4'" . LCG A 1 4  ? 1.098   -12.267 3.997   1.000 12.709 0 4   LCG A "C4'" 1 ? 
HETATM 79  C "C1'" . LCG A 1 4  ? -0.623  -11.885 5.447   1.000 13.573 0 4   LCG A "C1'" 1 ? 
HETATM 80  C C2    . LCG A 1 4  ? -3.864  -9.907  7.523   1.000 13.992 0 4   LCG A C2    1 ? 
HETATM 81  N N1    . LCG A 1 4  ? -3.435  -8.890  8.366   1.000 13.792 0 4   LCG A N1    1 ? 
HETATM 82  O "O4'" . LCG A 1 4  ? 0.758   -12.407 5.401   1.000 14.298 0 4   LCG A "O4'" 1 ? 
HETATM 83  O OP2   . LCG A 1 4  ? 4.876   -9.673  5.463   1.000 14.187 0 4   LCG A OP2   1 ? 
HETATM 84  N N2    . LCG A 1 4  ? -5.174  -10.106 7.407   1.000 14.403 0 4   LCG A N2    1 ? 
HETATM 85  N N3    . LCG A 1 4  ? -2.948  -10.587 6.788   1.000 12.671 0 4   LCG A N3    1 ? 
HETATM 86  O "O2'" . LCG A 1 4  ? -1.033  -12.819 3.284   1.000 14.656 0 4   LCG A "O2'" 1 ? 
HETATM 87  O "O3'" . LCG A 1 4  ? 0.617   -10.805 2.174   1.000 13.558 0 4   LCG A "O3'" 1 ? 
ATOM   88  P P     . A   A 1 5  ? 0.574   -9.352  1.617   1.000 16.765 0 5   A   A P     1 ? 
ATOM   89  O OP1   . A   A 1 5  ? 1.067   -9.324  0.187   1.000 16.651 0 5   A   A OP1   1 ? 
ATOM   90  O OP2   . A   A 1 5  ? 1.151   -8.269  2.457   1.000 15.930 0 5   A   A OP2   1 ? 
ATOM   91  O "O5'" . A   A 1 5  ? -1.031  -8.984  1.603   1.000 16.799 0 5   A   A "O5'" 1 ? 
ATOM   92  C "C5'" . A   A 1 5  ? -1.948  -9.853  0.914   1.000 15.600 0 5   A   A "C5'" 1 ? 
ATOM   93  C "C4'" . A   A 1 5  ? -3.358  -9.473  1.312   1.000 13.571 0 5   A   A "C4'" 1 ? 
ATOM   94  O "O4'" . A   A 1 5  ? -3.543  -9.797  2.720   1.000 14.236 0 5   A   A "O4'" 1 ? 
ATOM   95  C "C3'" . A   A 1 5  ? -3.760  -7.988  1.184   1.000 14.213 0 5   A   A "C3'" 1 ? 
ATOM   96  O "O3'" . A   A 1 5  ? -4.119  -7.719  -0.186  1.000 14.577 0 5   A   A "O3'" 1 ? 
ATOM   97  C "C2'" . A   A 1 5  ? -4.943  -8.008  2.158   1.000 12.614 0 5   A   A "C2'" 1 ? 
ATOM   98  O "O2'" . A   A 1 5  ? -5.993  -8.676  1.496   1.000 13.245 0 5   A   A "O2'" 1 ? 
ATOM   99  C "C1'" . A   A 1 5  ? -4.335  -8.786  3.323   1.000 13.548 0 5   A   A "C1'" 1 ? 
ATOM   100 N N9    . A   A 1 5  ? -3.521  -7.964  4.235   1.000 11.979 0 5   A   A N9    1 ? 
ATOM   101 C C8    . A   A 1 5  ? -2.173  -7.760  4.301   1.000 12.973 0 5   A   A C8    1 ? 
ATOM   102 N N7    . A   A 1 5  ? -1.810  -6.959  5.273   1.000 13.540 0 5   A   A N7    1 ? 
ATOM   103 C C5    . A   A 1 5  ? -2.993  -6.588  5.868   1.000 13.228 0 5   A   A C5    1 ? 
ATOM   104 C C6    . A   A 1 5  ? -3.286  -5.730  6.939   1.000 14.634 0 5   A   A C6    1 ? 
ATOM   105 N N6    . A   A 1 5  ? -2.364  -5.099  7.635   1.000 14.430 0 5   A   A N6    1 ? 
ATOM   106 N N1    . A   A 1 5  ? -4.580  -5.562  7.261   1.000 13.600 0 5   A   A N1    1 ? 
ATOM   107 C C2    . A   A 1 5  ? -5.499  -6.214  6.557   1.000 15.618 0 5   A   A C2    1 ? 
ATOM   108 N N3    . A   A 1 5  ? -5.350  -7.031  5.525   1.000 13.546 0 5   A   A N3    1 ? 
ATOM   109 C C4    . A   A 1 5  ? -4.057  -7.150  5.202   1.000 13.397 0 5   A   A C4    1 ? 
ATOM   110 P P     . C   A 1 6  ? -3.912  -6.230  -0.767  1.000 17.528 0 6   C   A P     1 ? 
ATOM   111 O OP1   . C   A 1 6  ? -4.097  -6.382  -2.280  1.000 18.303 0 6   C   A OP1   1 ? 
ATOM   112 O OP2   . C   A 1 6  ? -2.633  -5.553  -0.221  1.000 15.801 0 6   C   A OP2   1 ? 
ATOM   113 O "O5'" . C   A 1 6  ? -5.101  -5.358  -0.105  1.000 16.570 0 6   C   A "O5'" 1 ? 
ATOM   114 C "C5'" . C   A 1 6  ? -6.461  -5.728  -0.285  1.000 16.507 0 6   C   A "C5'" 1 ? 
ATOM   115 C "C4'" . C   A 1 6  ? -7.279  -5.066  0.790   1.000 15.735 0 6   C   A "C4'" 1 ? 
ATOM   116 O "O4'" . C   A 1 6  ? -6.859  -5.530  2.111   1.000 16.158 0 6   C   A "O4'" 1 ? 
ATOM   117 C "C3'" . C   A 1 6  ? -7.163  -3.534  0.876   1.000 16.561 0 6   C   A "C3'" 1 ? 
ATOM   118 O "O3'" . C   A 1 6  ? -8.041  -2.983  -0.103  1.000 18.689 0 6   C   A "O3'" 1 ? 
ATOM   119 C "C2'" . C   A 1 6  ? -7.700  -3.318  2.282   1.000 17.307 0 6   C   A "C2'" 1 ? 
ATOM   120 O "O2'" . C   A 1 6  ? -9.095  -3.532  2.325   1.000 18.860 0 6   C   A "O2'" 1 ? 
ATOM   121 C "C1'" . C   A 1 6  ? -6.983  -4.448  3.017   1.000 14.938 0 6   C   A "C1'" 1 ? 
ATOM   122 N N1    . C   A 1 6  ? -5.629  -4.071  3.503   1.000 14.659 0 6   C   A N1    1 ? 
ATOM   123 C C2    . C   A 1 6  ? -5.552  -3.336  4.692   1.000 13.994 0 6   C   A C2    1 ? 
ATOM   124 O O2    . C   A 1 6  ? -6.607  -2.999  5.232   1.000 15.972 0 6   C   A O2    1 ? 
ATOM   125 N N3    . C   A 1 6  ? -4.345  -2.976  5.179   1.000 13.999 0 6   C   A N3    1 ? 
ATOM   126 C C4    . C   A 1 6  ? -3.240  -3.401  4.546   1.000 13.940 0 6   C   A C4    1 ? 
ATOM   127 N N4    . C   A 1 6  ? -2.068  -3.083  5.039   1.000 14.155 0 6   C   A N4    1 ? 
ATOM   128 C C5    . C   A 1 6  ? -3.294  -4.139  3.337   1.000 14.001 0 6   C   A C5    1 ? 
ATOM   129 C C6    . C   A 1 6  ? -4.502  -4.438  2.841   1.000 13.779 0 6   C   A C6    1 ? 
ATOM   130 P P     . U   A 1 7  ? -7.690  -1.521  -0.668  1.000 21.076 0 7   U   A P     1 ? 
ATOM   131 O OP1   . U   A 1 7  ? -8.683  -1.251  -1.856  1.000 20.774 0 7   U   A OP1   1 ? 
ATOM   132 O OP2   . U   A 1 7  ? -6.253  -1.329  -0.923  1.000 18.277 0 7   U   A OP2   1 ? 
ATOM   133 O "O5'" . U   A 1 7  ? -8.026  -0.572  0.566   1.000 20.370 0 7   U   A "O5'" 1 ? 
ATOM   134 C "C5'" . U   A 1 7  ? -9.372  -0.382  0.966   1.000 21.228 0 7   U   A "C5'" 1 ? 
ATOM   135 C "C4'" . U   A 1 7  ? -9.374  0.500   2.190   1.000 21.068 0 7   U   A "C4'" 1 ? 
ATOM   136 O "O4'" . U   A 1 7  ? -8.646  -0.068  3.315   1.000 20.331 0 7   U   A "O4'" 1 ? 
ATOM   137 C "C3'" . U   A 1 7  ? -8.724  1.866   1.995   1.000 21.434 0 7   U   A "C3'" 1 ? 
ATOM   138 O "O3'" . U   A 1 7  ? -9.696  2.688   1.380   1.000 21.054 0 7   U   A "O3'" 1 ? 
ATOM   139 C "C2'" . U   A 1 7  ? -8.509  2.293   3.438   1.000 19.099 0 7   U   A "C2'" 1 ? 
ATOM   140 O "O2'" . U   A 1 7  ? -9.720  2.661   4.076   1.000 20.521 0 7   U   A "O2'" 1 ? 
ATOM   141 C "C1'" . U   A 1 7  ? -7.987  0.979   4.007   1.000 19.890 0 7   U   A "C1'" 1 ? 
ATOM   142 N N1    . U   A 1 7  ? -6.535  0.778   3.913   1.000 15.238 0 7   U   A N1    1 ? 
ATOM   143 C C2    . U   A 1 7  ? -5.776  1.371   4.914   1.000 15.959 0 7   U   A C2    1 ? 
ATOM   144 O O2    . U   A 1 7  ? -6.251  2.183   5.699   1.000 16.106 0 7   U   A O2    1 ? 
ATOM   145 N N3    . U   A 1 7  ? -4.439  1.101   4.855   1.000 14.271 0 7   U   A N3    1 ? 
ATOM   146 C C4    . U   A 1 7  ? -3.790  0.242   3.997   1.000 14.552 0 7   U   A C4    1 ? 
ATOM   147 O O4    . U   A 1 7  ? -2.601  0.011   4.149   1.000 16.938 0 7   U   A O4    1 ? 
ATOM   148 C C5    . U   A 1 7  ? -4.633  -0.350  3.008   1.000 15.514 0 7   U   A C5    1 ? 
ATOM   149 C C6    . U   A 1 7  ? -5.943  -0.083  3.024   1.000 15.464 0 7   U   A C6    1 ? 
ATOM   150 P P     . U   A 1 8  ? -9.130  3.682   0.266   1.000 20.772 0 8   U   A P     1 ? 
ATOM   151 O OP1   . U   A 1 8  ? -10.416 4.275   -0.361  1.000 24.700 0 8   U   A OP1   1 ? 
ATOM   152 O OP2   . U   A 1 8  ? -8.053  3.139   -0.683  1.000 20.909 0 8   U   A OP2   1 ? 
ATOM   153 O "O5'" . U   A 1 8  ? -8.393  4.889   0.995   1.000 18.515 0 8   U   A "O5'" 1 ? 
ATOM   154 C "C5'" . U   A 1 8  ? -9.177  5.775   1.804   1.000 18.215 0 8   U   A "C5'" 1 ? 
ATOM   155 C "C4'" . U   A 1 8  ? -8.239  6.600   2.649   1.000 18.538 0 8   U   A "C4'" 1 ? 
ATOM   156 O "O4'" . U   A 1 8  ? -7.617  5.783   3.664   1.000 17.716 0 8   U   A "O4'" 1 ? 
ATOM   157 C "C3'" . U   A 1 8  ? -7.051  7.255   1.935   1.000 17.883 0 8   U   A "C3'" 1 ? 
ATOM   158 O "O3'" . U   A 1 8  ? -7.520  8.402   1.230   1.000 17.452 0 8   U   A "O3'" 1 ? 
ATOM   159 C "C2'" . U   A 1 8  ? -6.198  7.590   3.155   1.000 17.432 0 8   U   A "C2'" 1 ? 
ATOM   160 O "O2'" . U   A 1 8  ? -6.808  8.622   3.906   1.000 19.794 0 8   U   A "O2'" 1 ? 
ATOM   161 C "C1'" . U   A 1 8  ? -6.342  6.307   3.969   1.000 17.767 0 8   U   A "C1'" 1 ? 
ATOM   162 N N1    . U   A 1 8  ? -5.305  5.328   3.620   1.000 16.052 0 8   U   A N1    1 ? 
ATOM   163 C C2    . U   A 1 8  ? -4.101  5.508   4.256   1.000 15.804 0 8   U   A C2    1 ? 
ATOM   164 O O2    . U   A 1 8  ? -3.911  6.427   5.063   1.000 17.443 0 8   U   A O2    1 ? 
ATOM   165 N N3    . U   A 1 8  ? -3.151  4.602   3.898   1.000 15.224 0 8   U   A N3    1 ? 
ATOM   166 C C4    . U   A 1 8  ? -3.259  3.553   3.008   1.000 16.580 0 8   U   A C4    1 ? 
ATOM   167 O O4    . U   A 1 8  ? -2.281  2.836   2.784   1.000 17.298 0 8   U   A O4    1 ? 
ATOM   168 C C5    . U   A 1 8  ? -4.531  3.465   2.352   1.000 16.264 0 8   U   A C5    1 ? 
ATOM   169 C C6    . U   A 1 8  ? -5.477  4.363   2.658   1.000 15.658 0 8   U   A C6    1 ? 
ATOM   170 P P     . A   A 1 9  ? -6.726  8.804   -0.091  1.000 19.164 0 9   A   A P     1 ? 
ATOM   171 O OP1   . A   A 1 9  ? -7.496  9.924   -0.822  1.000 20.062 0 9   A   A OP1   1 ? 
ATOM   172 O OP2   . A   A 1 9  ? -6.445  7.562   -0.923  1.000 22.294 0 9   A   A OP2   1 ? 
ATOM   173 O "O5'" . A   A 1 9  ? -5.302  9.393   0.325   1.000 17.936 0 9   A   A "O5'" 1 ? 
ATOM   174 C "C5'" . A   A 1 9  ? -5.315  10.585  1.161   1.000 17.265 0 9   A   A "C5'" 1 ? 
ATOM   175 C "C4'" . A   A 1 9  ? -3.951  10.795  1.773   1.000 16.668 0 9   A   A "C4'" 1 ? 
ATOM   176 O "O4'" . A   A 1 9  ? -3.638  9.669   2.644   1.000 17.534 0 9   A   A "O4'" 1 ? 
ATOM   177 C "C3'" . A   A 1 9  ? -2.753  10.883  0.818   1.000 17.393 0 9   A   A "C3'" 1 ? 
ATOM   178 O "O3'" . A   A 1 9  ? -2.659  12.180  0.242   1.000 17.238 0 9   A   A "O3'" 1 ? 
ATOM   179 C "C2'" . A   A 1 9  ? -1.620  10.559  1.789   1.000 18.667 0 9   A   A "C2'" 1 ? 
ATOM   180 O "O2'" . A   A 1 9  ? -1.377  11.627  2.666   1.000 18.784 0 9   A   A "O2'" 1 ? 
ATOM   181 C "C1'" . A   A 1 9  ? -2.243  9.415   2.571   1.000 16.741 0 9   A   A "C1'" 1 ? 
ATOM   182 N N9    . A   A 1 9  ? -1.974  8.094   2.012   1.000 16.890 0 9   A   A N9    1 ? 
ATOM   183 C C8    . A   A 1 9  ? -2.784  7.248   1.302   1.000 17.961 0 9   A   A C8    1 ? 
ATOM   184 N N7    . A   A 1 9  ? -2.202  6.102   0.982   1.000 17.934 0 9   A   A N7    1 ? 
ATOM   185 C C5    . A   A 1 9  ? -0.946  6.223   1.558   1.000 14.910 0 9   A   A C5    1 ? 
ATOM   186 C C6    . A   A 1 9  ? 0.153   5.345   1.611   1.000 17.157 0 9   A   A C6    1 ? 
ATOM   187 N N6    . A   A 1 9  ? 0.150   4.159   1.051   1.000 18.636 0 9   A   A N6    1 ? 
ATOM   188 N N1    . A   A 1 9  ? 1.264   5.745   2.272   1.000 16.566 0 9   A   A N1    1 ? 
ATOM   189 C C2    . A   A 1 9  ? 1.267   6.960   2.815   1.000 16.057 0 9   A   A C2    1 ? 
ATOM   190 N N3    . A   A 1 9  ? 0.284   7.865   2.870   1.000 16.243 0 9   A   A N3    1 ? 
ATOM   191 C C4    . A   A 1 9  ? -0.799  7.420   2.203   1.000 15.623 0 9   A   A C4    1 ? 
ATOM   192 P P     . A   A 1 10 ? -1.986  12.315  -1.213  1.000 19.351 0 10  A   A P     1 ? 
ATOM   193 O OP1   . A   A 1 10 ? -2.252  13.755  -1.646  1.000 19.328 0 10  A   A OP1   1 ? 
ATOM   194 O OP2   . A   A 1 10 ? -2.394  11.202  -2.120  1.000 19.334 0 10  A   A OP2   1 ? 
ATOM   195 O "O5'" . A   A 1 10 ? -0.420  12.093  -0.948  1.000 16.091 0 10  A   A "O5'" 1 ? 
ATOM   196 C "C5'" . A   A 1 10 ? 0.312   13.133  -0.240  1.000 15.249 0 10  A   A "C5'" 1 ? 
ATOM   197 C "C4'" . A   A 1 10 ? 1.710   12.649  0.051   1.000 15.633 0 10  A   A "C4'" 1 ? 
ATOM   198 O "O4'" . A   A 1 10 ? 1.664   11.430  0.863   1.000 16.552 0 10  A   A "O4'" 1 ? 
ATOM   199 C "C3'" . A   A 1 10 ? 2.542   12.232  -1.160  1.000 16.748 0 10  A   A "C3'" 1 ? 
ATOM   200 O "O3'" . A   A 1 10 ? 3.038   13.369  -1.859  1.000 19.951 0 10  A   A "O3'" 1 ? 
ATOM   201 C "C2'" . A   A 1 10 ? 3.615   11.428  -0.441  1.000 17.632 0 10  A   A "C2'" 1 ? 
ATOM   202 O "O2'" . A   A 1 10 ? 4.482   12.299  0.240   1.000 18.392 0 10  A   A "O2'" 1 ? 
ATOM   203 C "C1'" . A   A 1 10 ? 2.757   10.609  0.520   1.000 16.905 0 10  A   A "C1'" 1 ? 
ATOM   204 N N9    . A   A 1 10 ? 2.236   9.376   -0.064  1.000 16.401 0 10  A   A N9    1 ? 
ATOM   205 C C8    . A   A 1 10 ? 0.977   9.144   -0.568  1.000 16.733 0 10  A   A C8    1 ? 
ATOM   206 N N7    . A   A 1 10 ? 0.805   7.923   -0.985  1.000 17.130 0 10  A   A N7    1 ? 
ATOM   207 C C5    . A   A 1 10 ? 2.033   7.306   -0.729  1.000 17.140 0 10  A   A C5    1 ? 
ATOM   208 C C6    . A   A 1 10 ? 2.494   5.985   -0.922  1.000 17.735 0 10  A   A C6    1 ? 
ATOM   209 N N6    . A   A 1 10 ? 1.777   5.027   -1.486  1.000 19.560 0 10  A   A N6    1 ? 
ATOM   210 N N1    . A   A 1 10 ? 3.770   5.720   -0.563  1.000 17.523 0 10  A   A N1    1 ? 
ATOM   211 C C2    . A   A 1 10 ? 4.505   6.704   -0.038  1.000 16.680 0 10  A   A C2    1 ? 
ATOM   212 N N3    . A   A 1 10 ? 4.175   7.964   0.216   1.000 16.954 0 10  A   A N3    1 ? 
ATOM   213 C C4    . A   A 1 10 ? 2.903   8.186   -0.140  1.000 16.319 0 10  A   A C4    1 ? 
ATOM   214 P P     . G   A 1 11 ? 3.418   13.206  -3.415  1.000 23.765 0 11  G   A P     1 ? 
ATOM   215 O OP1   . G   A 1 11 ? 3.771   14.602  -3.919  1.000 23.101 0 11  G   A OP1   1 ? 
ATOM   216 O OP2   . G   A 1 11 ? 2.353   12.423  -4.158  1.000 23.056 0 11  G   A OP2   1 ? 
ATOM   217 O "O5'" . G   A 1 11 ? 4.729   12.324  -3.475  1.000 20.300 0 11  G   A "O5'" 1 ? 
ATOM   218 C "C5'" . G   A 1 11 ? 5.961   12.795  -2.903  1.000 21.908 0 11  G   A "C5'" 1 ? 
ATOM   219 C "C4'" . G   A 1 11 ? 6.941   11.653  -2.842  1.000 23.340 0 11  G   A "C4'" 1 ? 
ATOM   220 O "O4'" . G   A 1 11 ? 6.393   10.548  -2.073  1.000 23.705 0 11  G   A "O4'" 1 ? 
ATOM   221 C "C3'" . G   A 1 11 ? 7.287   10.988  -4.176  1.000 23.415 0 11  G   A "C3'" 1 ? 
ATOM   222 O "O3'" . G   A 1 11 ? 8.210   11.793  -4.897  1.000 28.382 0 11  G   A "O3'" 1 ? 
ATOM   223 C "C2'" . G   A 1 11 ? 7.882   9.670   -3.670  1.000 22.686 0 11  G   A "C2'" 1 ? 
ATOM   224 O "O2'" . G   A 1 11 ? 9.126   9.792   -3.028  1.000 22.872 0 11  G   A "O2'" 1 ? 
ATOM   225 C "C1'" . G   A 1 11 ? 6.850   9.322   -2.606  1.000 21.208 0 11  G   A "C1'" 1 ? 
ATOM   226 N N9    . G   A 1 11 ? 5.715   8.541   -3.090  1.000 19.205 0 11  G   A N9    1 ? 
ATOM   227 C C8    . G   A 1 11 ? 4.437   8.930   -3.357  1.000 17.361 0 11  G   A C8    1 ? 
ATOM   228 N N7    . G   A 1 11 ? 3.658   7.957   -3.762  1.000 18.129 0 11  G   A N7    1 ? 
ATOM   229 C C5    . G   A 1 11 ? 4.481   6.843   -3.752  1.000 18.396 0 11  G   A C5    1 ? 
ATOM   230 C C6    . G   A 1 11 ? 4.184   5.481   -4.029  1.000 17.540 0 11  G   A C6    1 ? 
ATOM   231 O O6    . G   A 1 11 ? 3.113   4.983   -4.378  1.000 19.084 0 11  G   A O6    1 ? 
ATOM   232 N N1    . G   A 1 11 ? 5.333   4.694   -3.916  1.000 18.542 0 11  G   A N1    1 ? 
ATOM   233 C C2    . G   A 1 11 ? 6.571   5.137   -3.535  1.000 19.409 0 11  G   A C2    1 ? 
ATOM   234 N N2    . G   A 1 11 ? 7.547   4.223   -3.467  1.000 19.867 0 11  G   A N2    1 ? 
ATOM   235 N N3    . G   A 1 11 ? 6.832   6.404   -3.197  1.000 18.917 0 11  G   A N3    1 ? 
ATOM   236 C C4    . G   A 1 11 ? 5.742   7.184   -3.332  1.000 19.035 0 11  G   A C4    1 ? 
ATOM   237 P P     . U   A 1 12 ? 8.138   11.686  -6.502  1.000 27.535 0 12  U   A P     1 ? 
ATOM   238 O OP1   . U   A 1 12 ? 9.003   12.754  -7.161  1.000 35.639 0 12  U   A OP1   1 ? 
ATOM   239 O OP2   . U   A 1 12 ? 6.778   11.620  -7.108  1.000 30.969 0 12  U   A OP2   1 ? 
ATOM   240 O "O5'" . U   A 1 12 ? 8.852   10.253  -6.829  1.000 26.913 0 12  U   A "O5'" 1 ? 
ATOM   241 C "C5'" . U   A 1 12 ? 10.183  9.962   -6.356  1.000 25.229 0 12  U   A "C5'" 1 ? 
ATOM   242 C "C4'" . U   A 1 12 ? 10.519  8.513   -6.639  1.000 27.873 0 12  U   A "C4'" 1 ? 
ATOM   243 O "O4'" . U   A 1 12 ? 9.747   7.625   -5.779  1.000 25.500 0 12  U   A "O4'" 1 ? 
ATOM   244 C "C3'" . U   A 1 12 ? 10.248  7.999   -8.061  1.000 27.187 0 12  U   A "C3'" 1 ? 
ATOM   245 O "O3'" . U   A 1 12 ? 11.306  8.390   -8.939  1.000 28.725 0 12  U   A "O3'" 1 ? 
ATOM   246 C "C2'" . U   A 1 12 ? 10.243  6.488   -7.791  1.000 26.514 0 12  U   A "C2'" 1 ? 
ATOM   247 O "O2'" . U   A 1 12 ? 11.475  5.905   -7.445  1.000 24.506 0 12  U   A "O2'" 1 ? 
ATOM   248 C "C1'" . U   A 1 12 ? 9.455   6.434   -6.485  1.000 24.676 0 12  U   A "C1'" 1 ? 
ATOM   249 N N1    . U   A 1 12 ? 8.002   6.378   -6.707  1.000 22.877 0 12  U   A N1    1 ? 
ATOM   250 C C2    . U   A 1 12 ? 7.467   5.141   -6.978  1.000 22.388 0 12  U   A C2    1 ? 
ATOM   251 O O2    . U   A 1 12 ? 8.158   4.125   -7.059  1.000 23.350 0 12  U   A O2    1 ? 
ATOM   252 N N3    . U   A 1 12 ? 6.105   5.138   -7.120  1.000 21.306 0 12  U   A N3    1 ? 
ATOM   253 C C4    . U   A 1 12 ? 5.253   6.219   -7.090  1.000 20.001 0 12  U   A C4    1 ? 
ATOM   254 O O4    . U   A 1 12 ? 4.044   6.052   -7.243  1.000 19.650 0 12  U   A O4    1 ? 
ATOM   255 C C5    . U   A 1 12 ? 5.892   7.474   -6.816  1.000 20.535 0 12  U   A C5    1 ? 
ATOM   256 C C6    . U   A 1 12 ? 7.219   7.509   -6.685  1.000 22.013 0 12  U   A C6    1 ? 
ATOM   257 P P     . C   A 1 13 ? 10.900  8.591   -10.479 1.000 29.282 0 13  C   A P     1 ? 
ATOM   258 O OP1   . C   A 1 13 ? 12.064  9.196   -11.235 1.000 36.315 0 13  C   A OP1   1 ? 
ATOM   259 O OP2   . C   A 1 13 ? 9.542   9.258   -10.712 1.000 26.994 0 13  C   A OP2   1 ? 
ATOM   260 O "O5'" . C   A 1 13 ? 10.690  7.100   -11.072 1.000 28.104 0 13  C   A "O5'" 1 ? 
ATOM   261 C "C5'" . C   A 1 13 ? 11.709  6.096   -10.899 1.000 27.184 0 13  C   A "C5'" 1 ? 
ATOM   262 C "C4'" . C   A 1 13 ? 11.111  4.750   -11.233 1.000 26.498 0 13  C   A "C4'" 1 ? 
ATOM   263 O "O4'" . C   A 1 13 ? 10.118  4.406   -10.239 1.000 23.204 0 13  C   A "O4'" 1 ? 
ATOM   264 C "C3'" . C   A 1 13 ? 10.317  4.594   -12.534 1.000 25.996 0 13  C   A "C3'" 1 ? 
ATOM   265 O "O3'" . C   A 1 13 ? 11.202  4.432   -13.627 1.000 27.823 0 13  C   A "O3'" 1 ? 
ATOM   266 C "C2'" . C   A 1 13 ? 9.609   3.261   -12.234 1.000 22.934 0 13  C   A "C2'" 1 ? 
ATOM   267 O "O2'" . C   A 1 13 ? 10.516  2.163   -12.191 1.000 22.144 0 13  C   A "O2'" 1 ? 
ATOM   268 C "C1'" . C   A 1 13 ? 9.147   3.541   -10.805 1.000 23.422 0 13  C   A "C1'" 1 ? 
ATOM   269 N N1    . C   A 1 13 ? 7.829   4.224   -10.707 1.000 20.913 0 13  C   A N1    1 ? 
ATOM   270 C C2    . C   A 1 13 ? 6.668   3.440   -10.789 1.000 20.413 0 13  C   A C2    1 ? 
ATOM   271 O O2    . C   A 1 13 ? 6.792   2.219   -10.952 1.000 19.676 0 13  C   A O2    1 ? 
ATOM   272 N N3    . C   A 1 13 ? 5.461   4.048   -10.739 1.000 19.385 0 13  C   A N3    1 ? 
ATOM   273 C C4    . C   A 1 13 ? 5.373   5.373   -10.538 1.000 20.031 0 13  C   A C4    1 ? 
ATOM   274 N N4    . C   A 1 13 ? 4.165   5.895   -10.494 1.000 20.005 0 13  C   A N4    1 ? 
ATOM   275 C C5    . C   A 1 13 ? 6.542   6.196   -10.481 1.000 21.411 0 13  C   A C5    1 ? 
ATOM   276 C C6    . C   A 1 13 ? 7.732   5.579   -10.579 1.000 20.701 0 13  C   A C6    1 ? 
ATOM   277 P P     . G   A 1 14 ? 10.655  4.960   -15.046 1.000 27.796 0 14  G   A P     1 ? 
ATOM   278 O OP1   . G   A 1 14 ? 11.775  4.809   -16.041 1.000 35.493 0 14  G   A OP1   1 ? 
ATOM   279 O OP2   . G   A 1 14 ? 9.974   6.289   -14.986 1.000 30.242 0 14  G   A OP2   1 ? 
ATOM   280 O "O5'" . G   A 1 14 ? 9.425   4.000   -15.519 1.000 25.653 0 14  G   A "O5'" 1 ? 
ATOM   281 C "C5'" . G   A 1 14 ? 9.698   2.608   -15.803 1.000 24.573 0 14  G   A "C5'" 1 ? 
ATOM   282 C "C4'" . G   A 1 14 ? 8.387   1.893   -15.998 1.000 25.371 0 14  G   A "C4'" 1 ? 
ATOM   283 O "O4'" . G   A 1 14 ? 7.633   1.930   -14.757 1.000 23.220 0 14  G   A "O4'" 1 ? 
ATOM   284 C "C3'" . G   A 1 14 ? 7.383   2.488   -16.989 1.000 26.160 0 14  G   A "C3'" 1 ? 
ATOM   285 O "O3'" . G   A 1 14 ? 7.715   2.348   -18.374 1.000 31.599 0 14  G   A "O3'" 1 ? 
ATOM   286 C "C2'" . G   A 1 14 ? 6.172   1.649   -16.586 1.000 24.330 0 14  G   A "C2'" 1 ? 
ATOM   287 O "O2'" . G   A 1 14 ? 6.240   0.291   -16.977 1.000 24.911 0 14  G   A "O2'" 1 ? 
ATOM   288 C "C1'" . G   A 1 14 ? 6.262   1.780   -15.066 1.000 22.213 0 14  G   A "C1'" 1 ? 
ATOM   289 N N9    . G   A 1 14 ? 5.491   2.917   -14.565 1.000 19.406 0 14  G   A N9    1 ? 
ATOM   290 C C8    . G   A 1 14 ? 5.898   4.160   -14.143 1.000 20.754 0 14  G   A C8    1 ? 
ATOM   291 N N7    . G   A 1 14 ? 4.901   4.939   -13.774 1.000 21.086 0 14  G   A N7    1 ? 
ATOM   292 C C5    . G   A 1 14 ? 3.766   4.149   -13.967 1.000 18.917 0 14  G   A C5    1 ? 
ATOM   293 C C6    . G   A 1 14 ? 2.388   4.416   -13.764 1.000 19.313 0 14  G   A C6    1 ? 
ATOM   294 O O6    . G   A 1 14 ? 1.830   5.437   -13.351 1.000 21.724 0 14  G   A O6    1 ? 
ATOM   295 N N1    . G   A 1 14 ? 1.596   3.333   -14.137 1.000 19.635 0 14  G   A N1    1 ? 
ATOM   296 C C2    . G   A 1 14 ? 2.056   2.125   -14.569 1.000 19.345 0 14  G   A C2    1 ? 
ATOM   297 N N2    . G   A 1 14 ? 1.133   1.201   -14.855 1.000 21.387 0 14  G   A N2    1 ? 
ATOM   298 N N3    . G   A 1 14 ? 3.341   1.862   -14.768 1.000 19.315 0 14  G   A N3    1 ? 
ATOM   299 C C4    . G   A 1 14 ? 4.128   2.922   -14.472 1.000 19.602 0 14  G   A C4    1 ? 
HETATM 300 P P     . G46 A 1 15 ? 7.214   3.658   -19.276 1.000 47.048 0 15  G46 A P     1 ? 
HETATM 301 O O1P   . G46 A 1 15 ? 7.616   3.960   -20.650 1.000 56.607 0 15  G46 A O1P   1 ? 
HETATM 302 S S2P   . G46 A 1 15 ? 6.374   5.546   -18.475 1.000 50.127 0 15  G46 A S2P   1 ? 
HETATM 303 O "O5'" . G46 A 1 15 ? 6.053   2.509   -19.519 1.000 46.010 0 15  G46 A "O5'" 1 ? 
HETATM 304 C "C5'" . G46 A 1 15 ? 4.924   2.941   -20.212 1.000 45.334 0 15  G46 A "C5'" 1 ? 
HETATM 305 C "C4'" . G46 A 1 15 ? 3.780   1.965   -20.053 1.000 42.291 0 15  G46 A "C4'" 1 ? 
HETATM 306 O "O4'" . G46 A 1 15 ? 3.442   1.932   -18.626 1.000 38.812 0 15  G46 A "O4'" 1 ? 
HETATM 307 C "C3'" . G46 A 1 15 ? 2.579   2.551   -20.780 1.000 41.956 0 15  G46 A "C3'" 1 ? 
HETATM 308 O "O3'" . G46 A 1 15 ? 2.398   1.892   -22.038 1.000 42.050 0 15  G46 A "O3'" 1 ? 
HETATM 309 C "C2'" . G46 A 1 15 ? 1.429   2.229   -19.900 1.000 39.371 0 15  G46 A "C2'" 1 ? 
HETATM 310 C "C1'" . G46 A 1 15 ? 2.028   2.323   -18.494 1.000 33.831 0 15  G46 A "C1'" 1 ? 
HETATM 311 O "O2'" . G46 A 1 15 ? 1.057   0.881   -20.199 1.000 43.804 0 15  G46 A "O2'" 1 ? 
HETATM 312 N N9    . G46 A 1 15 ? 1.900   3.634   -17.824 1.000 25.965 0 15  G46 A N9    1 ? 
HETATM 313 C C8    . G46 A 1 15 ? 2.803   4.503   -17.443 1.000 23.290 0 15  G46 A C8    1 ? 
HETATM 314 N N7    . G46 A 1 15 ? 2.169   5.486   -16.835 1.000 23.802 0 15  G46 A N7    1 ? 
HETATM 315 C C5    . G46 A 1 15 ? 0.879   5.229   -16.836 1.000 22.893 0 15  G46 A C5    1 ? 
HETATM 316 C C6    . G46 A 1 15 ? -0.181  5.879   -16.367 1.000 22.540 0 15  G46 A C6    1 ? 
HETATM 317 O O6    . G46 A 1 15 ? -0.149  6.968   -15.803 1.000 25.362 0 15  G46 A O6    1 ? 
HETATM 318 N N1    . G46 A 1 15 ? -1.435  5.325   -16.533 1.000 22.779 0 15  G46 A N1    1 ? 
HETATM 319 C C2    . G46 A 1 15 ? -1.566  4.147   -17.167 1.000 21.447 0 15  G46 A C2    1 ? 
HETATM 320 N N2    . G46 A 1 15 ? -2.782  3.662   -17.305 1.000 22.355 0 15  G46 A N2    1 ? 
HETATM 321 N N3    . G46 A 1 15 ? -0.509  3.523   -17.629 1.000 19.095 0 15  G46 A N3    1 ? 
HETATM 322 C C4    . G46 A 1 15 ? 0.710   4.073   -17.450 1.000 22.634 0 15  G46 A C4    1 ? 
HETATM 323 O "O5'" . TLN B 1 1  ? -10.316 13.592  -13.027 1.000 47.336 0 1   TLN B "O5'" 1 ? 
HETATM 324 C "C5'" . TLN B 1 1  ? -11.340 12.843  -13.714 1.000 43.776 0 1   TLN B "C5'" 1 ? 
HETATM 325 C "C4'" . TLN B 1 1  ? -10.616 11.896  -14.683 1.000 41.071 0 1   TLN B "C4'" 1 ? 
HETATM 326 O "O4'" . TLN B 1 1  ? -9.656  12.443  -15.644 1.000 41.608 0 1   TLN B "O4'" 1 ? 
HETATM 327 C "C1'" . TLN B 1 1  ? -8.806  11.312  -16.014 1.000 40.397 0 1   TLN B "C1'" 1 ? 
HETATM 328 N N1    . TLN B 1 1  ? -7.390  11.655  -15.760 1.000 39.757 0 1   TLN B N1    1 ? 
HETATM 329 C C6    . TLN B 1 1  ? -7.113  12.804  -14.986 1.000 41.128 0 1   TLN B C6    1 ? 
HETATM 330 C C5    . TLN B 1 1  ? -5.810  13.230  -14.715 1.000 40.721 0 1   TLN B C5    1 ? 
HETATM 331 C C5M   . TLN B 1 1  ? -5.637  14.380  -13.924 1.000 42.446 0 1   TLN B C5M   1 ? 
HETATM 332 C C4    . TLN B 1 1  ? -4.742  12.496  -15.238 1.000 40.778 0 1   TLN B C4    1 ? 
HETATM 333 O O4    . TLN B 1 1  ? -3.564  12.829  -15.037 1.000 48.966 0 1   TLN B O4    1 ? 
HETATM 334 N N3    . TLN B 1 1  ? -5.028  11.358  -16.036 1.000 38.171 0 1   TLN B N3    1 ? 
HETATM 335 C C2    . TLN B 1 1  ? -6.360  10.958  -16.279 1.000 34.372 0 1   TLN B C2    1 ? 
HETATM 336 O O2    . TLN B 1 1  ? -6.549  9.965   -16.969 1.000 36.947 0 1   TLN B O2    1 ? 
HETATM 337 C "C3'" . TLN B 1 1  ? -9.772  10.884  -13.936 1.000 39.285 0 1   TLN B "C3'" 1 ? 
HETATM 338 C "C2'" . TLN B 1 1  ? -9.418  10.190  -15.199 1.000 39.915 0 1   TLN B "C2'" 1 ? 
HETATM 339 O "O2'" . TLN B 1 1  ? -10.695 9.940   -15.813 1.000 39.293 0 1   TLN B "O2'" 1 ? 
HETATM 340 O "O3'" . TLN B 1 1  ? -10.605 10.131  -13.021 1.000 37.460 0 1   TLN B "O3'" 1 ? 
HETATM 341 C "C6'" . TLN B 1 1  ? -11.605 11.064  -15.498 1.000 42.996 0 1   TLN B "C6'" 1 ? 
HETATM 342 O "O5'" . LCC B 1 2  ? -9.483  7.977   -12.802 1.000 30.394 0 2   LCC B "O5'" 1 ? 
HETATM 343 C "C5'" . LCC B 1 2  ? -10.346 7.135   -13.595 1.000 30.183 0 2   LCC B "C5'" 1 ? 
HETATM 344 C "C4'" . LCC B 1 2  ? -9.423  6.203   -14.413 1.000 28.663 0 2   LCC B "C4'" 1 ? 
HETATM 345 O "O4'" . LCC B 1 2  ? -8.565  6.922   -15.362 1.000 29.546 0 2   LCC B "O4'" 1 ? 
HETATM 346 C "C1'" . LCC B 1 2  ? -7.473  6.062   -15.659 1.000 28.079 0 2   LCC B "C1'" 1 ? 
HETATM 347 N N1    . LCC B 1 2  ? -6.162  6.660   -15.276 1.000 25.505 0 2   LCC B N1    1 ? 
HETATM 348 C C6    . LCC B 1 2  ? -6.062  7.749   -14.385 1.000 27.368 0 2   LCC B C6    1 ? 
HETATM 349 C C5    . LCC B 1 2  ? -4.826  8.249   -14.083 1.000 25.072 0 2   LCC B C5    1 ? 
HETATM 350 C C5M   . LCC B 1 2  ? -4.766  9.343   -13.184 1.000 28.584 0 2   LCC B C5M   1 ? 
HETATM 351 C C4    . LCC B 1 2  ? -3.714  7.654   -14.673 1.000 27.132 0 2   LCC B C4    1 ? 
HETATM 352 N N4    . LCC B 1 2  ? -2.526  8.150   -14.376 1.000 26.874 0 2   LCC B N4    1 ? 
HETATM 353 N N3    . LCC B 1 2  ? -3.819  6.602   -15.523 1.000 24.674 0 2   LCC B N3    1 ? 
HETATM 354 C C2    . LCC B 1 2  ? -5.036  6.125   -15.801 1.000 24.973 0 2   LCC B C2    1 ? 
HETATM 355 O O2    . LCC B 1 2  ? -5.146  5.182   -16.582 1.000 25.254 0 2   LCC B O2    1 ? 
HETATM 356 C "C3'" . LCC B 1 2  ? -8.442  5.407   -13.620 1.000 28.261 0 2   LCC B "C3'" 1 ? 
HETATM 357 C "C2'" . LCC B 1 2  ? -7.891  4.770   -14.861 1.000 26.799 0 2   LCC B "C2'" 1 ? 
HETATM 358 O "O2'" . LCC B 1 2  ? -9.078  4.190   -15.441 1.000 29.555 0 2   LCC B "O2'" 1 ? 
HETATM 359 O "O3'" . LCC B 1 2  ? -9.028  4.421   -12.651 1.000 28.826 0 2   LCC B "O3'" 1 ? 
HETATM 360 C "C6'" . LCC B 1 2  ? -10.222 5.147   -15.191 1.000 27.370 0 2   LCC B "C6'" 1 ? 
HETATM 361 P P     . LCC B 1 2  ? -9.978  9.259   -11.813 1.000 32.920 0 2   LCC B P     1 ? 
HETATM 362 O O1P   . LCC B 1 2  ? -8.717  9.742   -11.206 1.000 31.050 0 2   LCC B O1P   1 ? 
HETATM 363 O O2P   . LCC B 1 2  ? -11.124 8.845   -10.967 1.000 32.282 0 2   LCC B O2P   1 ? 
HETATM 364 O "O5'" . LCC B 1 3  ? -7.191  2.798   -12.017 1.000 25.156 0 3   LCC B "O5'" 1 ? 
HETATM 365 C "C5'" . LCC B 1 3  ? -7.687  1.792   -12.907 1.000 23.089 0 3   LCC B "C5'" 1 ? 
HETATM 366 C "C4'" . LCC B 1 3  ? -6.478  1.182   -13.572 1.000 21.297 0 3   LCC B "C4'" 1 ? 
HETATM 367 O "O4'" . LCC B 1 3  ? -5.736  2.112   -14.457 1.000 21.036 0 3   LCC B "O4'" 1 ? 
HETATM 368 C "C1'" . LCC B 1 3  ? -4.394  1.578   -14.505 1.000 20.433 0 3   LCC B "C1'" 1 ? 
HETATM 369 N N1    . LCC B 1 3  ? -3.507  2.592   -13.899 1.000 19.023 0 3   LCC B N1    1 ? 
HETATM 370 C C6    . LCC B 1 3  ? -4.037  3.674   -13.125 1.000 19.527 0 3   LCC B C6    1 ? 
HETATM 371 C C5    . LCC B 1 3  ? -3.173  4.606   -12.586 1.000 20.781 0 3   LCC B C5    1 ? 
HETATM 372 C C5M   . LCC B 1 3  ? -3.674  5.633   -11.816 1.000 23.556 0 3   LCC B C5M   1 ? 
HETATM 373 C C4    . LCC B 1 3  ? -1.813  4.470   -12.902 1.000 20.580 0 3   LCC B C4    1 ? 
HETATM 374 N N4    . LCC B 1 3  ? -0.952  5.394   -12.443 1.000 21.178 0 3   LCC B N4    1 ? 
HETATM 375 N N3    . LCC B 1 3  ? -1.389  3.463   -13.635 1.000 20.214 0 3   LCC B N3    1 ? 
HETATM 376 C C2    . LCC B 1 3  ? -2.214  2.524   -14.140 1.000 19.216 0 3   LCC B C2    1 ? 
HETATM 377 O O2    . LCC B 1 3  ? -1.774  1.591   -14.823 1.000 21.010 0 3   LCC B O2    1 ? 
HETATM 378 C "C3'" . LCC B 1 3  ? -5.442  0.690   -12.652 1.000 20.278 0 3   LCC B "C3'" 1 ? 
HETATM 379 C "C2'" . LCC B 1 3  ? -4.520  0.270   -13.791 1.000 21.420 0 3   LCC B "C2'" 1 ? 
HETATM 380 O "O2'" . LCC B 1 3  ? -5.411  -0.553  -14.593 1.000 21.757 0 3   LCC B "O2'" 1 ? 
HETATM 381 O "O3'" . LCC B 1 3  ? -5.944  -0.408  -11.859 1.000 22.081 0 3   LCC B "O3'" 1 ? 
HETATM 382 C "C6'" . LCC B 1 3  ? -6.813  -0.019  -14.387 1.000 22.287 0 3   LCC B "C6'" 1 ? 
HETATM 383 P P     . LCC B 1 3  ? -8.216  3.853   -11.395 1.000 27.721 0 3   LCC B P     1 ? 
HETATM 384 O O1P   . LCC B 1 3  ? -7.439  4.864   -10.621 1.000 28.738 0 3   LCC B O1P   1 ? 
HETATM 385 O O2P   . LCC B 1 3  ? -9.336  3.109   -10.739 1.000 30.464 0 3   LCC B O2P   1 ? 
HETATM 386 P P     . LCG B 1 4  ? -5.362  -0.732  -10.396 1.000 23.392 0 4   LCG B P     1 ? 
HETATM 387 O OP1   . LCG B 1 4  ? -6.292  -1.831  -9.968  1.000 23.617 0 4   LCG B OP1   1 ? 
HETATM 388 O "O5'" . LCG B 1 4  ? -3.862  -1.282  -10.638 1.000 20.542 0 4   LCG B "O5'" 1 ? 
HETATM 389 C "C5'" . LCG B 1 4  ? -3.629  -2.464  -11.322 1.000 20.643 0 4   LCG B "C5'" 1 ? 
HETATM 390 C "C3'" . LCG B 1 4  ? -1.329  -2.381  -10.270 1.000 21.663 0 4   LCG B "C3'" 1 ? 
HETATM 391 C "C6'" . LCG B 1 4  ? -1.635  -3.851  -12.066 1.000 23.289 0 4   LCG B "C6'" 1 ? 
HETATM 392 N N9    . LCG B 1 4  ? -0.062  0.110   -11.516 1.000 21.001 0 4   LCG B N9    1 ? 
HETATM 393 C C8    . LCG B 1 4  ? -0.994  1.013   -11.121 1.000 19.105 0 4   LCG B C8    1 ? 
HETATM 394 C C4    . LCG B 1 4  ? 1.153   0.687   -11.382 1.000 18.757 0 4   LCG B C4    1 ? 
HETATM 395 N N7    . LCG B 1 4  ? -0.383  2.120   -10.751 1.000 19.508 0 4   LCG B N7    1 ? 
HETATM 396 C C5    . LCG B 1 4  ? 0.951   1.937   -10.930 1.000 17.602 0 4   LCG B C5    1 ? 
HETATM 397 C C6    . LCG B 1 4  ? 2.028   2.763   -10.764 1.000 18.817 0 4   LCG B C6    1 ? 
HETATM 398 C "C2'" . LCG B 1 4  ? -0.036  -2.427  -11.008 1.000 21.748 0 4   LCG B "C2'" 1 ? 
HETATM 399 O O6    . LCG B 1 4  ? 1.939   3.925   -10.364 1.000 18.706 0 4   LCG B O6    1 ? 
HETATM 400 C "C4'" . LCG B 1 4  ? -2.109  -2.567  -11.508 1.000 20.956 0 4   LCG B "C4'" 1 ? 
HETATM 401 C "C1'" . LCG B 1 4  ? -0.232  -1.292  -11.982 1.000 21.747 0 4   LCG B "C1'" 1 ? 
HETATM 402 C C2    . LCG B 1 4  ? 3.448   1.012   -11.463 1.000 18.435 0 4   LCG B C2    1 ? 
HETATM 403 N N1    . LCG B 1 4  ? 3.267   2.278   -10.984 1.000 17.485 0 4   LCG B N1    1 ? 
HETATM 404 O "O4'" . LCG B 1 4  ? -1.636  -1.434  -12.342 1.000 21.019 0 4   LCG B "O4'" 1 ? 
HETATM 405 O OP2   . LCG B 1 4  ? -5.239  0.492   -9.563  1.000 20.066 0 4   LCG B OP2   1 ? 
HETATM 406 N N2    . LCG B 1 4  ? 4.668   0.596   -11.678 1.000 19.082 0 4   LCG B N2    1 ? 
HETATM 407 N N3    . LCG B 1 4  ? 2.375   0.176   -11.642 1.000 16.802 0 4   LCG B N3    1 ? 
HETATM 408 O "O2'" . LCG B 1 4  ? -0.164  -3.653  -11.791 1.000 23.028 0 4   LCG B "O2'" 1 ? 
HETATM 409 O "O3'" . LCG B 1 4  ? -1.448  -3.434  -9.326  1.000 19.728 0 4   LCG B "O3'" 1 ? 
ATOM   410 P P     . A   B 1 5  ? -1.266  -3.314  -7.767  1.000 22.452 0 5   A   B P     1 ? 
ATOM   411 O OP1   . A   B 1 5  ? -1.821  -4.565  -7.122  1.000 23.628 0 5   A   B OP1   1 ? 
ATOM   412 O OP2   . A   B 1 5  ? -1.618  -1.992  -7.126  1.000 20.338 0 5   A   B OP2   1 ? 
ATOM   413 O "O5'" . A   B 1 5  ? 0.377   -3.375  -7.823  1.000 20.930 0 5   A   B "O5'" 1 ? 
ATOM   414 C "C5'" . A   B 1 5  ? 1.059   -4.593  -8.152  1.000 21.360 0 5   A   B "C5'" 1 ? 
ATOM   415 C "C4'" . A   B 1 5  ? 2.546   -4.298  -8.143  1.000 19.649 0 5   A   B "C4'" 1 ? 
ATOM   416 O "O4'" . A   B 1 5  ? 2.834   -3.203  -9.064  1.000 19.560 0 5   A   B "O4'" 1 ? 
ATOM   417 C "C3'" . A   B 1 5  ? 3.141   -3.815  -6.820  1.000 18.503 0 5   A   B "C3'" 1 ? 
ATOM   418 O "O3'" . A   B 1 5  ? 3.358   -4.950  -5.991  1.000 22.271 0 5   A   B "O3'" 1 ? 
ATOM   419 C "C2'" . A   B 1 5  ? 4.424   -3.167  -7.347  1.000 18.511 0 5   A   B "C2'" 1 ? 
ATOM   420 O "O2'" . A   B 1 5  ? 5.328   -4.197  -7.727  1.000 19.325 0 5   A   B "O2'" 1 ? 
ATOM   421 C "C1'" . A   B 1 5  ? 3.866   -2.393  -8.552  1.000 17.935 0 5   A   B "C1'" 1 ? 
ATOM   422 N N9    . A   B 1 5  ? 3.318   -1.069  -8.257  1.000 16.833 0 5   A   B N9    1 ? 
ATOM   423 C C8    . A   B 1 5  ? 2.009   -0.690  -8.114  1.000 18.156 0 5   A   B C8    1 ? 
ATOM   424 N N7    . A   B 1 5  ? 1.850   0.582   -7.850  1.000 19.034 0 5   A   B N7    1 ? 
ATOM   425 C C5    . A   B 1 5  ? 3.144   1.071   -7.799  1.000 18.876 0 5   A   B C5    1 ? 
ATOM   426 C C6    . A   B 1 5  ? 3.646   2.367   -7.627  1.000 18.311 0 5   A   B C6    1 ? 
ATOM   427 N N6    . A   B 1 5  ? 2.860   3.426   -7.412  1.000 19.637 0 5   A   B N6    1 ? 
ATOM   428 N N1    . A   B 1 5  ? 4.994   2.526   -7.668  1.000 18.497 0 5   A   B N1    1 ? 
ATOM   429 C C2    . A   B 1 5  ? 5.753   1.449   -7.936  1.000 19.211 0 5   A   B C2    1 ? 
ATOM   430 N N3    . A   B 1 5  ? 5.383   0.176   -8.116  1.000 17.942 0 5   A   B N3    1 ? 
ATOM   431 C C4    . A   B 1 5  ? 4.049   0.067   -8.074  1.000 18.579 0 5   A   B C4    1 ? 
ATOM   432 P P     . C   B 1 6  ? 3.283   -4.729  -4.401  1.000 21.494 0 6   C   B P     1 ? 
ATOM   433 O OP1   . C   B 1 6  ? 3.292   -6.183  -3.835  1.000 19.777 0 6   C   B OP1   1 ? 
ATOM   434 O OP2   . C   B 1 6  ? 2.149   -3.756  -3.974  1.000 20.562 0 6   C   B OP2   1 ? 
ATOM   435 O "O5'" . C   B 1 6  ? 4.613   -4.009  -3.969  1.000 19.079 0 6   C   B "O5'" 1 ? 
ATOM   436 C "C5'" . C   B 1 6  ? 5.917   -4.514  -4.372  1.000 20.151 0 6   C   B "C5'" 1 ? 
ATOM   437 C "C4'" . C   B 1 6  ? 6.931   -3.404  -4.277  1.000 22.073 0 6   C   B "C4'" 1 ? 
ATOM   438 O "O4'" . C   B 1 6  ? 6.637   -2.349  -5.233  1.000 21.696 0 6   C   B "O4'" 1 ? 
ATOM   439 C "C3'" . C   B 1 6  ? 7.001   -2.686  -2.925  1.000 22.565 0 6   C   B "C3'" 1 ? 
ATOM   440 O "O3'" . C   B 1 6  ? 7.802   -3.400  -1.988  1.000 24.104 0 6   C   B "O3'" 1 ? 
ATOM   441 C "C2'" . C   B 1 6  ? 7.690   -1.393  -3.347  1.000 21.649 0 6   C   B "C2'" 1 ? 
ATOM   442 O "O2'" . C   B 1 6  ? 9.063   -1.628  -3.574  1.000 24.216 0 6   C   B "O2'" 1 ? 
ATOM   443 C "C1'" . C   B 1 6  ? 6.994   -1.101  -4.678  1.000 21.298 0 6   C   B "C1'" 1 ? 
ATOM   444 N N1    . C   B 1 6  ? 5.758   -0.283  -4.548  1.000 19.566 0 6   C   B N1    1 ? 
ATOM   445 C C2    . C   B 1 6  ? 5.925   1.102   -4.506  1.000 21.379 0 6   C   B C2    1 ? 
ATOM   446 O O2    . C   B 1 6  ? 7.080   1.558   -4.482  1.000 21.365 0 6   C   B O2    1 ? 
ATOM   447 N N3    . C   B 1 6  ? 4.832   1.889   -4.400  1.000 18.714 0 6   C   B N3    1 ? 
ATOM   448 C C4    . C   B 1 6  ? 3.608   1.344   -4.400  1.000 19.867 0 6   C   B C4    1 ? 
ATOM   449 N N4    . C   B 1 6  ? 2.569   2.177   -4.343  1.000 20.290 0 6   C   B N4    1 ? 
ATOM   450 C C5    . C   B 1 6  ? 3.415   -0.066  -4.420  1.000 18.621 0 6   C   B C5    1 ? 
ATOM   451 C C6    . C   B 1 6  ? 4.513   -0.839  -4.512  1.000 18.897 0 6   C   B C6    1 ? 
ATOM   452 P P     . U   B 1 7  ? 7.442   -3.288  -0.428  1.000 27.361 0 7   U   B P     1 ? 
ATOM   453 O OP1   . U   B 1 7  ? 8.317   -4.305  0.311   1.000 30.804 0 7   U   B OP1   1 ? 
ATOM   454 O OP2   . U   B 1 7  ? 6.002   -3.248  -0.127  1.000 28.074 0 7   U   B OP2   1 ? 
ATOM   455 O "O5'" . U   B 1 7  ? 8.025   -1.819  -0.031  1.000 24.926 0 7   U   B "O5'" 1 ? 
ATOM   456 C "C5'" . U   B 1 7  ? 9.413   -1.493  -0.210  1.000 24.962 0 7   U   B "C5'" 1 ? 
ATOM   457 C "C4'" . U   B 1 7  ? 9.624   -0.017  0.036   1.000 25.380 0 7   U   B "C4'" 1 ? 
ATOM   458 O "O4'" . U   B 1 7  ? 9.010   0.782   -1.008  1.000 25.119 0 7   U   B "O4'" 1 ? 
ATOM   459 C "C3'" . U   B 1 7  ? 9.029   0.555   1.330   1.000 25.273 0 7   U   B "C3'" 1 ? 
ATOM   460 O "O3'" . U   B 1 7  ? 9.907   0.348   2.433   1.000 25.446 0 7   U   B "O3'" 1 ? 
ATOM   461 C "C2'" . U   B 1 7  ? 8.988   2.041   0.992   1.000 24.124 0 7   U   B "C2'" 1 ? 
ATOM   462 O "O2'" . U   B 1 7  ? 10.275  2.623   1.004   1.000 26.158 0 7   U   B "O2'" 1 ? 
ATOM   463 C "C1'" . U   B 1 7  ? 8.505   1.980   -0.454  1.000 23.785 0 7   U   B "C1'" 1 ? 
ATOM   464 N N1    . U   B 1 7  ? 7.034   1.986   -0.603  1.000 22.159 0 7   U   B N1    1 ? 
ATOM   465 C C2    . U   B 1 7  ? 6.441   3.227   -0.540  1.000 22.066 0 7   U   B C2    1 ? 
ATOM   466 O O2    . U   B 1 7  ? 7.107   4.236   -0.346  1.000 22.646 0 7   U   B O2    1 ? 
ATOM   467 N N3    . U   B 1 7  ? 5.078   3.231   -0.766  1.000 20.919 0 7   U   B N3    1 ? 
ATOM   468 C C4    . U   B 1 7  ? 4.271   2.150   -1.012  1.000 18.911 0 7   U   B C4    1 ? 
ATOM   469 O O4    . U   B 1 7  ? 3.055   2.313   -1.182  1.000 19.207 0 7   U   B O4    1 ? 
ATOM   470 C C5    . U   B 1 7  ? 4.966   0.889   -1.037  1.000 21.605 0 7   U   B C5    1 ? 
ATOM   471 C C6    . U   B 1 7  ? 6.289   0.858   -0.831  1.000 20.785 0 7   U   B C6    1 ? 
ATOM   472 P P     . U   B 1 8  ? 9.220   0.085   3.858   1.000 28.271 0 8   U   B P     1 ? 
ATOM   473 O OP1   . U   B 1 8  ? 10.355  -0.336  4.809   1.000 27.829 0 8   U   B OP1   1 ? 
ATOM   474 O OP2   . U   B 1 8  ? 7.987   -0.788  3.843   1.000 25.583 0 8   U   B OP2   1 ? 
ATOM   475 O "O5'" . U   B 1 8  ? 8.739   1.586   4.317   1.000 25.514 0 8   U   B "O5'" 1 ? 
ATOM   476 C "C5'" . U   B 1 8  ? 9.713   2.671   4.328   1.000 26.074 0 8   U   B "C5'" 1 ? 
ATOM   477 C "C4'" . U   B 1 8  ? 8.993   3.989   4.435   1.000 23.158 0 8   U   B "C4'" 1 ? 
ATOM   478 O "O4'" . U   B 1 8  ? 8.206   4.231   3.240   1.000 23.298 0 8   U   B "O4'" 1 ? 
ATOM   479 C "C3'" . U   B 1 8  ? 7.946   4.098   5.542   1.000 21.579 0 8   U   B "C3'" 1 ? 
ATOM   480 O "O3'" . U   B 1 8  ? 8.617   4.289   6.776   1.000 23.831 0 8   U   B "O3'" 1 ? 
ATOM   481 C "C2'" . U   B 1 8  ? 7.184   5.338   5.062   1.000 21.418 0 8   U   B "C2'" 1 ? 
ATOM   482 O "O2'" . U   B 1 8  ? 7.951   6.511   5.220   1.000 21.629 0 8   U   B "O2'" 1 ? 
ATOM   483 C "C1'" . U   B 1 8  ? 7.069   4.996   3.581   1.000 22.115 0 8   U   B "C1'" 1 ? 
ATOM   484 N N1    . U   B 1 8  ? 5.857   4.230   3.204   1.000 19.389 0 8   U   B N1    1 ? 
ATOM   485 C C2    . U   B 1 8  ? 4.725   4.985   2.953   1.000 18.038 0 8   U   B C2    1 ? 
ATOM   486 O O2    . U   B 1 8  ? 4.687   6.181   3.159   1.000 18.084 0 8   U   B O2    1 ? 
ATOM   487 N N3    . U   B 1 8  ? 3.618   4.258   2.600   1.000 17.996 0 8   U   B N3    1 ? 
ATOM   488 C C4    . U   B 1 8  ? 3.528   2.904   2.375   1.000 19.387 0 8   U   B C4    1 ? 
ATOM   489 O O4    . U   B 1 8  ? 2.459   2.413   2.009   1.000 20.157 0 8   U   B O4    1 ? 
ATOM   490 C C5    . U   B 1 8  ? 4.739   2.189   2.644   1.000 18.882 0 8   U   B C5    1 ? 
ATOM   491 C C6    . U   B 1 8  ? 5.834   2.870   3.037   1.000 18.416 0 8   U   B C6    1 ? 
ATOM   492 P P     . A   B 1 9  ? 7.827   3.688   8.033   1.000 24.130 0 9   A   B P     1 ? 
ATOM   493 O OP1   . A   B 1 9  ? 8.721   3.917   9.238   1.000 24.125 0 9   A   B OP1   1 ? 
ATOM   494 O OP2   . A   B 1 9  ? 7.260   2.292   7.859   1.000 27.172 0 9   A   B OP2   1 ? 
ATOM   495 O "O5'" . A   B 1 9  ? 6.507   4.598   8.246   1.000 20.176 0 9   A   B "O5'" 1 ? 
ATOM   496 C "C5'" . A   B 1 9  ? 6.716   5.943   8.711   1.000 19.221 0 9   A   B "C5'" 1 ? 
ATOM   497 C "C4'" . A   B 1 9  ? 5.399   6.662   8.807   1.000 18.992 0 9   A   B "C4'" 1 ? 
ATOM   498 O "O4'" . A   B 1 9  ? 4.863   6.888   7.474   1.000 19.021 0 9   A   B "O4'" 1 ? 
ATOM   499 C "C3'" . A   B 1 9  ? 4.281   5.906   9.540   1.000 19.496 0 9   A   B "C3'" 1 ? 
ATOM   500 O "O3'" . A   B 1 9  ? 4.454   5.981   10.955  1.000 21.043 0 9   A   B "O3'" 1 ? 
ATOM   501 C "C2'" . A   B 1 9  ? 3.099   6.719   9.036   1.000 19.902 0 9   A   B "C2'" 1 ? 
ATOM   502 O "O2'" . A   B 1 9  ? 3.060   7.984   9.636   1.000 21.270 0 9   A   B "O2'" 1 ? 
ATOM   503 C "C1'" . A   B 1 9  ? 3.455   6.864   7.556   1.000 19.527 0 9   A   B "C1'" 1 ? 
ATOM   504 N N9    . A   B 1 9  ? 2.964   5.755   6.776   1.000 18.503 0 9   A   B N9    1 ? 
ATOM   505 C C8    . A   B 1 9  ? 3.616   4.595   6.435   1.000 17.830 0 9   A   B C8    1 ? 
ATOM   506 N N7    . A   B 1 9  ? 2.872   3.786   5.724   1.000 19.497 0 9   A   B N7    1 ? 
ATOM   507 C C5    . A   B 1 9  ? 1.656   4.448   5.613   1.000 16.678 0 9   A   B C5    1 ? 
ATOM   508 C C6    . A   B 1 9  ? 0.446   4.108   4.970   1.000 16.403 0 9   A   B C6    1 ? 
ATOM   509 N N6    . A   B 1 9  ? 0.265   2.973   4.326   1.000 17.393 0 9   A   B N6    1 ? 
ATOM   510 N N1    . A   B 1 9  ? -0.597  4.961   5.101   1.000 14.723 0 9   A   B N1    1 ? 
ATOM   511 C C2    . A   B 1 9  ? -0.401  6.109   5.753   1.000 16.834 0 9   A   B C2    1 ? 
ATOM   512 N N3    . A   B 1 9  ? 0.686   6.543   6.392   1.000 17.472 0 9   A   B N3    1 ? 
ATOM   513 C C4    . A   B 1 9  ? 1.685   5.641   6.283   1.000 17.682 0 9   A   B C4    1 ? 
ATOM   514 P P     . A   B 1 10 ? 3.869   4.803   11.873  1.000 20.613 0 10  A   B P     1 ? 
ATOM   515 O OP1   . A   B 1 10 ? 4.337   5.017   13.325  1.000 22.933 0 10  A   B OP1   1 ? 
ATOM   516 O OP2   . A   B 1 10 ? 3.997   3.399   11.351  1.000 20.260 0 10  A   B OP2   1 ? 
ATOM   517 O "O5'" . A   B 1 10 ? 2.239   5.067   11.901  1.000 16.978 0 10  A   B "O5'" 1 ? 
ATOM   518 C "C5'" . A   B 1 10 ? 1.726   6.275   12.433  1.000 17.371 0 10  A   B "C5'" 1 ? 
ATOM   519 C "C4'" . A   B 1 10 ? 0.271   6.384   12.033  1.000 17.322 0 10  A   B "C4'" 1 ? 
ATOM   520 O "O4'" . A   B 1 10 ? 0.185   6.451   10.594  1.000 16.242 0 10  A   B "O4'" 1 ? 
ATOM   521 C "C3'" . A   B 1 10 ? -0.652  5.238   12.448  1.000 19.448 0 10  A   B "C3'" 1 ? 
ATOM   522 O "O3'" . A   B 1 10 ? -0.983  5.523   13.805  1.000 22.253 0 10  A   B "O3'" 1 ? 
ATOM   523 C "C2'" . A   B 1 10 ? -1.794  5.462   11.451  1.000 18.315 0 10  A   B "C2'" 1 ? 
ATOM   524 O "O2'" . A   B 1 10 ? -2.592  6.560   11.823  1.000 18.421 0 10  A   B "O2'" 1 ? 
ATOM   525 C "C1'" . A   B 1 10 ? -1.018  5.813   10.185  1.000 17.075 0 10  A   B "C1'" 1 ? 
ATOM   526 N N9    . A   B 1 10 ? -0.695  4.647   9.377   1.000 14.160 0 10  A   B N9    1 ? 
ATOM   527 C C8    . A   B 1 10 ? 0.458   3.909   9.338   1.000 14.190 0 10  A   B C8    1 ? 
ATOM   528 N N7    . A   B 1 10 ? 0.404   2.876   8.522   1.000 15.943 0 10  A   B N7    1 ? 
ATOM   529 C C5    . A   B 1 10 ? -0.877  2.921   8.013   1.000 14.892 0 10  A   B C5    1 ? 
ATOM   530 C C6    . A   B 1 10 ? -1.541  2.139   7.053   1.000 16.427 0 10  A   B C6    1 ? 
ATOM   531 N N6    . A   B 1 10 ? -1.001  1.071   6.461   1.000 17.230 0 10  A   B N6    1 ? 
ATOM   532 N N1    . A   B 1 10 ? -2.828  2.484   6.801   1.000 15.335 0 10  A   B N1    1 ? 
ATOM   533 C C2    . A   B 1 10 ? -3.343  3.579   7.374   1.000 14.981 0 10  A   B C2    1 ? 
ATOM   534 N N3    . A   B 1 10 ? -2.802  4.408   8.266   1.000 14.748 0 10  A   B N3    1 ? 
ATOM   535 C C4    . A   B 1 10 ? -1.556  4.017   8.531   1.000 15.129 0 10  A   B C4    1 ? 
ATOM   536 P P     . G   B 1 11 ? -1.500  4.257   14.623  1.000 27.028 0 11  G   B P     1 ? 
ATOM   537 O OP1   . G   B 1 11 ? -1.944  4.778   15.971  1.000 27.366 0 11  G   B OP1   1 ? 
ATOM   538 O OP2   . G   B 1 11 ? -0.756  3.004   14.494  1.000 22.024 0 11  G   B OP2   1 ? 
ATOM   539 O "O5'" . G   B 1 11 ? -2.786  3.967   13.652  1.000 26.667 0 11  G   B "O5'" 1 ? 
ATOM   540 C "C5'" . G   B 1 11 ? -3.847  3.274   14.175  1.000 21.919 0 11  G   B "C5'" 1 ? 
ATOM   541 C "C4'" . G   B 1 11 ? -4.916  3.113   13.127  1.000 16.308 0 11  G   B "C4'" 1 ? 
ATOM   542 O "O4'" . G   B 1 11 ? -4.476  3.345   11.749  1.000 15.909 0 11  G   B "O4'" 1 ? 
ATOM   543 C "C3'" . G   B 1 11 ? -5.414  1.682   13.126  1.000 16.517 0 11  G   B "C3'" 1 ? 
ATOM   544 O "O3'" . G   B 1 11 ? -6.272  1.522   14.247  1.000 17.306 0 11  G   B "O3'" 1 ? 
ATOM   545 C "C2'" . G   B 1 11 ? -6.141  1.668   11.796  1.000 16.058 0 11  G   B "C2'" 1 ? 
ATOM   546 O "O2'" . G   B 1 11 ? -7.320  2.402   11.950  1.000 17.630 0 11  G   B "O2'" 1 ? 
ATOM   547 C "C1'" . G   B 1 11 ? -5.108  2.365   10.921  1.000 15.595 0 11  G   B "C1'" 1 ? 
ATOM   548 N N9    . G   B 1 11 ? -4.115  1.469   10.344  1.000 13.269 0 11  G   B N9    1 ? 
ATOM   549 C C8    . G   B 1 11 ? -2.785  1.332   10.661  1.000 14.572 0 11  G   B C8    1 ? 
ATOM   550 N N7    . G   B 1 11 ? -2.154  0.437   9.935   1.000 13.977 0 11  G   B N7    1 ? 
ATOM   551 C C5    . G   B 1 11 ? -3.137  -0.041  9.076   1.000 13.523 0 11  G   B C5    1 ? 
ATOM   552 C C6    . G   B 1 11 ? -3.053  -1.044  8.086   1.000 12.436 0 11  G   B C6    1 ? 
ATOM   553 O O6    . G   B 1 11 ? -2.055  -1.677  7.698   1.000 14.015 0 11  G   B O6    1 ? 
ATOM   554 N N1    . G   B 1 11 ? -4.284  -1.250  7.486   1.000 13.855 0 11  G   B N1    1 ? 
ATOM   555 C C2    . G   B 1 11 ? -5.443  -0.597  7.791   1.000 13.120 0 11  G   B C2    1 ? 
ATOM   556 N N2    . G   B 1 11 ? -6.530  -0.972  7.112   1.000 13.524 0 11  G   B N2    1 ? 
ATOM   557 N N3    . G   B 1 11 ? -5.542  0.353   8.724   1.000 12.368 0 11  G   B N3    1 ? 
ATOM   558 C C4    . G   B 1 11 ? -4.350  0.540   9.355   1.000 13.328 0 11  G   B C4    1 ? 
ATOM   559 P P     . U   B 1 12 ? -6.462  0.083   14.927  1.000 20.975 0 12  U   B P     1 ? 
ATOM   560 O OP1   . U   B 1 12 ? -7.264  0.287   16.204  1.000 21.874 0 12  U   B OP1   1 ? 
ATOM   561 O OP2   . U   B 1 12 ? -5.143  -0.707  14.991  1.000 19.845 0 12  U   B OP2   1 ? 
ATOM   562 O "O5'" . U   B 1 12 ? -7.401  -0.759  13.947  1.000 19.920 0 12  U   B "O5'" 1 ? 
ATOM   563 C "C5'" . U   B 1 12 ? -8.719  -0.305  13.585  1.000 20.742 0 12  U   B "C5'" 1 ? 
ATOM   564 C "C4'" . U   B 1 12 ? -9.256  -1.150  12.450  1.000 18.977 0 12  U   B "C4'" 1 ? 
ATOM   565 O "O4'" . U   B 1 12 ? -8.485  -0.972  11.231  1.000 18.864 0 12  U   B "O4'" 1 ? 
ATOM   566 C "C3'" . U   B 1 12 ? -9.172  -2.671  12.688  1.000 18.139 0 12  U   B "C3'" 1 ? 
ATOM   567 O "O3'" . U   B 1 12 ? -10.195 -3.168  13.536  1.000 19.191 0 12  U   B "O3'" 1 ? 
ATOM   568 C "C2'" . U   B 1 12 ? -9.322  -3.202  11.259  1.000 17.551 0 12  U   B "C2'" 1 ? 
ATOM   569 O "O2'" . U   B 1 12 ? -10.631 -3.117  10.724  1.000 18.179 0 12  U   B "O2'" 1 ? 
ATOM   570 C "C1'" . U   B 1 12 ? -8.409  -2.213  10.537  1.000 17.301 0 12  U   B "C1'" 1 ? 
ATOM   571 N N1    . U   B 1 12 ? -6.997  -2.642  10.479  1.000 15.713 0 12  U   B N1    1 ? 
ATOM   572 C C2    . U   B 1 12 ? -6.678  -3.569  9.507   1.000 13.385 0 12  U   B C2    1 ? 
ATOM   573 O O2    . U   B 1 12 ? -7.519  -4.076  8.786   1.000 13.106 0 12  U   B O2    1 ? 
ATOM   574 N N3    . U   B 1 12 ? -5.343  -3.883  9.434   1.000 13.895 0 12  U   B N3    1 ? 
ATOM   575 C C4    . U   B 1 12 ? -4.313  -3.345  10.171  1.000 14.343 0 12  U   B C4    1 ? 
ATOM   576 O O4    . U   B 1 12 ? -3.151  -3.699  9.966   1.000 15.644 0 12  U   B O4    1 ? 
ATOM   577 C C5    . U   B 1 12 ? -4.728  -2.411  11.176  1.000 14.962 0 12  U   B C5    1 ? 
ATOM   578 C C6    . U   B 1 12 ? -6.032  -2.128  11.301  1.000 14.155 0 12  U   B C6    1 ? 
ATOM   579 P P     . C   B 1 13 ? -9.914  -4.480  14.416  1.000 19.625 0 13  C   B P     1 ? 
ATOM   580 O OP1   . C   B 1 13 ? -11.091 -4.587  15.355  1.000 22.756 0 13  C   B OP1   1 ? 
ATOM   581 O OP2   . C   B 1 13 ? -8.579  -4.565  15.058  1.000 16.677 0 13  C   B OP2   1 ? 
ATOM   582 O "O5'" . C   B 1 13 ? -9.980  -5.764  13.401  1.000 18.304 0 13  C   B "O5'" 1 ? 
ATOM   583 C "C5'" . C   B 1 13 ? -11.169 -5.986  12.624  1.000 17.438 0 13  C   B "C5'" 1 ? 
ATOM   584 C "C4'" . C   B 1 13 ? -10.851 -6.956  11.512  1.000 16.833 0 13  C   B "C4'" 1 ? 
ATOM   585 O "O4'" . C   B 1 13 ? -9.916  -6.349  10.582  1.000 14.050 0 13  C   B "O4'" 1 ? 
ATOM   586 C "C3'" . C   B 1 13 ? -10.171 -8.285  11.867  1.000 16.106 0 13  C   B "C3'" 1 ? 
ATOM   587 O "O3'" . C   B 1 13 ? -11.162 -9.211  12.301  1.000 16.283 0 13  C   B "O3'" 1 ? 
ATOM   588 C "C2'" . C   B 1 13 ? -9.667  -8.691  10.480  1.000 14.527 0 13  C   B "C2'" 1 ? 
ATOM   589 O "O2'" . C   B 1 13 ? -10.713 -9.012  9.594   1.000 16.400 0 13  C   B "O2'" 1 ? 
ATOM   590 C "C1'" . C   B 1 13 ? -9.093  -7.356  10.003  1.000 15.142 0 13  C   B "C1'" 1 ? 
ATOM   591 N N1    . C   B 1 13 ? -7.692  -7.137  10.434  1.000 13.576 0 13  C   B N1    1 ? 
ATOM   592 C C2    . C   B 1 13 ? -6.684  -7.699  9.640   1.000 15.913 0 13  C   B C2    1 ? 
ATOM   593 O O2    . C   B 1 13 ? -7.024  -8.360  8.644   1.000 15.768 0 13  C   B O2    1 ? 
ATOM   594 N N3    . C   B 1 13 ? -5.387  -7.492  9.993   1.000 14.963 0 13  C   B N3    1 ? 
ATOM   595 C C4    . C   B 1 13 ? -5.095  -6.810  11.101  1.000 16.113 0 13  C   B C4    1 ? 
ATOM   596 N N4    . C   B 1 13 ? -3.810  -6.624  11.358  1.000 16.167 0 13  C   B N4    1 ? 
ATOM   597 C C5    . C   B 1 13 ? -6.113  -6.230  11.927  1.000 14.851 0 13  C   B C5    1 ? 
ATOM   598 C C6    . C   B 1 13 ? -7.382  -6.456  11.581  1.000 14.617 0 13  C   B C6    1 ? 
ATOM   599 P P     . G   B 1 14 ? -10.729 -10.256 13.448  1.000 19.160 0 14  G   B P     1 ? 
ATOM   600 O OP1   . G   B 1 14 ? -12.015 -10.937 13.758  1.000 23.257 0 14  G   B OP1   1 ? 
ATOM   601 O OP2   . G   B 1 14 ? -9.925  -9.602  14.534  1.000 18.854 0 14  G   B OP2   1 ? 
ATOM   602 O "O5'" . G   B 1 14 ? -9.691  -11.211 12.672  1.000 18.143 0 14  G   B "O5'" 1 ? 
ATOM   603 C "C5'" . G   B 1 14 ? -10.187 -12.108 11.688  1.000 16.927 0 14  G   B "C5'" 1 ? 
ATOM   604 C "C4'" . G   B 1 14 ? -9.018  -12.846 11.053  1.000 17.536 0 14  G   B "C4'" 1 ? 
ATOM   605 O "O4'" . G   B 1 14 ? -8.210  -11.893 10.301  1.000 18.000 0 14  G   B "O4'" 1 ? 
ATOM   606 C "C3'" . G   B 1 14 ? -7.976  -13.500 11.965  1.000 18.928 0 14  G   B "C3'" 1 ? 
ATOM   607 O "O3'" . G   B 1 14 ? -8.418  -14.608 12.763  1.000 23.715 0 14  G   B "O3'" 1 ? 
ATOM   608 C "C2'" . G   B 1 14 ? -6.928  -13.795 10.881  1.000 19.325 0 14  G   B "C2'" 1 ? 
ATOM   609 O "O2'" . G   B 1 14 ? -7.274  -14.751 9.895   1.000 19.793 0 14  G   B "O2'" 1 ? 
ATOM   610 C "C1'" . G   B 1 14 ? -6.902  -12.433 10.203  1.000 16.518 0 14  G   B "C1'" 1 ? 
ATOM   611 N N9    . G   B 1 14 ? -5.949  -11.550 10.844  1.000 15.118 0 14  G   B N9    1 ? 
ATOM   612 C C8    . G   B 1 14 ? -6.151  -10.557 11.760  1.000 14.692 0 14  G   B C8    1 ? 
ATOM   613 N N7    . G   B 1 14 ? -5.055  -9.978  12.158  1.000 13.979 0 14  G   B N7    1 ? 
ATOM   614 C C5    . G   B 1 14 ? -4.053  -10.637 11.459  1.000 12.348 0 14  G   B C5    1 ? 
ATOM   615 C C6    . G   B 1 14 ? -2.657  -10.423 11.456  1.000 13.100 0 14  G   B C6    1 ? 
ATOM   616 O O6    . G   B 1 14 ? -1.981  -9.641  12.140  1.000 14.902 0 14  G   B O6    1 ? 
ATOM   617 N N1    . G   B 1 14 ? -2.021  -11.319 10.613  1.000 13.938 0 14  G   B N1    1 ? 
ATOM   618 C C2    . G   B 1 14 ? -2.652  -12.237 9.817   1.000 12.943 0 14  G   B C2    1 ? 
ATOM   619 N N2    . G   B 1 14 ? -1.867  -12.987 9.039   1.000 14.110 0 14  G   B N2    1 ? 
ATOM   620 N N3    . G   B 1 14 ? -3.977  -12.458 9.822   1.000 13.385 0 14  G   B N3    1 ? 
ATOM   621 C C4    . G   B 1 14 ? -4.596  -11.610 10.661  1.000 13.169 0 14  G   B C4    1 ? 
HETATM 622 P P     . G46 B 1 15 ? -7.789  -14.987 14.268  1.000 34.817 0 15  G46 B P     1 ? 
HETATM 623 O O1P   . G46 B 1 15 ? -8.419  -16.014 15.191  1.000 38.449 0 15  G46 B O1P   1 ? 
HETATM 624 S S2P   . G46 B 1 15 ? -6.748  -13.601 15.224  1.000 31.572 0 15  G46 B S2P   1 ? 
HETATM 625 O "O5'" . G46 B 1 15 ? -6.780  -15.752 13.287  1.000 30.765 0 15  G46 B "O5'" 1 ? 
HETATM 626 C "C5'" . G46 B 1 15 ? -5.756  -16.550 13.798  1.000 29.608 0 15  G46 B "C5'" 1 ? 
HETATM 627 C "C4'" . G46 B 1 15 ? -4.880  -16.921 12.614  1.000 27.806 0 15  G46 B "C4'" 1 ? 
HETATM 628 O "O4'" . G46 B 1 15 ? -4.488  -15.698 11.864  1.000 25.573 0 15  G46 B "O4'" 1 ? 
HETATM 629 C "C3'" . G46 B 1 15 ? -3.587  -17.441 13.175  1.000 25.412 0 15  G46 B "C3'" 1 ? 
HETATM 630 O "O3'" . G46 B 1 15 ? -3.573  -18.870 13.191  1.000 26.354 0 15  G46 B "O3'" 1 ? 
HETATM 631 C "C2'" . G46 B 1 15 ? -2.551  -16.971 12.209  1.000 23.870 0 15  G46 B "C2'" 1 ? 
HETATM 632 C "C1'" . G46 B 1 15 ? -3.055  -15.645 11.807  1.000 23.951 0 15  G46 B "C1'" 1 ? 
HETATM 633 O "O2'" . G46 B 1 15 ? -2.427  -17.838 11.064  1.000 25.443 0 15  G46 B "O2'" 1 ? 
HETATM 634 N N9    . G46 B 1 15 ? -2.580  -14.479 12.657  1.000 19.543 0 15  G46 B N9    1 ? 
HETATM 635 C C8    . G46 B 1 15 ? -3.347  -13.605 13.322  1.000 17.277 0 15  G46 B C8    1 ? 
HETATM 636 N N7    . G46 B 1 15 ? -2.570  -12.684 13.829  1.000 16.750 0 15  G46 B N7    1 ? 
HETATM 637 C C5    . G46 B 1 15 ? -1.276  -12.967 13.454  1.000 14.910 0 15  G46 B C5    1 ? 
HETATM 638 C C6    . G46 B 1 15 ? -0.080  -12.373 13.715  1.000 15.405 0 15  G46 B C6    1 ? 
HETATM 639 O O6    . G46 B 1 15 ? 0.085   -11.346 14.394  1.000 15.958 0 15  G46 B O6    1 ? 
HETATM 640 N N1    . G46 B 1 15 ? 1.034   -12.954 13.240  1.000 13.893 0 15  G46 B N1    1 ? 
HETATM 641 C C2    . G46 B 1 15 ? 0.987   -14.087 12.485  1.000 15.075 0 15  G46 B C2    1 ? 
HETATM 642 N N2    . G46 B 1 15 ? 2.141   -14.547 12.028  1.000 16.950 0 15  G46 B N2    1 ? 
HETATM 643 N N3    . G46 B 1 15 ? -0.187  -14.676 12.213  1.000 14.412 0 15  G46 B N3    1 ? 
HETATM 644 C C4    . G46 B 1 15 ? -1.301  -14.071 12.709  1.000 16.781 0 15  G46 B C4    1 ? 
HETATM 645 C C10   . LXR C 2 .  ? 0.004   7.073   -19.611 1.000 45.755 0 101 LXR A C10   1 ? 
HETATM 646 C C13   . LXR C 2 .  ? 2.280   7.361   -22.145 1.000 88.831 0 101 LXR A C13   1 ? 
HETATM 647 C C11   . LXR C 2 .  ? 3.678   6.224   -21.020 1.000 89.217 0 101 LXR A C11   1 ? 
HETATM 648 C C12   . LXR C 2 .  ? 3.407   7.331   -20.329 1.000 87.069 0 101 LXR A C12   1 ? 
HETATM 649 N N8    . LXR C 2 .  ? 1.436   7.789   -23.078 1.000 80.309 0 101 LXR A N8    1 ? 
HETATM 650 N N9    . LXR C 2 .  ? 2.535   8.048   -21.031 1.000 88.345 0 101 LXR A N9    1 ? 
HETATM 651 N N6    . LXR C 2 .  ? 2.977   6.213   -22.163 1.000 92.442 0 101 LXR A N6    1 ? 
HETATM 652 P P1    . LXR C 2 .  ? 3.121   4.828   -23.371 1.000 92.264 0 101 LXR A P1    1 ? 
HETATM 653 O O2    . LXR C 2 .  ? 3.137   5.363   -24.888 1.000 97.304 0 101 LXR A O2    1 ? 
HETATM 654 O O1    . LXR C 2 .  ? 4.208   3.849   -23.234 1.000 93.407 0 101 LXR A O1    1 ? 
HETATM 655 O O3    . LXR C 2 .  ? 1.785   3.906   -23.399 1.000 84.084 0 101 LXR A O3    1 ? 
HETATM 656 C C1    . LXR C 2 .  ? 0.558   4.428   -23.887 1.000 80.081 0 101 LXR A C1    1 ? 
HETATM 657 C C2    . LXR C 2 .  ? -0.522  4.343   -22.796 1.000 75.077 0 101 LXR A C2    1 ? 
HETATM 658 O O4    . LXR C 2 .  ? -0.120  4.900   -21.505 1.000 69.621 0 101 LXR A O4    1 ? 
HETATM 659 C C3    . LXR C 2 .  ? -1.693  5.219   -23.241 1.000 74.409 0 101 LXR A C3    1 ? 
HETATM 660 O O5    . LXR C 2 .  ? -2.580  4.465   -24.112 1.000 74.790 0 101 LXR A O5    1 ? 
HETATM 661 C C4    . LXR C 2 .  ? -2.354  5.685   -21.916 1.000 69.076 0 101 LXR A C4    1 ? 
HETATM 662 O O6    . LXR C 2 .  ? -3.565  5.013   -21.580 1.000 69.177 0 101 LXR A O6    1 ? 
HETATM 663 C C5    . LXR C 2 .  ? -1.351  5.341   -20.823 1.000 60.920 0 101 LXR A C5    1 ? 
HETATM 664 N N5    . LXR C 2 .  ? -1.185  6.532   -19.925 1.000 49.479 0 101 LXR A N5    1 ? 
HETATM 665 N N4    . LXR C 2 .  ? -0.189  8.111   -18.792 1.000 43.915 0 101 LXR A N4    1 ? 
HETATM 666 C C8    . LXR C 2 .  ? -1.518  8.228   -18.596 1.000 40.482 0 101 LXR A C8    1 ? 
HETATM 667 C C7    . LXR C 2 .  ? -2.139  7.249   -19.294 1.000 43.194 0 101 LXR A C7    1 ? 
HETATM 668 N N3    . LXR C 2 .  ? -3.493  7.153   -19.267 1.000 39.300 0 101 LXR A N3    1 ? 
HETATM 669 C C6    . LXR C 2 .  ? -4.272  8.066   -18.502 1.000 36.864 0 101 LXR A C6    1 ? 
HETATM 670 N N1    . LXR C 2 .  ? -3.585  9.065   -17.772 1.000 36.380 0 101 LXR A N1    1 ? 
HETATM 671 C C9    . LXR C 2 .  ? -2.237  9.102   -17.851 1.000 41.380 0 101 LXR A C9    1 ? 
HETATM 672 N N7    . LXR C 2 .  ? -1.551  10.036  -17.185 1.000 40.795 0 101 LXR A N7    1 ? 
HETATM 673 S S     . SO4 D 3 .  ? 1.381   -3.017  4.157   1.000 48.874 0 102 SO4 A S     1 ? 
HETATM 674 O O1    . SO4 D 3 .  ? 0.278   -3.906  3.916   1.000 40.294 0 102 SO4 A O1    1 ? 
HETATM 675 O O2    . SO4 D 3 .  ? 2.106   -3.438  5.321   1.000 52.354 0 102 SO4 A O2    1 ? 
HETATM 676 O O3    . SO4 D 3 .  ? 0.902   -1.669  4.367   1.000 50.953 0 102 SO4 A O3    1 ? 
HETATM 677 O O4    . SO4 D 3 .  ? 2.244   -3.047  3.009   1.000 50.278 0 102 SO4 A O4    1 ? 
HETATM 678 S S     . SO4 E 3 .  ? -1.077  2.181   -3.753  1.000 61.054 0 103 SO4 A S     1 ? 
HETATM 679 O O1    . SO4 E 3 .  ? -2.198  1.378   -3.363  1.000 61.612 0 103 SO4 A O1    1 ? 
HETATM 680 O O2    . SO4 E 3 .  ? -0.584  2.910   -2.610  1.000 60.585 0 103 SO4 A O2    1 ? 
HETATM 681 O O3    . SO4 E 3 .  ? -1.490  3.132   -4.756  1.000 66.959 0 103 SO4 A O3    1 ? 
HETATM 682 O O4    . SO4 E 3 .  ? -0.056  1.312   -4.287  1.000 49.330 0 103 SO4 A O4    1 ? 
HETATM 683 O O     . HOH F 4 .  ? 0.917   5.903   -5.037  1.000 37.191 0 201 HOH A O     1 ? 
HETATM 684 O O     . HOH F 4 .  ? 0.397   -5.888  5.760   1.000 32.256 0 202 HOH A O     1 ? 
HETATM 685 O O     . HOH F 4 .  ? -5.350  10.030  5.392   1.000 30.734 0 203 HOH A O     1 ? 
HETATM 686 O O     . HOH F 4 .  ? 0.458   -11.031 -1.631  1.000 26.094 0 204 HOH A O     1 ? 
HETATM 687 O O     . HOH F 4 .  ? 4.831   7.528   -13.456 1.000 30.850 0 205 HOH A O     1 ? 
HETATM 688 O O     . HOH F 4 .  ? -6.213  -6.749  -3.800  1.000 35.983 0 206 HOH A O     1 ? 
HETATM 689 O O     . HOH F 4 .  ? -12.298 2.710   3.402   1.000 28.363 0 207 HOH A O     1 ? 
HETATM 690 O O     . HOH F 4 .  ? 0.119   -6.098  10.279  1.000 28.867 0 208 HOH A O     1 ? 
HETATM 691 O O     . HOH F 4 .  ? -8.947  1.327   -2.510  1.000 36.146 0 209 HOH A O     1 ? 
HETATM 692 O O     . HOH F 4 .  ? -1.868  8.547   -2.001  1.000 36.929 0 210 HOH A O     1 ? 
HETATM 693 O O     . HOH F 4 .  ? 0.841   10.265  4.063   1.000 27.507 0 211 HOH A O     1 ? 
HETATM 694 O O     . HOH F 4 .  ? -6.974  3.681   7.879   1.000 24.838 0 212 HOH A O     1 ? 
HETATM 695 O O     . HOH F 4 .  ? 2.449   -8.061  4.874   1.000 33.086 0 213 HOH A O     1 ? 
HETATM 696 O O     . HOH F 4 .  ? 3.820   -9.337  0.282   1.000 21.085 0 214 HOH A O     1 ? 
HETATM 697 O O     . HOH F 4 .  ? -3.071  4.212   -0.823  1.000 36.139 0 215 HOH A O     1 ? 
HETATM 698 O O     . HOH F 4 .  ? -4.426  -12.717 5.807   1.000 31.955 0 216 HOH A O     1 ? 
HETATM 699 O O     . HOH F 4 .  ? -1.076  -1.357  2.277   1.000 31.850 0 217 HOH A O     1 ? 
HETATM 700 O O     . HOH F 4 .  ? 4.893   -8.562  8.012   1.000 24.293 0 218 HOH A O     1 ? 
HETATM 701 O O     . HOH F 4 .  ? 7.158   9.856   -9.408  1.000 36.889 0 219 HOH A O     1 ? 
HETATM 702 O O     . HOH F 4 .  ? 5.195   15.002  0.292   1.000 24.032 0 220 HOH A O     1 ? 
HETATM 703 O O     . HOH F 4 .  ? 11.781  1.566   -9.764  1.000 27.396 0 221 HOH A O     1 ? 
HETATM 704 O O     . HOH F 4 .  ? 2.098   -7.341  15.731  1.000 29.836 0 222 HOH A O     1 ? 
HETATM 705 O O     . HOH F 4 .  ? -0.332  -5.936  1.890   1.000 26.343 0 223 HOH A O     1 ? 
HETATM 706 O O     . HOH F 4 .  ? -10.389 6.643   -1.898  1.000 40.830 0 224 HOH A O     1 ? 
HETATM 707 O O     . HOH F 4 .  ? -1.667  14.434  2.528   0.330 21.658 0 225 HOH A O     1 ? 
HETATM 708 O O     . HOH F 4 .  ? -8.677  10.681  2.467   1.000 27.066 0 226 HOH A O     1 ? 
HETATM 709 O O     . HOH F 4 .  ? 7.567   -13.148 3.737   1.000 20.897 0 227 HOH A O     1 ? 
HETATM 710 O O     . HOH F 4 .  ? 2.131   -7.204  8.214   1.000 21.004 0 228 HOH A O     1 ? 
HETATM 711 O O     . HOH F 4 .  ? -5.633  1.642   -0.368  1.000 26.233 0 229 HOH A O     1 ? 
HETATM 712 O O     . HOH F 4 .  ? 0.881   8.431   -4.295  1.000 35.849 0 230 HOH A O     1 ? 
HETATM 713 O O     . HOH F 4 .  ? -0.732  6.044   -2.533  1.000 43.022 0 231 HOH A O     1 ? 
HETATM 714 O O     . HOH F 4 .  ? 7.073   -7.676  12.332  1.000 29.766 0 232 HOH A O     1 ? 
HETATM 715 O O     . HOH F 4 .  ? -0.097  10.844  -3.868  1.000 40.615 0 233 HOH A O     1 ? 
HETATM 716 O O     . HOH F 4 .  ? -1.198  16.283  -0.601  0.330 24.547 0 234 HOH A O     1 ? 
HETATM 717 O O     . HOH F 4 .  ? 6.691   -8.985  2.048   1.000 32.818 0 235 HOH A O     1 ? 
HETATM 718 O O     . HOH F 4 .  ? -1.600  -13.364 0.364   0.330 24.897 0 236 HOH A O     1 ? 
HETATM 719 O O     . HOH F 4 .  ? 4.105   8.877   -9.838  1.000 35.694 0 237 HOH A O     1 ? 
HETATM 720 O O     . HOH F 4 .  ? 1.652   -6.642  13.036  1.000 29.380 0 238 HOH A O     1 ? 
HETATM 721 O O     . HOH F 4 .  ? 10.718  4.591   -3.157  1.000 28.047 0 239 HOH A O     1 ? 
HETATM 722 O O     . HOH F 4 .  ? -6.418  -3.784  -4.474  1.000 38.335 0 240 HOH A O     1 ? 
HETATM 723 O O     . HOH G 4 .  ? 0.252   -1.945  7.840   1.000 34.664 0 101 HOH B O     1 ? 
HETATM 724 O O     . HOH G 4 .  ? -3.692  6.450   16.043  0.330 28.403 0 102 HOH B O     1 ? 
HETATM 725 O O     . HOH G 4 .  ? -1.084  -3.224  11.214  1.000 29.684 0 103 HOH B O     1 ? 
HETATM 726 O O     . HOH G 4 .  ? -4.133  6.011   9.648   1.000 33.463 0 104 HOH B O     1 ? 
HETATM 727 O O     . HOH G 4 .  ? 1.741   -7.800  -4.948  1.000 38.021 0 105 HOH B O     1 ? 
HETATM 728 O O     . HOH G 4 .  ? 10.913  5.097   1.298   1.000 37.212 0 106 HOH B O     1 ? 
HETATM 729 O O     . HOH G 4 .  ? -11.160 -8.866  16.721  0.500 32.164 0 107 HOH B O     1 ? 
HETATM 730 O O     . HOH G 4 .  ? -0.292  8.580   7.717   1.000 33.703 0 108 HOH B O     1 ? 
HETATM 731 O O     . HOH G 4 .  ? 1.383   0.277   -1.346  1.000 35.734 0 109 HOH B O     1 ? 
HETATM 732 O O     . HOH G 4 .  ? -1.624  -7.092  -7.911  1.000 30.657 0 110 HOH B O     1 ? 
HETATM 733 O O     . HOH G 4 .  ? 5.637   3.466   15.057  1.000 34.166 0 111 HOH B O     1 ? 
HETATM 734 O O     . HOH G 4 .  ? 0.464   5.873   -9.232  1.000 31.692 0 112 HOH B O     1 ? 
HETATM 735 O O     . HOH G 4 .  ? -3.825  -10.879 15.431  1.000 29.648 0 113 HOH B O     1 ? 
HETATM 736 O O     . HOH G 4 .  ? 7.752   -1.156  -8.291  1.000 25.955 0 114 HOH B O     1 ? 
HETATM 737 O O     . HOH G 4 .  ? 3.457   1.117   5.623   1.000 32.314 0 115 HOH B O     1 ? 
HETATM 738 O O     . HOH G 4 .  ? -4.618  -8.175  14.180  1.000 30.305 0 116 HOH B O     1 ? 
HETATM 739 O O     . HOH G 4 .  ? -6.507  7.454   -10.728 1.000 35.203 0 117 HOH B O     1 ? 
HETATM 740 O O     . HOH G 4 .  ? -14.145 -9.256  14.229  1.000 34.232 0 118 HOH B O     1 ? 
HETATM 741 O O     . HOH G 4 .  ? 0.479   -0.295  10.289  1.000 26.103 0 119 HOH B O     1 ? 
HETATM 742 O O     . HOH G 4 .  ? -3.429  7.486   14.289  0.330 14.845 0 120 HOH B O     1 ? 
HETATM 743 O O     . HOH G 4 .  ? -8.911  3.435   14.024  1.000 24.211 0 121 HOH B O     1 ? 
HETATM 744 O O     . HOH G 4 .  ? -1.570  10.090  -12.551 1.000 35.949 0 122 HOH B O     1 ? 
HETATM 745 O O     . HOH G 4 .  ? 10.414  6.864   6.581   1.000 33.706 0 123 HOH B O     1 ? 
HETATM 746 O O     . HOH G 4 .  ? 5.501   -6.953  -7.038  1.000 25.458 0 124 HOH B O     1 ? 
HETATM 747 O O     . HOH G 4 .  ? -1.904  3.822   -9.043  1.000 28.965 0 125 HOH B O     1 ? 
HETATM 748 O O     . HOH G 4 .  ? -12.086 -7.053  8.007   1.000 27.811 0 126 HOH B O     1 ? 
HETATM 749 O O     . HOH G 4 .  ? -5.088  3.355   -9.741  1.000 31.226 0 127 HOH B O     1 ? 
HETATM 750 O O     . HOH G 4 .  ? -12.989 -2.221  12.135  1.000 28.020 0 128 HOH B O     1 ? 
HETATM 751 O O     . HOH G 4 .  ? -7.636  -7.347  15.189  1.000 32.708 0 129 HOH B O     1 ? 
HETATM 752 O O     . HOH G 4 .  ? 5.628   -1.153  2.106   1.000 33.755 0 130 HOH B O     1 ? 
HETATM 753 O O     . HOH G 4 .  ? -3.490  -4.839  13.732  1.000 30.166 0 131 HOH B O     1 ? 
HETATM 754 O O     . HOH G 4 .  ? 10.707  -4.123  -3.311  1.000 36.175 0 132 HOH B O     1 ? 
HETATM 755 O O     . HOH G 4 .  ? -2.488  -0.871  13.565  1.000 33.086 0 133 HOH B O     1 ? 
HETATM 756 O O     . HOH G 4 .  ? -5.703  -3.647  14.555  1.000 25.901 0 134 HOH B O     1 ? 
HETATM 757 O O     . HOH G 4 .  ? 3.331   -2.321  -1.511  1.000 33.928 0 135 HOH B O     1 ? 
HETATM 758 O O     . HOH G 4 .  ? -9.112  -1.907  17.380  1.000 37.917 0 136 HOH B O     1 ? 
HETATM 759 O O     . HOH G 4 .  ? -9.706  -0.678  7.248   1.000 17.587 0 137 HOH B O     1 ? 
HETATM 760 O O     . HOH G 4 .  ? -1.041  8.180   -10.873 1.000 32.639 0 138 HOH B O     1 ? 
HETATM 761 O O     . HOH G 4 .  ? -15.339 -11.149 13.421  1.000 33.080 0 139 HOH B O     1 ? 
HETATM 762 O O     . HOH G 4 .  ? 5.775   -7.433  -0.592  1.000 31.354 0 140 HOH B O     1 ? 
HETATM 763 O O     . HOH G 4 .  ? 12.078  5.016   4.630   1.000 47.074 0 141 HOH B O     1 ? 
HETATM 764 O O     . HOH G 4 .  ? -14.110 -6.511  9.744   1.000 38.711 0 142 HOH B O     1 ? 
# 
loop_
_pdbx_poly_seq_scheme.asym_id 
_pdbx_poly_seq_scheme.entity_id 
_pdbx_poly_seq_scheme.seq_id 
_pdbx_poly_seq_scheme.mon_id 
_pdbx_poly_seq_scheme.ndb_seq_num 
_pdbx_poly_seq_scheme.pdb_seq_num 
_pdbx_poly_seq_scheme.auth_seq_num 
_pdbx_poly_seq_scheme.pdb_mon_id 
_pdbx_poly_seq_scheme.auth_mon_id 
_pdbx_poly_seq_scheme.pdb_strand_id 
_pdbx_poly_seq_scheme.pdb_ins_code 
_pdbx_poly_seq_scheme.hetero 
A 1 1  TLN 1  1  1  TLN TLN A . n 
A 1 2  LCC 2  2  2  LCC LCC A . n 
A 1 3  LCC 3  3  3  LCC LCC A . n 
A 1 4  LCG 4  4  4  LCG LCG A . n 
A 1 5  A   5  5  5  A   A   A . n 
A 1 6  C   6  6  6  C   C   A . n 
A 1 7  U   7  7  7  U   U   A . n 
A 1 8  U   8  8  8  U   U   A . n 
A 1 9  A   9  9  9  A   A   A . n 
A 1 10 A   10 10 10 A   A   A . n 
A 1 11 G   11 11 11 G   G   A . n 
A 1 12 U   12 12 12 U   U   A . n 
A 1 13 C   13 13 13 C   C   A . n 
A 1 14 G   14 14 14 G   G   A . n 
A 1 15 G46 15 15 15 G46 1SG A . n 
B 1 1  TLN 1  1  1  TLN TLN B . n 
B 1 2  LCC 2  2  2  LCC LCC B . n 
B 1 3  LCC 3  3  3  LCC LCC B . n 
B 1 4  LCG 4  4  4  LCG LCG B . n 
B 1 5  A   5  5  5  A   A   B . n 
B 1 6  C   6  6  6  C   C   B . n 
B 1 7  U   7  7  7  U   U   B . n 
B 1 8  U   8  8  8  U   U   B . n 
B 1 9  A   9  9  9  A   A   B . n 
B 1 10 A   10 10 10 A   A   B . n 
B 1 11 G   11 11 11 G   G   B . n 
B 1 12 U   12 12 12 U   U   B . n 
B 1 13 C   13 13 13 C   C   B . n 
B 1 14 G   14 14 14 G   G   B . n 
B 1 15 G46 15 15 15 G46 1SG B . n 
# 
_pdbx_contact_author.id                 2 
_pdbx_contact_author.email              szostak@molbio.mgh.harvard.edu 
_pdbx_contact_author.name_first         Jack 
_pdbx_contact_author.name_last          Szostak 
_pdbx_contact_author.name_mi            W 
_pdbx_contact_author.role               'principal investigator/group leader' 
_pdbx_contact_author.identifier_ORCID   0000-0003-4131-1203 
# 
loop_
_pdbx_nonpoly_scheme.asym_id 
_pdbx_nonpoly_scheme.entity_id 
_pdbx_nonpoly_scheme.mon_id 
_pdbx_nonpoly_scheme.ndb_seq_num 
_pdbx_nonpoly_scheme.pdb_seq_num 
_pdbx_nonpoly_scheme.auth_seq_num 
_pdbx_nonpoly_scheme.pdb_mon_id 
_pdbx_nonpoly_scheme.auth_mon_id 
_pdbx_nonpoly_scheme.pdb_strand_id 
_pdbx_nonpoly_scheme.pdb_ins_code 
C 2 LXR 1  101 16 LXR EQA A . 
D 3 SO4 1  102 1  SO4 SO4 A . 
E 3 SO4 1  103 2  SO4 SO4 A . 
F 4 HOH 1  201 61 HOH HOH A . 
F 4 HOH 2  202 23 HOH HOH A . 
F 4 HOH 3  203 76 HOH HOH A . 
F 4 HOH 4  204 35 HOH HOH A . 
F 4 HOH 5  205 5  HOH HOH A . 
F 4 HOH 6  206 36 HOH HOH A . 
F 4 HOH 7  207 13 HOH HOH A . 
F 4 HOH 8  208 52 HOH HOH A . 
F 4 HOH 9  209 81 HOH HOH A . 
F 4 HOH 10 210 56 HOH HOH A . 
F 4 HOH 11 211 27 HOH HOH A . 
F 4 HOH 12 212 82 HOH HOH A . 
F 4 HOH 13 213 53 HOH HOH A . 
F 4 HOH 14 214 22 HOH HOH A . 
F 4 HOH 15 215 10 HOH HOH A . 
F 4 HOH 16 216 41 HOH HOH A . 
F 4 HOH 17 217 33 HOH HOH A . 
F 4 HOH 18 218 21 HOH HOH A . 
F 4 HOH 19 219 59 HOH HOH A . 
F 4 HOH 20 220 32 HOH HOH A . 
F 4 HOH 21 221 6  HOH HOH A . 
F 4 HOH 22 222 50 HOH HOH A . 
F 4 HOH 23 223 28 HOH HOH A . 
F 4 HOH 24 224 80 HOH HOH A . 
F 4 HOH 25 225 46 HOH HOH A . 
F 4 HOH 26 226 55 HOH HOH A . 
F 4 HOH 27 227 15 HOH HOH A . 
F 4 HOH 28 228 20 HOH HOH A . 
F 4 HOH 29 229 11 HOH HOH A . 
F 4 HOH 30 230 60 HOH HOH A . 
F 4 HOH 31 231 57 HOH HOH A . 
F 4 HOH 32 232 38 HOH HOH A . 
F 4 HOH 33 233 62 HOH HOH A . 
F 4 HOH 34 234 47 HOH HOH A . 
F 4 HOH 35 235 54 HOH HOH A . 
F 4 HOH 36 236 48 HOH HOH A . 
F 4 HOH 37 237 58 HOH HOH A . 
F 4 HOH 38 238 37 HOH HOH A . 
F 4 HOH 39 239 31 HOH HOH A . 
F 4 HOH 40 240 69 HOH HOH A . 
G 4 HOH 1  101 34 HOH HOH B . 
G 4 HOH 2  102 44 HOH HOH B . 
G 4 HOH 3  103 51 HOH HOH B . 
G 4 HOH 4  104 42 HOH HOH B . 
G 4 HOH 5  105 65 HOH HOH B . 
G 4 HOH 6  106 70 HOH HOH B . 
G 4 HOH 7  107 68 HOH HOH B . 
G 4 HOH 8  108 43 HOH HOH B . 
G 4 HOH 9  109 63 HOH HOH B . 
G 4 HOH 10 110 73 HOH HOH B . 
G 4 HOH 11 111 26 HOH HOH B . 
G 4 HOH 12 112 3  HOH HOH B . 
G 4 HOH 13 113 40 HOH HOH B . 
G 4 HOH 14 114 7  HOH HOH B . 
G 4 HOH 15 115 29 HOH HOH B . 
G 4 HOH 16 116 39 HOH HOH B . 
G 4 HOH 17 117 75 HOH HOH B . 
G 4 HOH 18 118 67 HOH HOH B . 
G 4 HOH 19 119 24 HOH HOH B . 
G 4 HOH 20 120 45 HOH HOH B . 
G 4 HOH 21 121 25 HOH HOH B . 
G 4 HOH 22 122 74 HOH HOH B . 
G 4 HOH 23 123 12 HOH HOH B . 
G 4 HOH 24 124 8  HOH HOH B . 
G 4 HOH 25 125 1  HOH HOH B . 
G 4 HOH 26 126 16 HOH HOH B . 
G 4 HOH 27 127 2  HOH HOH B . 
G 4 HOH 28 128 17 HOH HOH B . 
G 4 HOH 29 129 30 HOH HOH B . 
G 4 HOH 30 130 49 HOH HOH B . 
G 4 HOH 31 131 18 HOH HOH B . 
G 4 HOH 32 132 72 HOH HOH B . 
G 4 HOH 33 133 77 HOH HOH B . 
G 4 HOH 34 134 19 HOH HOH B . 
G 4 HOH 35 135 9  HOH HOH B . 
G 4 HOH 36 136 66 HOH HOH B . 
G 4 HOH 37 137 14 HOH HOH B . 
G 4 HOH 38 138 4  HOH HOH B . 
G 4 HOH 39 139 79 HOH HOH B . 
G 4 HOH 40 140 64 HOH HOH B . 
G 4 HOH 41 141 71 HOH HOH B . 
G 4 HOH 42 142 78 HOH HOH B . 
# 
_pdbx_struct_assembly.id                   1 
_pdbx_struct_assembly.details              author_and_software_defined_assembly 
_pdbx_struct_assembly.method_details       PISA 
_pdbx_struct_assembly.oligomeric_details   dimeric 
_pdbx_struct_assembly.oligomeric_count     2 
# 
_pdbx_struct_assembly_gen.assembly_id       1 
_pdbx_struct_assembly_gen.oper_expression   1 
_pdbx_struct_assembly_gen.asym_id_list      A,B,C,D,E,F,G 
# 
loop_
_pdbx_struct_assembly_prop.biol_id 
_pdbx_struct_assembly_prop.type 
_pdbx_struct_assembly_prop.value 
_pdbx_struct_assembly_prop.details 
1 'ABSA (A^2)' 4320 ? 
1 MORE         -5   ? 
1 'SSA (A^2)'  5570 ? 
# 
_pdbx_struct_oper_list.id                   1 
_pdbx_struct_oper_list.type                 'identity operation' 
_pdbx_struct_oper_list.name                 1_555 
_pdbx_struct_oper_list.symmetry_operation   x,y,z 
_pdbx_struct_oper_list.matrix[1][1]         1.0000000000 
_pdbx_struct_oper_list.matrix[1][2]         0.0000000000 
_pdbx_struct_oper_list.matrix[1][3]         0.0000000000 
_pdbx_struct_oper_list.vector[1]            0.0000000000 
_pdbx_struct_oper_list.matrix[2][1]         0.0000000000 
_pdbx_struct_oper_list.matrix[2][2]         1.0000000000 
_pdbx_struct_oper_list.matrix[2][3]         0.0000000000 
_pdbx_struct_oper_list.vector[2]            0.0000000000 
_pdbx_struct_oper_list.matrix[3][1]         0.0000000000 
_pdbx_struct_oper_list.matrix[3][2]         0.0000000000 
_pdbx_struct_oper_list.matrix[3][3]         1.0000000000 
_pdbx_struct_oper_list.vector[3]            0.0000000000 
# 
loop_
_pdbx_struct_special_symmetry.id 
_pdbx_struct_special_symmetry.PDB_model_num 
_pdbx_struct_special_symmetry.auth_asym_id 
_pdbx_struct_special_symmetry.auth_comp_id 
_pdbx_struct_special_symmetry.auth_seq_id 
_pdbx_struct_special_symmetry.PDB_ins_code 
_pdbx_struct_special_symmetry.label_asym_id 
_pdbx_struct_special_symmetry.label_comp_id 
_pdbx_struct_special_symmetry.label_seq_id 
1 1 A HOH 225 ? F HOH . 
2 1 A HOH 234 ? F HOH . 
3 1 A HOH 236 ? F HOH . 
4 1 B HOH 102 ? G HOH . 
5 1 B HOH 107 ? G HOH . 
6 1 B HOH 120 ? G HOH . 
# 
loop_
_pdbx_audit_revision_history.ordinal 
_pdbx_audit_revision_history.data_content_type 
_pdbx_audit_revision_history.major_revision 
_pdbx_audit_revision_history.minor_revision 
_pdbx_audit_revision_history.revision_date 
1 'Structure model' 1 0 2023-03-15 
2 'Structure model' 1 1 2023-10-25 
# 
_pdbx_audit_revision_details.ordinal             1 
_pdbx_audit_revision_details.revision_ordinal    1 
_pdbx_audit_revision_details.data_content_type   'Structure model' 
_pdbx_audit_revision_details.provider            repository 
_pdbx_audit_revision_details.type                'Initial release' 
_pdbx_audit_revision_details.description         ? 
_pdbx_audit_revision_details.details             ? 
# 
loop_
_pdbx_audit_revision_group.ordinal 
_pdbx_audit_revision_group.revision_ordinal 
_pdbx_audit_revision_group.data_content_type 
_pdbx_audit_revision_group.group 
1 2 'Structure model' 'Data collection'        
2 2 'Structure model' 'Refinement description' 
# 
loop_
_pdbx_audit_revision_category.ordinal 
_pdbx_audit_revision_category.revision_ordinal 
_pdbx_audit_revision_category.data_content_type 
_pdbx_audit_revision_category.category 
1 2 'Structure model' chem_comp_atom                
2 2 'Structure model' chem_comp_bond                
3 2 'Structure model' pdbx_initial_refinement_model 
# 
loop_
_software.citation_id 
_software.classification 
_software.compiler_name 
_software.compiler_version 
_software.contact_author 
_software.contact_author_email 
_software.date 
_software.description 
_software.dependencies 
_software.hardware 
_software.language 
_software.location 
_software.mods 
_software.name 
_software.os 
_software.os_version 
_software.type 
_software.version 
_software.pdbx_ordinal 
? refinement       ? ? ? ? ? ? ? ? ? ? ? REFMAC   ? ? ? 5.8.0267 1 
? 'data reduction' ? ? ? ? ? ? ? ? ? ? ? HKL-2000 ? ? ? .        2 
? 'data scaling'   ? ? ? ? ? ? ? ? ? ? ? HKL-2000 ? ? ? .        3 
? phasing          ? ? ? ? ? ? ? ? ? ? ? PHASER   ? ? ? .        4 
# 
_pdbx_entry_details.entry_id                 7U8B 
_pdbx_entry_details.has_ligand_of_interest   Y 
_pdbx_entry_details.compound_details         ? 
_pdbx_entry_details.source_details           ? 
_pdbx_entry_details.nonpolymer_details       ? 
_pdbx_entry_details.sequence_details         ? 
# 
loop_
_pdbx_validate_symm_contact.id 
_pdbx_validate_symm_contact.PDB_model_num 
_pdbx_validate_symm_contact.auth_atom_id_1 
_pdbx_validate_symm_contact.auth_asym_id_1 
_pdbx_validate_symm_contact.auth_comp_id_1 
_pdbx_validate_symm_contact.auth_seq_id_1 
_pdbx_validate_symm_contact.PDB_ins_code_1 
_pdbx_validate_symm_contact.label_alt_id_1 
_pdbx_validate_symm_contact.site_symmetry_1 
_pdbx_validate_symm_contact.auth_atom_id_2 
_pdbx_validate_symm_contact.auth_asym_id_2 
_pdbx_validate_symm_contact.auth_comp_id_2 
_pdbx_validate_symm_contact.auth_seq_id_2 
_pdbx_validate_symm_contact.PDB_ins_code_2 
_pdbx_validate_symm_contact.label_alt_id_2 
_pdbx_validate_symm_contact.site_symmetry_2 
_pdbx_validate_symm_contact.dist 
1 1 O4  A TLN 1  ? ? 1_555 O4 A TLN 1   ? ? 5_555 1.21 
2 1 O1P A G46 15 ? ? 1_555 O6 A LXR 101 ? ? 2_655 2.07 
3 1 O2  A TLN 1  ? ? 1_555 O2 A TLN 1   ? ? 5_555 2.15 
4 1 C4  A TLN 1  ? ? 1_555 O4 A TLN 1   ? ? 5_555 2.19 
# 
loop_
_pdbx_validate_rmsd_angle.id 
_pdbx_validate_rmsd_angle.PDB_model_num 
_pdbx_validate_rmsd_angle.auth_atom_id_1 
_pdbx_validate_rmsd_angle.auth_asym_id_1 
_pdbx_validate_rmsd_angle.auth_comp_id_1 
_pdbx_validate_rmsd_angle.auth_seq_id_1 
_pdbx_validate_rmsd_angle.PDB_ins_code_1 
_pdbx_validate_rmsd_angle.label_alt_id_1 
_pdbx_validate_rmsd_angle.auth_atom_id_2 
_pdbx_validate_rmsd_angle.auth_asym_id_2 
_pdbx_validate_rmsd_angle.auth_comp_id_2 
_pdbx_validate_rmsd_angle.auth_seq_id_2 
_pdbx_validate_rmsd_angle.PDB_ins_code_2 
_pdbx_validate_rmsd_angle.label_alt_id_2 
_pdbx_validate_rmsd_angle.auth_atom_id_3 
_pdbx_validate_rmsd_angle.auth_asym_id_3 
_pdbx_validate_rmsd_angle.auth_comp_id_3 
_pdbx_validate_rmsd_angle.auth_seq_id_3 
_pdbx_validate_rmsd_angle.PDB_ins_code_3 
_pdbx_validate_rmsd_angle.label_alt_id_3 
_pdbx_validate_rmsd_angle.angle_value 
_pdbx_validate_rmsd_angle.angle_target_value 
_pdbx_validate_rmsd_angle.angle_deviation 
_pdbx_validate_rmsd_angle.angle_standard_deviation 
_pdbx_validate_rmsd_angle.linker_flag 
1 1 "O3'" A LCG 4  ? ? P     A A   5  ? ? OP2   A A   5  ? ? 117.83 110.50 7.33   1.10 Y 
2 1 "O3'" A U   7  ? ? P     A U   8  ? ? OP2   A U   8  ? ? 117.37 110.50 6.87   1.10 Y 
3 1 "C3'" A G   14 ? ? "O3'" A G   14 ? ? P     A G46 15 ? ? 112.14 119.70 -7.56  1.20 Y 
4 1 "O3'" A G   14 ? ? P     A G46 15 ? ? "O5'" A G46 15 ? ? 75.19  104.00 -28.81 1.90 Y 
5 1 "O3'" B LCG 4  ? ? P     B A   5  ? ? OP2   B A   5  ? ? 117.41 110.50 6.91   1.10 Y 
6 1 "O3'" B A   10 ? ? P     B G   11 ? ? OP2   B G   11 ? ? 118.08 110.50 7.58   1.10 Y 
7 1 "O3'" B G   14 ? ? P     B G46 15 ? ? "O5'" B G46 15 ? ? 78.13  104.00 -25.87 1.90 Y 
# 
loop_
_chem_comp_atom.comp_id 
_chem_comp_atom.atom_id 
_chem_comp_atom.type_symbol 
_chem_comp_atom.pdbx_aromatic_flag 
_chem_comp_atom.pdbx_stereo_config 
_chem_comp_atom.pdbx_ordinal 
A   OP3    O N N 1   
A   P      P N N 2   
A   OP1    O N N 3   
A   OP2    O N N 4   
A   "O5'"  O N N 5   
A   "C5'"  C N N 6   
A   "C4'"  C N R 7   
A   "O4'"  O N N 8   
A   "C3'"  C N S 9   
A   "O3'"  O N N 10  
A   "C2'"  C N R 11  
A   "O2'"  O N N 12  
A   "C1'"  C N R 13  
A   N9     N Y N 14  
A   C8     C Y N 15  
A   N7     N Y N 16  
A   C5     C Y N 17  
A   C6     C Y N 18  
A   N6     N N N 19  
A   N1     N Y N 20  
A   C2     C Y N 21  
A   N3     N Y N 22  
A   C4     C Y N 23  
A   HOP3   H N N 24  
A   HOP2   H N N 25  
A   "H5'"  H N N 26  
A   "H5''" H N N 27  
A   "H4'"  H N N 28  
A   "H3'"  H N N 29  
A   "HO3'" H N N 30  
A   "H2'"  H N N 31  
A   "HO2'" H N N 32  
A   "H1'"  H N N 33  
A   H8     H N N 34  
A   H61    H N N 35  
A   H62    H N N 36  
A   H2     H N N 37  
C   OP3    O N N 38  
C   P      P N N 39  
C   OP1    O N N 40  
C   OP2    O N N 41  
C   "O5'"  O N N 42  
C   "C5'"  C N N 43  
C   "C4'"  C N R 44  
C   "O4'"  O N N 45  
C   "C3'"  C N S 46  
C   "O3'"  O N N 47  
C   "C2'"  C N R 48  
C   "O2'"  O N N 49  
C   "C1'"  C N R 50  
C   N1     N N N 51  
C   C2     C N N 52  
C   O2     O N N 53  
C   N3     N N N 54  
C   C4     C N N 55  
C   N4     N N N 56  
C   C5     C N N 57  
C   C6     C N N 58  
C   HOP3   H N N 59  
C   HOP2   H N N 60  
C   "H5'"  H N N 61  
C   "H5''" H N N 62  
C   "H4'"  H N N 63  
C   "H3'"  H N N 64  
C   "HO3'" H N N 65  
C   "H2'"  H N N 66  
C   "HO2'" H N N 67  
C   "H1'"  H N N 68  
C   H41    H N N 69  
C   H42    H N N 70  
C   H5     H N N 71  
C   H6     H N N 72  
G   OP3    O N N 73  
G   P      P N N 74  
G   OP1    O N N 75  
G   OP2    O N N 76  
G   "O5'"  O N N 77  
G   "C5'"  C N N 78  
G   "C4'"  C N R 79  
G   "O4'"  O N N 80  
G   "C3'"  C N S 81  
G   "O3'"  O N N 82  
G   "C2'"  C N R 83  
G   "O2'"  O N N 84  
G   "C1'"  C N R 85  
G   N9     N Y N 86  
G   C8     C Y N 87  
G   N7     N Y N 88  
G   C5     C Y N 89  
G   C6     C N N 90  
G   O6     O N N 91  
G   N1     N N N 92  
G   C2     C N N 93  
G   N2     N N N 94  
G   N3     N N N 95  
G   C4     C Y N 96  
G   HOP3   H N N 97  
G   HOP2   H N N 98  
G   "H5'"  H N N 99  
G   "H5''" H N N 100 
G   "H4'"  H N N 101 
G   "H3'"  H N N 102 
G   "HO3'" H N N 103 
G   "H2'"  H N N 104 
G   "HO2'" H N N 105 
G   "H1'"  H N N 106 
G   H8     H N N 107 
G   H1     H N N 108 
G   H21    H N N 109 
G   H22    H N N 110 
G46 P      P N N 111 
G46 O1P    O N N 112 
G46 S2P    S N N 113 
G46 O3P    O N N 114 
G46 "O5'"  O N N 115 
G46 "C5'"  C N N 116 
G46 "C4'"  C N R 117 
G46 "O4'"  O N N 118 
G46 "C3'"  C N S 119 
G46 "O3'"  O N N 120 
G46 "C2'"  C N R 121 
G46 "C1'"  C N R 122 
G46 "O2'"  O N N 123 
G46 N9     N Y N 124 
G46 C8     C Y N 125 
G46 N7     N Y N 126 
G46 C5     C Y N 127 
G46 C6     C N N 128 
G46 O6     O N N 129 
G46 N1     N N N 130 
G46 C2     C N N 131 
G46 N2     N N N 132 
G46 N3     N N N 133 
G46 C4     C Y N 134 
G46 H1P    H N N 135 
G46 HS     H N N 136 
G46 "H5'1" H N N 137 
G46 "H5'2" H N N 138 
G46 "H4'"  H N N 139 
G46 "H3'"  H N N 140 
G46 HA     H N N 141 
G46 "H2'"  H N N 142 
G46 "H1'"  H N N 143 
G46 HB     H N N 144 
G46 H8     H N N 145 
G46 H1     H N N 146 
G46 H2N1   H N N 147 
G46 H2N2   H N N 148 
HOH O      O N N 149 
HOH H1     H N N 150 
HOH H2     H N N 151 
LCC "O5'"  O N N 152 
LCC "C5'"  C N N 153 
LCC "C4'"  C N R 154 
LCC "O4'"  O N N 155 
LCC "C1'"  C N R 156 
LCC N1     N N N 157 
LCC C6     C N N 158 
LCC C5     C N N 159 
LCC C5M    C N N 160 
LCC C4     C N N 161 
LCC N4     N N N 162 
LCC N3     N N N 163 
LCC C2     C N N 164 
LCC O2     O N N 165 
LCC "C3'"  C N S 166 
LCC "C2'"  C N R 167 
LCC "O2'"  O N N 168 
LCC "O3'"  O N N 169 
LCC "C6'"  C N N 170 
LCC P      P N N 171 
LCC O1P    O N N 172 
LCC O2P    O N N 173 
LCC OXT    O N N 174 
LCC "H5'1" H N N 175 
LCC "H5'2" H N N 176 
LCC "H1'"  H N N 177 
LCC H6     H N N 178 
LCC H5M1   H N N 179 
LCC H5M2   H N N 180 
LCC H5M3   H N N 181 
LCC H41    H N N 182 
LCC H42    H N N 183 
LCC "H3'"  H N N 184 
LCC "H2'1" H N N 185 
LCC H3T    H N N 186 
LCC "H6'1" H N N 187 
LCC "H6'2" H N N 188 
LCC H1P    H N N 189 
LCC HXT    H N N 190 
LCG P      P N N 191 
LCG OP1    O N N 192 
LCG "O5'"  O N N 193 
LCG "C5'"  C N N 194 
LCG "C3'"  C N S 195 
LCG "C6'"  C N N 196 
LCG N9     N Y N 197 
LCG C8     C Y N 198 
LCG C4     C Y N 199 
LCG N7     N Y N 200 
LCG C5     C Y N 201 
LCG C6     C N N 202 
LCG "C2'"  C N R 203 
LCG O6     O N N 204 
LCG "C4'"  C N R 205 
LCG "C1'"  C N R 206 
LCG C2     C N N 207 
LCG N1     N N N 208 
LCG "O4'"  O N N 209 
LCG OP2    O N N 210 
LCG N2     N N N 211 
LCG N3     N N N 212 
LCG "O2'"  O N N 213 
LCG "O3'"  O N N 214 
LCG OP3    O N N 215 
LCG "H5'"  H N N 216 
LCG "H5''" H N N 217 
LCG "H3'"  H N N 218 
LCG "H6'1" H N N 219 
LCG "H6'2" H N N 220 
LCG H8     H N N 221 
LCG "H2'"  H N N 222 
LCG "H1'"  H N N 223 
LCG H1     H N N 224 
LCG HOP2   H N N 225 
LCG H21    H N N 226 
LCG H22    H N N 227 
LCG "HO3'" H N N 228 
LCG HOP3   H N N 229 
LXR C10    C Y N 230 
LXR C13    C Y N 231 
LXR C11    C Y N 232 
LXR C12    C Y N 233 
LXR N8     N N N 234 
LXR N9     N Y N 235 
LXR N6     N Y N 236 
LXR P1     P N N 237 
LXR O2     O N N 238 
LXR O1     O N N 239 
LXR O3     O N N 240 
LXR C1     C N N 241 
LXR C2     C N R 242 
LXR O4     O N N 243 
LXR C3     C N S 244 
LXR O5     O N N 245 
LXR C4     C N R 246 
LXR O6     O N N 247 
LXR C5     C N R 248 
LXR N5     N Y N 249 
LXR N4     N Y N 250 
LXR C8     C Y N 251 
LXR C7     C Y N 252 
LXR N3     N Y N 253 
LXR C6     C Y N 254 
LXR N1     N Y N 255 
LXR C9     C Y N 256 
LXR N7     N N N 257 
LXR H1     H N N 258 
LXR H2     H N N 259 
LXR H3     H N N 260 
LXR H4     H N N 261 
LXR H5     H N N 262 
LXR H6     H N N 263 
LXR H7     H N N 264 
LXR H8     H N N 265 
LXR H9     H N N 266 
LXR H10    H N N 267 
LXR H11    H N N 268 
LXR H12    H N N 269 
LXR H13    H N N 270 
LXR H14    H N N 271 
LXR H15    H N N 272 
LXR H16    H N N 273 
LXR H17    H N N 274 
SO4 S      S N N 275 
SO4 O1     O N N 276 
SO4 O2     O N N 277 
SO4 O3     O N N 278 
SO4 O4     O N N 279 
TLN P      P N N 280 
TLN OP1    O N N 281 
TLN OP2    O N N 282 
TLN OP3    O N N 283 
TLN "O5'"  O N N 284 
TLN "C5'"  C N N 285 
TLN "C4'"  C N R 286 
TLN "O4'"  O N N 287 
TLN "C1'"  C N R 288 
TLN N1     N N N 289 
TLN C6     C N N 290 
TLN C5     C N N 291 
TLN C5M    C N N 292 
TLN C4     C N N 293 
TLN O4     O N N 294 
TLN N3     N N N 295 
TLN C2     C N N 296 
TLN O2     O N N 297 
TLN "C3'"  C N S 298 
TLN "C2'"  C N R 299 
TLN "O2'"  O N N 300 
TLN "O3'"  O N N 301 
TLN "C6'"  C N N 302 
TLN HOP2   H N N 303 
TLN HOP3   H N N 304 
TLN "H5'"  H N N 305 
TLN "H5''" H N N 306 
TLN "H1'"  H N N 307 
TLN H6     H N N 308 
TLN H71    H N N 309 
TLN H72    H N N 310 
TLN H73    H N N 311 
TLN H3     H N N 312 
TLN "H3'"  H N N 313 
TLN "H2'"  H N N 314 
TLN "HO3'" H N N 315 
TLN "H6'1" H N N 316 
TLN "H6'2" H N N 317 
U   OP3    O N N 318 
U   P      P N N 319 
U   OP1    O N N 320 
U   OP2    O N N 321 
U   "O5'"  O N N 322 
U   "C5'"  C N N 323 
U   "C4'"  C N R 324 
U   "O4'"  O N N 325 
U   "C3'"  C N S 326 
U   "O3'"  O N N 327 
U   "C2'"  C N R 328 
U   "O2'"  O N N 329 
U   "C1'"  C N R 330 
U   N1     N N N 331 
U   C2     C N N 332 
U   O2     O N N 333 
U   N3     N N N 334 
U   C4     C N N 335 
U   O4     O N N 336 
U   C5     C N N 337 
U   C6     C N N 338 
U   HOP3   H N N 339 
U   HOP2   H N N 340 
U   "H5'"  H N N 341 
U   "H5''" H N N 342 
U   "H4'"  H N N 343 
U   "H3'"  H N N 344 
U   "HO3'" H N N 345 
U   "H2'"  H N N 346 
U   "HO2'" H N N 347 
U   "H1'"  H N N 348 
U   H3     H N N 349 
U   H5     H N N 350 
U   H6     H N N 351 
# 
loop_
_chem_comp_bond.comp_id 
_chem_comp_bond.atom_id_1 
_chem_comp_bond.atom_id_2 
_chem_comp_bond.value_order 
_chem_comp_bond.pdbx_aromatic_flag 
_chem_comp_bond.pdbx_stereo_config 
_chem_comp_bond.pdbx_ordinal 
A   OP3   P      sing N N 1   
A   OP3   HOP3   sing N N 2   
A   P     OP1    doub N N 3   
A   P     OP2    sing N N 4   
A   P     "O5'"  sing N N 5   
A   OP2   HOP2   sing N N 6   
A   "O5'" "C5'"  sing N N 7   
A   "C5'" "C4'"  sing N N 8   
A   "C5'" "H5'"  sing N N 9   
A   "C5'" "H5''" sing N N 10  
A   "C4'" "O4'"  sing N N 11  
A   "C4'" "C3'"  sing N N 12  
A   "C4'" "H4'"  sing N N 13  
A   "O4'" "C1'"  sing N N 14  
A   "C3'" "O3'"  sing N N 15  
A   "C3'" "C2'"  sing N N 16  
A   "C3'" "H3'"  sing N N 17  
A   "O3'" "HO3'" sing N N 18  
A   "C2'" "O2'"  sing N N 19  
A   "C2'" "C1'"  sing N N 20  
A   "C2'" "H2'"  sing N N 21  
A   "O2'" "HO2'" sing N N 22  
A   "C1'" N9     sing N N 23  
A   "C1'" "H1'"  sing N N 24  
A   N9    C8     sing Y N 25  
A   N9    C4     sing Y N 26  
A   C8    N7     doub Y N 27  
A   C8    H8     sing N N 28  
A   N7    C5     sing Y N 29  
A   C5    C6     sing Y N 30  
A   C5    C4     doub Y N 31  
A   C6    N6     sing N N 32  
A   C6    N1     doub Y N 33  
A   N6    H61    sing N N 34  
A   N6    H62    sing N N 35  
A   N1    C2     sing Y N 36  
A   C2    N3     doub Y N 37  
A   C2    H2     sing N N 38  
A   N3    C4     sing Y N 39  
C   OP3   P      sing N N 40  
C   OP3   HOP3   sing N N 41  
C   P     OP1    doub N N 42  
C   P     OP2    sing N N 43  
C   P     "O5'"  sing N N 44  
C   OP2   HOP2   sing N N 45  
C   "O5'" "C5'"  sing N N 46  
C   "C5'" "C4'"  sing N N 47  
C   "C5'" "H5'"  sing N N 48  
C   "C5'" "H5''" sing N N 49  
C   "C4'" "O4'"  sing N N 50  
C   "C4'" "C3'"  sing N N 51  
C   "C4'" "H4'"  sing N N 52  
C   "O4'" "C1'"  sing N N 53  
C   "C3'" "O3'"  sing N N 54  
C   "C3'" "C2'"  sing N N 55  
C   "C3'" "H3'"  sing N N 56  
C   "O3'" "HO3'" sing N N 57  
C   "C2'" "O2'"  sing N N 58  
C   "C2'" "C1'"  sing N N 59  
C   "C2'" "H2'"  sing N N 60  
C   "O2'" "HO2'" sing N N 61  
C   "C1'" N1     sing N N 62  
C   "C1'" "H1'"  sing N N 63  
C   N1    C2     sing N N 64  
C   N1    C6     sing N N 65  
C   C2    O2     doub N N 66  
C   C2    N3     sing N N 67  
C   N3    C4     doub N N 68  
C   C4    N4     sing N N 69  
C   C4    C5     sing N N 70  
C   N4    H41    sing N N 71  
C   N4    H42    sing N N 72  
C   C5    C6     doub N N 73  
C   C5    H5     sing N N 74  
C   C6    H6     sing N N 75  
G   OP3   P      sing N N 76  
G   OP3   HOP3   sing N N 77  
G   P     OP1    doub N N 78  
G   P     OP2    sing N N 79  
G   P     "O5'"  sing N N 80  
G   OP2   HOP2   sing N N 81  
G   "O5'" "C5'"  sing N N 82  
G   "C5'" "C4'"  sing N N 83  
G   "C5'" "H5'"  sing N N 84  
G   "C5'" "H5''" sing N N 85  
G   "C4'" "O4'"  sing N N 86  
G   "C4'" "C3'"  sing N N 87  
G   "C4'" "H4'"  sing N N 88  
G   "O4'" "C1'"  sing N N 89  
G   "C3'" "O3'"  sing N N 90  
G   "C3'" "C2'"  sing N N 91  
G   "C3'" "H3'"  sing N N 92  
G   "O3'" "HO3'" sing N N 93  
G   "C2'" "O2'"  sing N N 94  
G   "C2'" "C1'"  sing N N 95  
G   "C2'" "H2'"  sing N N 96  
G   "O2'" "HO2'" sing N N 97  
G   "C1'" N9     sing N N 98  
G   "C1'" "H1'"  sing N N 99  
G   N9    C8     sing Y N 100 
G   N9    C4     sing Y N 101 
G   C8    N7     doub Y N 102 
G   C8    H8     sing N N 103 
G   N7    C5     sing Y N 104 
G   C5    C6     sing N N 105 
G   C5    C4     doub Y N 106 
G   C6    O6     doub N N 107 
G   C6    N1     sing N N 108 
G   N1    C2     sing N N 109 
G   N1    H1     sing N N 110 
G   C2    N2     sing N N 111 
G   C2    N3     doub N N 112 
G   N2    H21    sing N N 113 
G   N2    H22    sing N N 114 
G   N3    C4     sing N N 115 
G46 P     O1P    sing N N 116 
G46 P     S2P    sing N N 117 
G46 P     O3P    doub N N 118 
G46 P     "O5'"  sing N N 119 
G46 O1P   H1P    sing N N 120 
G46 S2P   HS     sing N N 121 
G46 "O5'" "C5'"  sing N N 122 
G46 "C5'" "C4'"  sing N N 123 
G46 "C5'" "H5'1" sing N N 124 
G46 "C5'" "H5'2" sing N N 125 
G46 "C4'" "O4'"  sing N N 126 
G46 "C4'" "C3'"  sing N N 127 
G46 "C4'" "H4'"  sing N N 128 
G46 "O4'" "C1'"  sing N N 129 
G46 "C3'" "O3'"  sing N N 130 
G46 "C3'" "C2'"  sing N N 131 
G46 "C3'" "H3'"  sing N N 132 
G46 "O3'" HA     sing N N 133 
G46 "C2'" "C1'"  sing N N 134 
G46 "C2'" "O2'"  sing N N 135 
G46 "C2'" "H2'"  sing N N 136 
G46 "C1'" N9     sing N N 137 
G46 "C1'" "H1'"  sing N N 138 
G46 "O2'" HB     sing N N 139 
G46 N9    C8     sing Y N 140 
G46 N9    C4     sing Y N 141 
G46 C8    N7     doub Y N 142 
G46 C8    H8     sing N N 143 
G46 N7    C5     sing Y N 144 
G46 C5    C6     sing N N 145 
G46 C5    C4     doub Y N 146 
G46 C6    O6     doub N N 147 
G46 C6    N1     sing N N 148 
G46 N1    C2     sing N N 149 
G46 N1    H1     sing N N 150 
G46 C2    N2     sing N N 151 
G46 C2    N3     doub N N 152 
G46 N2    H2N1   sing N N 153 
G46 N2    H2N2   sing N N 154 
G46 N3    C4     sing N N 155 
HOH O     H1     sing N N 156 
HOH O     H2     sing N N 157 
LCC "O5'" "C5'"  sing N N 158 
LCC "O5'" P      sing N N 159 
LCC "C5'" "C4'"  sing N N 160 
LCC "C5'" "H5'1" sing N N 161 
LCC "C5'" "H5'2" sing N N 162 
LCC "C4'" "O4'"  sing N N 163 
LCC "C4'" "C3'"  sing N N 164 
LCC "C4'" "C6'"  sing N N 165 
LCC "O4'" "C1'"  sing N N 166 
LCC "C1'" N1     sing N N 167 
LCC "C1'" "C2'"  sing N N 168 
LCC "C1'" "H1'"  sing N N 169 
LCC N1    C6     sing N N 170 
LCC N1    C2     sing N N 171 
LCC C6    C5     doub N N 172 
LCC C6    H6     sing N N 173 
LCC C5    C5M    sing N N 174 
LCC C5    C4     sing N N 175 
LCC C5M   H5M1   sing N N 176 
LCC C5M   H5M2   sing N N 177 
LCC C5M   H5M3   sing N N 178 
LCC C4    N4     sing N N 179 
LCC C4    N3     doub N N 180 
LCC N4    H41    sing N N 181 
LCC N4    H42    sing N N 182 
LCC N3    C2     sing N N 183 
LCC C2    O2     doub N N 184 
LCC "C3'" "C2'"  sing N N 185 
LCC "C3'" "O3'"  sing N N 186 
LCC "C3'" "H3'"  sing N N 187 
LCC "C2'" "O2'"  sing N N 188 
LCC "C2'" "H2'1" sing N N 189 
LCC "O2'" "C6'"  sing N N 190 
LCC "O3'" H3T    sing N N 191 
LCC "C6'" "H6'1" sing N N 192 
LCC "C6'" "H6'2" sing N N 193 
LCC P     O1P    sing N N 194 
LCC P     O2P    doub N N 195 
LCC P     OXT    sing N N 196 
LCC O1P   H1P    sing N N 197 
LCC OXT   HXT    sing N N 198 
LCG P     OP1    doub N N 199 
LCG P     "O5'"  sing N N 200 
LCG P     OP2    sing N N 201 
LCG P     OP3    sing N N 202 
LCG "O5'" "C5'"  sing N N 203 
LCG "C5'" "C4'"  sing N N 204 
LCG "C5'" "H5'"  sing N N 205 
LCG "C5'" "H5''" sing N N 206 
LCG "C3'" "C2'"  sing N N 207 
LCG "C3'" "C4'"  sing N N 208 
LCG "C3'" "O3'"  sing N N 209 
LCG "C3'" "H3'"  sing N N 210 
LCG "C6'" "C4'"  sing N N 211 
LCG "C6'" "O2'"  sing N N 212 
LCG "C6'" "H6'1" sing N N 213 
LCG "C6'" "H6'2" sing N N 214 
LCG N9    C8     sing Y N 215 
LCG N9    C4     sing Y N 216 
LCG N9    "C1'"  sing N N 217 
LCG C8    N7     doub Y N 218 
LCG C8    H8     sing N N 219 
LCG C4    C5     doub Y N 220 
LCG C4    N3     sing N N 221 
LCG N7    C5     sing Y N 222 
LCG C5    C6     sing N N 223 
LCG C6    O6     doub N N 224 
LCG C6    N1     sing N N 225 
LCG "C2'" "C1'"  sing N N 226 
LCG "C2'" "O2'"  sing N N 227 
LCG "C2'" "H2'"  sing N N 228 
LCG "C4'" "O4'"  sing N N 229 
LCG "C1'" "O4'"  sing N N 230 
LCG "C1'" "H1'"  sing N N 231 
LCG C2    N1     sing N N 232 
LCG C2    N2     sing N N 233 
LCG C2    N3     doub N N 234 
LCG N1    H1     sing N N 235 
LCG OP2   HOP2   sing N N 236 
LCG N2    H21    sing N N 237 
LCG N2    H22    sing N N 238 
LCG "O3'" "HO3'" sing N N 239 
LCG OP3   HOP3   sing N N 240 
LXR N1    C6     doub Y N 241 
LXR N1    C9     sing Y N 242 
LXR C6    N3     sing Y N 243 
LXR N7    C9     sing N N 244 
LXR C9    C8     doub Y N 245 
LXR N3    C7     doub Y N 246 
LXR C8    C7     sing Y N 247 
LXR C8    N4     sing Y N 248 
LXR C7    N5     sing Y N 249 
LXR N4    C10    doub Y N 250 
LXR N5    C5     sing N N 251 
LXR N5    C10    sing Y N 252 
LXR C5    O4     sing N N 253 
LXR C5    C4     sing N N 254 
LXR O6    C4     sing N N 255 
LXR O4    C2     sing N N 256 
LXR C4    C3     sing N N 257 
LXR C12   C11    doub Y N 258 
LXR C12   N9     sing Y N 259 
LXR C11   N6     sing Y N 260 
LXR C2    C3     sing N N 261 
LXR C2    C1     sing N N 262 
LXR O3    C1     sing N N 263 
LXR O3    P1     sing N N 264 
LXR C3    O5     sing N N 265 
LXR O1    P1     doub N N 266 
LXR N9    C13    doub Y N 267 
LXR N6    P1     sing N N 268 
LXR N6    C13    sing Y N 269 
LXR P1    O2     sing N N 270 
LXR C13   N8     sing N N 271 
LXR C10   H1     sing N N 272 
LXR C11   H2     sing N N 273 
LXR C12   H3     sing N N 274 
LXR N8    H4     sing N N 275 
LXR N8    H5     sing N N 276 
LXR O2    H6     sing N N 277 
LXR C1    H7     sing N N 278 
LXR C1    H8     sing N N 279 
LXR C2    H9     sing N N 280 
LXR C3    H10    sing N N 281 
LXR O5    H11    sing N N 282 
LXR C4    H12    sing N N 283 
LXR O6    H13    sing N N 284 
LXR C5    H14    sing N N 285 
LXR C6    H15    sing N N 286 
LXR N7    H16    sing N N 287 
LXR N7    H17    sing N N 288 
SO4 S     O1     doub N N 289 
SO4 S     O2     doub N N 290 
SO4 S     O3     sing N N 291 
SO4 S     O4     sing N N 292 
TLN P     OP1    doub N N 293 
TLN P     OP2    sing N N 294 
TLN P     OP3    sing N N 295 
TLN P     "O5'"  sing N N 296 
TLN OP2   HOP2   sing N N 297 
TLN OP3   HOP3   sing N N 298 
TLN "O5'" "C5'"  sing N N 299 
TLN "C5'" "C4'"  sing N N 300 
TLN "C5'" "H5'"  sing N N 301 
TLN "C5'" "H5''" sing N N 302 
TLN "C4'" "O4'"  sing N N 303 
TLN "C4'" "C3'"  sing N N 304 
TLN "C4'" "C6'"  sing N N 305 
TLN "O4'" "C1'"  sing N N 306 
TLN "C1'" N1     sing N N 307 
TLN "C1'" "C2'"  sing N N 308 
TLN "C1'" "H1'"  sing N N 309 
TLN N1    C6     sing N N 310 
TLN N1    C2     sing N N 311 
TLN C6    C5     doub N N 312 
TLN C6    H6     sing N N 313 
TLN C5    C5M    sing N N 314 
TLN C5    C4     sing N N 315 
TLN C5M   H71    sing N N 316 
TLN C5M   H72    sing N N 317 
TLN C5M   H73    sing N N 318 
TLN C4    O4     doub N N 319 
TLN C4    N3     sing N N 320 
TLN N3    C2     sing N N 321 
TLN N3    H3     sing N N 322 
TLN C2    O2     doub N N 323 
TLN "C3'" "C2'"  sing N N 324 
TLN "C3'" "O3'"  sing N N 325 
TLN "C3'" "H3'"  sing N N 326 
TLN "C2'" "O2'"  sing N N 327 
TLN "C2'" "H2'"  sing N N 328 
TLN "O2'" "C6'"  sing N N 329 
TLN "O3'" "HO3'" sing N N 330 
TLN "C6'" "H6'1" sing N N 331 
TLN "C6'" "H6'2" sing N N 332 
U   OP3   P      sing N N 333 
U   OP3   HOP3   sing N N 334 
U   P     OP1    doub N N 335 
U   P     OP2    sing N N 336 
U   P     "O5'"  sing N N 337 
U   OP2   HOP2   sing N N 338 
U   "O5'" "C5'"  sing N N 339 
U   "C5'" "C4'"  sing N N 340 
U   "C5'" "H5'"  sing N N 341 
U   "C5'" "H5''" sing N N 342 
U   "C4'" "O4'"  sing N N 343 
U   "C4'" "C3'"  sing N N 344 
U   "C4'" "H4'"  sing N N 345 
U   "O4'" "C1'"  sing N N 346 
U   "C3'" "O3'"  sing N N 347 
U   "C3'" "C2'"  sing N N 348 
U   "C3'" "H3'"  sing N N 349 
U   "O3'" "HO3'" sing N N 350 
U   "C2'" "O2'"  sing N N 351 
U   "C2'" "C1'"  sing N N 352 
U   "C2'" "H2'"  sing N N 353 
U   "O2'" "HO2'" sing N N 354 
U   "C1'" N1     sing N N 355 
U   "C1'" "H1'"  sing N N 356 
U   N1    C2     sing N N 357 
U   N1    C6     sing N N 358 
U   C2    O2     doub N N 359 
U   C2    N3     sing N N 360 
U   N3    C4     sing N N 361 
U   N3    H3     sing N N 362 
U   C4    O4     doub N N 363 
U   C4    C5     sing N N 364 
U   C5    C6     doub N N 365 
U   C5    H5     sing N N 366 
U   C6    H6     sing N N 367 
# 
_ndb_struct_conf_na.entry_id   7U8B 
_ndb_struct_conf_na.feature    'a-form double helix' 
# 
loop_
_ndb_struct_na_base_pair.model_number 
_ndb_struct_na_base_pair.i_label_asym_id 
_ndb_struct_na_base_pair.i_label_comp_id 
_ndb_struct_na_base_pair.i_label_seq_id 
_ndb_struct_na_base_pair.i_symmetry 
_ndb_struct_na_base_pair.j_label_asym_id 
_ndb_struct_na_base_pair.j_label_comp_id 
_ndb_struct_na_base_pair.j_label_seq_id 
_ndb_struct_na_base_pair.j_symmetry 
_ndb_struct_na_base_pair.shear 
_ndb_struct_na_base_pair.stretch 
_ndb_struct_na_base_pair.stagger 
_ndb_struct_na_base_pair.buckle 
_ndb_struct_na_base_pair.propeller 
_ndb_struct_na_base_pair.opening 
_ndb_struct_na_base_pair.pair_number 
_ndb_struct_na_base_pair.pair_name 
_ndb_struct_na_base_pair.i_auth_asym_id 
_ndb_struct_na_base_pair.i_auth_seq_id 
_ndb_struct_na_base_pair.i_PDB_ins_code 
_ndb_struct_na_base_pair.j_auth_asym_id 
_ndb_struct_na_base_pair.j_auth_seq_id 
_ndb_struct_na_base_pair.j_PDB_ins_code 
_ndb_struct_na_base_pair.hbond_type_28 
_ndb_struct_na_base_pair.hbond_type_12 
1 A LCG 4  1_555 B C   13 1_555 -0.308 -0.114 0.005  -4.561 -15.734 -0.088 1  A_LCG4:C13_B A 4  ? B 13 ? 19 1 
1 A A   5  1_555 B U   12 1_555 0.067  -0.143 0.282  6.189  -8.584  -3.185 2  A_A5:U12_B   A 5  ? B 12 ? 20 1 
1 A C   6  1_555 B G   11 1_555 0.206  -0.124 0.027  9.240  -15.309 1.020  3  A_C6:G11_B   A 6  ? B 11 ? 19 1 
1 A U   7  1_555 B A   10 1_555 -0.011 -0.085 0.055  3.115  -16.707 0.832  4  A_U7:A10_B   A 7  ? B 10 ? 20 1 
1 A U   8  1_555 B A   9  1_555 -0.058 -0.099 -0.049 3.561  -10.938 1.153  5  A_U8:A9_B    A 8  ? B 9  ? 20 1 
1 A A   9  1_555 B U   8  1_555 0.044  -0.121 0.062  -2.246 -18.200 2.819  6  A_A9:U8_B    A 9  ? B 8  ? 20 1 
1 A A   10 1_555 B U   7  1_555 0.111  -0.099 0.036  -2.507 -13.246 2.636  7  A_A10:U7_B   A 10 ? B 7  ? 20 1 
1 A G   11 1_555 B C   6  1_555 -0.294 -0.166 -0.091 -7.634 -17.196 -0.945 8  A_G11:C6_B   A 11 ? B 6  ? 19 1 
1 A U   12 1_555 B A   5  1_555 0.073  -0.110 0.056  -3.060 -10.095 -2.864 9  A_U12:A5_B   A 12 ? B 5  ? 20 1 
1 A C   13 1_555 B LCG 4  1_555 0.346  -0.198 0.107  2.385  -12.846 -0.450 10 A_C13:LCG4_B A 13 ? B 4  ? 19 1 
# 
loop_
_ndb_struct_na_base_pair_step.model_number 
_ndb_struct_na_base_pair_step.i_label_asym_id_1 
_ndb_struct_na_base_pair_step.i_label_comp_id_1 
_ndb_struct_na_base_pair_step.i_label_seq_id_1 
_ndb_struct_na_base_pair_step.i_symmetry_1 
_ndb_struct_na_base_pair_step.j_label_asym_id_1 
_ndb_struct_na_base_pair_step.j_label_comp_id_1 
_ndb_struct_na_base_pair_step.j_label_seq_id_1 
_ndb_struct_na_base_pair_step.j_symmetry_1 
_ndb_struct_na_base_pair_step.i_label_asym_id_2 
_ndb_struct_na_base_pair_step.i_label_comp_id_2 
_ndb_struct_na_base_pair_step.i_label_seq_id_2 
_ndb_struct_na_base_pair_step.i_symmetry_2 
_ndb_struct_na_base_pair_step.j_label_asym_id_2 
_ndb_struct_na_base_pair_step.j_label_comp_id_2 
_ndb_struct_na_base_pair_step.j_label_seq_id_2 
_ndb_struct_na_base_pair_step.j_symmetry_2 
_ndb_struct_na_base_pair_step.shift 
_ndb_struct_na_base_pair_step.slide 
_ndb_struct_na_base_pair_step.rise 
_ndb_struct_na_base_pair_step.tilt 
_ndb_struct_na_base_pair_step.roll 
_ndb_struct_na_base_pair_step.twist 
_ndb_struct_na_base_pair_step.x_displacement 
_ndb_struct_na_base_pair_step.y_displacement 
_ndb_struct_na_base_pair_step.helical_rise 
_ndb_struct_na_base_pair_step.inclination 
_ndb_struct_na_base_pair_step.tip 
_ndb_struct_na_base_pair_step.helical_twist 
_ndb_struct_na_base_pair_step.step_number 
_ndb_struct_na_base_pair_step.step_name 
_ndb_struct_na_base_pair_step.i_auth_asym_id_1 
_ndb_struct_na_base_pair_step.i_auth_seq_id_1 
_ndb_struct_na_base_pair_step.i_PDB_ins_code_1 
_ndb_struct_na_base_pair_step.j_auth_asym_id_1 
_ndb_struct_na_base_pair_step.j_auth_seq_id_1 
_ndb_struct_na_base_pair_step.j_PDB_ins_code_1 
_ndb_struct_na_base_pair_step.i_auth_asym_id_2 
_ndb_struct_na_base_pair_step.i_auth_seq_id_2 
_ndb_struct_na_base_pair_step.i_PDB_ins_code_2 
_ndb_struct_na_base_pair_step.j_auth_asym_id_2 
_ndb_struct_na_base_pair_step.j_auth_seq_id_2 
_ndb_struct_na_base_pair_step.j_PDB_ins_code_2 
1 A LCG 4  1_555 B C 13 1_555 A A 5  1_555 B U   12 1_555 -0.017 -1.279 3.012 -1.922 2.500  31.547 -2.758 -0.289 2.901 4.584  
3.525  31.701 1 AA_LCG4A5:U12C13_BB A 4  ? B 13 ? A 5  ? B 12 ? 
1 A A   5  1_555 B U 12 1_555 A C 6  1_555 B G   11 1_555 0.509  -1.428 3.182 1.931  4.568  33.572 -3.143 -0.579 2.992 7.855  
-3.320 33.926 2 AA_A5C6:G11U12_BB   A 5  ? B 12 ? A 6  ? B 11 ? 
1 A C   6  1_555 B G 11 1_555 A U 7  1_555 B A   10 1_555 -0.525 -1.845 3.354 -2.984 10.858 29.863 -5.217 0.445  2.582 20.190 
5.549  31.870 3 AA_C6U7:A10G11_BB   A 6  ? B 11 ? A 7  ? B 10 ? 
1 A U   7  1_555 B A 10 1_555 A U 8  1_555 B A   9  1_555 -0.312 -1.244 3.253 -1.906 10.590 30.780 -3.951 0.245  2.702 19.229 
3.460  32.563 4 AA_U7U8:A9A10_BB    A 7  ? B 10 ? A 8  ? B 9  ? 
1 A U   8  1_555 B A 9  1_555 A A 9  1_555 B U   8  1_555 0.424  -1.412 3.290 1.280  17.270 31.559 -4.533 -0.522 2.256 29.169 
-2.162 35.892 5 AA_U8A9:U8A9_BB     A 8  ? B 9  ? A 9  ? B 8  ? 
1 A A   9  1_555 B U 8  1_555 A A 10 1_555 B U   7  1_555 -0.300 -1.353 3.245 -0.390 6.503  32.881 -3.368 0.459  2.934 11.350 
0.681  33.503 6 AA_A9A10:U7U8_BB    A 9  ? B 8  ? A 10 ? B 7  ? 
1 A A   10 1_555 B U 7  1_555 A G 11 1_555 B C   6  1_555 -0.019 -1.460 3.371 2.027  8.950  30.315 -4.281 0.398  2.828 16.641 
-3.769 31.643 7 AA_A10G11:C6U7_BB   A 10 ? B 7  ? A 11 ? B 6  ? 
1 A G   11 1_555 B C 6  1_555 A U 12 1_555 B A   5  1_555 -0.271 -1.257 3.139 -1.791 4.739  34.142 -2.807 0.197  2.954 8.017  
3.030  34.504 8 AA_G11U12:A5C6_BB   A 11 ? B 6  ? A 12 ? B 5  ? 
1 A U   12 1_555 B A 5  1_555 A C 13 1_555 B LCG 4  1_555 0.367  -1.426 3.148 0.748  5.375  31.615 -3.480 -0.540 2.880 9.775  
-1.360 32.065 9 AA_U12C13:LCG4A5_BB A 12 ? B 5  ? A 13 ? B 4  ? 
# 
loop_
_pdbx_audit_support.funding_organization 
_pdbx_audit_support.country 
_pdbx_audit_support.grant_number 
_pdbx_audit_support.ordinal 
'National Science Foundation (NSF, United States)' 'United States' 'CHE 1607034' 1 
'National Science Foundation (NSF, United States)' 'United States' 'CHE 2104708' 2 
# 
_pdbx_entity_instance_feature.ordinal        1 
_pdbx_entity_instance_feature.comp_id        G46 
_pdbx_entity_instance_feature.asym_id        ? 
_pdbx_entity_instance_feature.seq_num        ? 
_pdbx_entity_instance_feature.auth_comp_id   G46 
_pdbx_entity_instance_feature.auth_asym_id   ? 
_pdbx_entity_instance_feature.auth_seq_num   ? 
_pdbx_entity_instance_feature.feature_type   'SUBJECT OF INVESTIGATION' 
_pdbx_entity_instance_feature.details        ? 
# 
loop_
_pdbx_entity_nonpoly.entity_id 
_pdbx_entity_nonpoly.name 
_pdbx_entity_nonpoly.comp_id 
2 "5'-O-[(S)-(2-amino-1H-imidazol-1-yl)(hydroxy)phosphoryl]adenosine" LXR 
3 'SULFATE ION'                                                       SO4 
4 water                                                               HOH 
# 
_pdbx_initial_refinement_model.id               1 
_pdbx_initial_refinement_model.entity_id_list   ? 
_pdbx_initial_refinement_model.type             'experimental model' 
_pdbx_initial_refinement_model.source_name      PDB 
_pdbx_initial_refinement_model.accession_code   6C8O 
_pdbx_initial_refinement_model.details          ? 
# 
_pdbx_struct_assembly_auth_evidence.id                     1 
_pdbx_struct_assembly_auth_evidence.assembly_id            1 
_pdbx_struct_assembly_auth_evidence.experimental_support   none 
_pdbx_struct_assembly_auth_evidence.details                ? 
# 
